data_6CV6
#
_entry.id   6CV6
#
_cell.length_a   152.390
_cell.length_b   152.390
_cell.length_c   177.950
_cell.angle_alpha   90.000
_cell.angle_beta   90.000
_cell.angle_gamma   90.000
#
_symmetry.space_group_name_H-M   'P 41 21 2'
#
loop_
_entity.id
_entity.type
_entity.pdbx_description
1 polymer '3-dehydroquinate dehydratase'
2 non-polymer 'L(+)-TARTARIC ACID'
3 non-polymer 'D(-)-TARTARIC ACID'
4 non-polymer 'CHLORIDE ION'
5 water water
#
_entity_poly.entity_id   1
_entity_poly.type   'polypeptide(L)'
_entity_poly.pdbx_seq_one_letter_code
;HHHHHHMGTLEAQTQGPGSMKKVLMLHGINHNMFGKRDPVQYGTITLSEIDNRLQALAAELGVQVESFQTNSEGAMCERI
HQAFEERCDAVLINAGAWTHYSYGIRDALAILTCPVVELHMSNVHAREPFRHHSVFSEVVVGQICGFGMESYLLALRAAV
AQSGCS
;
_entity_poly.pdbx_strand_id   A,B,C,D,E,F,G,H,I,J,K,L
#
# COMPACT_ATOMS: atom_id res chain seq x y z
N MET A 20 -0.59 -32.08 -45.36
CA MET A 20 -0.65 -33.32 -44.58
C MET A 20 -1.47 -33.11 -43.32
N LYS A 21 -2.23 -34.12 -42.91
CA LYS A 21 -3.04 -34.00 -41.72
C LYS A 21 -2.17 -34.09 -40.47
N LYS A 22 -2.48 -33.24 -39.49
CA LYS A 22 -1.74 -33.18 -38.24
C LYS A 22 -2.61 -33.63 -37.07
N VAL A 23 -2.12 -34.58 -36.30
CA VAL A 23 -2.80 -35.05 -35.10
C VAL A 23 -1.94 -34.70 -33.89
N LEU A 24 -2.57 -34.20 -32.84
CA LEU A 24 -1.88 -33.79 -31.61
C LEU A 24 -2.15 -34.78 -30.50
N MET A 25 -1.09 -35.28 -29.88
CA MET A 25 -1.18 -36.21 -28.76
C MET A 25 -0.90 -35.45 -27.46
N LEU A 26 -1.86 -35.43 -26.55
CA LEU A 26 -1.76 -34.70 -25.29
C LEU A 26 -1.62 -35.70 -24.14
N HIS A 27 -0.43 -35.75 -23.54
CA HIS A 27 -0.19 -36.57 -22.36
C HIS A 27 -0.38 -35.73 -21.10
N GLY A 28 -1.05 -36.31 -20.12
CA GLY A 28 -1.49 -35.57 -18.93
C GLY A 28 -0.55 -35.65 -17.73
N ILE A 29 -1.11 -35.26 -16.59
CA ILE A 29 -0.34 -35.09 -15.37
C ILE A 29 0.22 -36.43 -14.91
N ASN A 30 1.46 -36.42 -14.41
CA ASN A 30 2.23 -37.55 -13.91
C ASN A 30 2.73 -38.49 -15.00
N HIS A 31 2.41 -38.26 -16.26
CA HIS A 31 2.78 -39.22 -17.30
C HIS A 31 4.25 -39.19 -17.69
N ASN A 32 4.99 -38.14 -17.30
CA ASN A 32 6.43 -38.16 -17.49
C ASN A 32 7.11 -39.29 -16.71
N MET A 33 6.41 -39.88 -15.74
CA MET A 33 6.98 -40.96 -14.94
C MET A 33 6.64 -42.34 -15.49
N PHE A 34 6.00 -42.41 -16.67
CA PHE A 34 5.72 -43.71 -17.28
C PHE A 34 7.01 -44.50 -17.47
N GLY A 35 7.00 -45.76 -17.03
CA GLY A 35 8.14 -46.62 -17.25
C GLY A 35 9.31 -46.41 -16.33
N LYS A 36 9.18 -45.51 -15.34
CA LYS A 36 10.27 -45.20 -14.43
C LYS A 36 10.04 -45.76 -13.03
N ARG A 37 9.02 -46.59 -12.85
CA ARG A 37 8.71 -47.21 -11.58
C ARG A 37 9.25 -48.65 -11.57
N ASP A 38 8.80 -49.46 -10.64
CA ASP A 38 9.28 -50.84 -10.55
C ASP A 38 8.94 -51.57 -11.84
N PRO A 39 9.93 -52.09 -12.58
CA PRO A 39 9.62 -52.75 -13.86
C PRO A 39 8.77 -53.99 -13.68
N VAL A 40 8.95 -54.74 -12.59
CA VAL A 40 8.20 -55.98 -12.41
C VAL A 40 6.73 -55.68 -12.19
N GLN A 41 6.42 -54.62 -11.46
CA GLN A 41 5.03 -54.29 -11.13
C GLN A 41 4.40 -53.31 -12.11
N TYR A 42 5.17 -52.37 -12.66
CA TYR A 42 4.62 -51.31 -13.48
C TYR A 42 5.11 -51.31 -14.92
N GLY A 43 6.00 -52.22 -15.28
CA GLY A 43 6.53 -52.27 -16.63
C GLY A 43 7.54 -51.17 -16.89
N THR A 44 7.96 -51.11 -18.15
CA THR A 44 8.99 -50.17 -18.58
C THR A 44 8.54 -49.28 -19.73
N ILE A 45 7.25 -49.26 -20.05
CA ILE A 45 6.80 -48.46 -21.19
C ILE A 45 6.92 -47.00 -20.82
N THR A 46 7.68 -46.25 -21.61
CA THR A 46 7.92 -44.85 -21.33
C THR A 46 7.18 -43.97 -22.31
N LEU A 47 7.03 -42.70 -21.93
CA LEU A 47 6.41 -41.73 -22.83
C LEU A 47 7.22 -41.60 -24.11
N SER A 48 8.54 -41.74 -24.01
CA SER A 48 9.39 -41.69 -25.19
C SER A 48 9.09 -42.87 -26.12
N GLU A 49 8.92 -44.06 -25.56
CA GLU A 49 8.59 -45.22 -26.38
C GLU A 49 7.22 -45.07 -27.02
N ILE A 50 6.25 -44.53 -26.28
CA ILE A 50 4.91 -44.31 -26.82
C ILE A 50 4.97 -43.35 -28.01
N ASP A 51 5.68 -42.24 -27.83
CA ASP A 51 5.79 -41.24 -28.89
C ASP A 51 6.47 -41.82 -30.12
N ASN A 52 7.47 -42.67 -29.93
CA ASN A 52 8.12 -43.29 -31.07
C ASN A 52 7.14 -44.17 -31.84
N ARG A 53 6.36 -44.97 -31.12
CA ARG A 53 5.38 -45.83 -31.79
C ARG A 53 4.33 -45.00 -32.51
N LEU A 54 3.93 -43.87 -31.93
CA LEU A 54 2.97 -43.00 -32.61
C LEU A 54 3.55 -42.44 -33.89
N GLN A 55 4.82 -42.01 -33.87
CA GLN A 55 5.45 -41.48 -35.09
C GLN A 55 5.55 -42.54 -36.17
N ALA A 56 5.88 -43.78 -35.78
CA ALA A 56 5.98 -44.86 -36.75
C ALA A 56 4.63 -45.13 -37.42
N LEU A 57 3.56 -45.20 -36.63
CA LEU A 57 2.24 -45.44 -37.20
C LEU A 57 1.79 -44.24 -38.04
N ALA A 58 2.10 -43.03 -37.59
CA ALA A 58 1.73 -41.84 -38.34
C ALA A 58 2.31 -41.87 -39.76
N ALA A 59 3.58 -42.26 -39.88
CA ALA A 59 4.20 -42.37 -41.20
C ALA A 59 3.48 -43.43 -42.04
N GLU A 60 3.11 -44.55 -41.41
CA GLU A 60 2.35 -45.59 -42.11
C GLU A 60 1.00 -45.07 -42.56
N LEU A 61 0.34 -44.25 -41.73
CA LEU A 61 -0.97 -43.71 -42.06
C LEU A 61 -0.92 -42.47 -42.94
N GLY A 62 0.26 -41.90 -43.14
CA GLY A 62 0.37 -40.70 -43.96
C GLY A 62 -0.05 -39.41 -43.30
N VAL A 63 0.16 -39.29 -41.98
CA VAL A 63 -0.16 -38.07 -41.24
C VAL A 63 1.04 -37.73 -40.36
N GLN A 64 1.01 -36.54 -39.78
CA GLN A 64 2.01 -36.12 -38.82
C GLN A 64 1.41 -36.12 -37.42
N VAL A 65 2.23 -36.50 -36.44
CA VAL A 65 1.83 -36.56 -35.03
C VAL A 65 2.78 -35.68 -34.23
N GLU A 66 2.22 -34.80 -33.42
CA GLU A 66 2.97 -34.01 -32.45
C GLU A 66 2.51 -34.39 -31.05
N SER A 67 3.46 -34.59 -30.15
CA SER A 67 3.19 -34.97 -28.78
C SER A 67 3.53 -33.82 -27.83
N PHE A 68 2.75 -33.74 -26.75
CA PHE A 68 2.91 -32.70 -25.73
C PHE A 68 2.54 -33.31 -24.38
N GLN A 69 3.41 -33.13 -23.39
CA GLN A 69 3.13 -33.56 -22.03
C GLN A 69 3.36 -32.41 -21.07
N THR A 70 2.52 -32.30 -20.06
CA THR A 70 2.68 -31.29 -19.03
C THR A 70 2.02 -31.77 -17.75
N ASN A 71 2.50 -31.24 -16.62
CA ASN A 71 1.88 -31.47 -15.32
C ASN A 71 1.09 -30.27 -14.84
N SER A 72 1.03 -29.20 -15.63
CA SER A 72 0.34 -27.98 -15.26
C SER A 72 -1.00 -27.92 -15.99
N GLU A 73 -2.09 -27.82 -15.22
CA GLU A 73 -3.43 -27.76 -15.82
C GLU A 73 -3.54 -26.58 -16.77
N GLY A 74 -2.97 -25.43 -16.39
CA GLY A 74 -3.03 -24.28 -17.28
C GLY A 74 -2.26 -24.49 -18.56
N ALA A 75 -1.07 -25.11 -18.47
CA ALA A 75 -0.28 -25.39 -19.66
C ALA A 75 -1.03 -26.33 -20.61
N MET A 76 -1.77 -27.30 -20.06
CA MET A 76 -2.55 -28.20 -20.89
C MET A 76 -3.65 -27.45 -21.65
N CYS A 77 -4.40 -26.60 -20.93
CA CYS A 77 -5.47 -25.82 -21.56
C CYS A 77 -4.91 -24.91 -22.65
N GLU A 78 -3.76 -24.30 -22.40
CA GLU A 78 -3.17 -23.40 -23.38
C GLU A 78 -2.69 -24.15 -24.61
N ARG A 79 -2.16 -25.38 -24.45
CA ARG A 79 -1.82 -26.19 -25.60
C ARG A 79 -3.06 -26.50 -26.41
N ILE A 80 -4.19 -26.72 -25.73
CA ILE A 80 -5.46 -26.93 -26.41
C ILE A 80 -5.90 -25.65 -27.15
N HIS A 81 -5.72 -24.48 -26.53
CA HIS A 81 -5.99 -23.23 -27.25
C HIS A 81 -5.15 -23.15 -28.52
N GLN A 82 -3.86 -23.50 -28.42
CA GLN A 82 -3.00 -23.48 -29.60
C GLN A 82 -3.49 -24.47 -30.65
N ALA A 83 -3.97 -25.64 -30.20
CA ALA A 83 -4.51 -26.62 -31.13
C ALA A 83 -5.72 -26.07 -31.88
N PHE A 84 -6.51 -25.21 -31.22
CA PHE A 84 -7.62 -24.56 -31.89
C PHE A 84 -7.13 -23.58 -32.95
N GLU A 85 -6.14 -22.73 -32.58
CA GLU A 85 -5.64 -21.71 -33.50
C GLU A 85 -4.90 -22.33 -34.69
N GLU A 86 -4.20 -23.44 -34.48
CA GLU A 86 -3.44 -24.05 -35.57
C GLU A 86 -4.30 -24.97 -36.42
N ARG A 87 -5.60 -25.07 -36.12
CA ARG A 87 -6.54 -25.85 -36.91
C ARG A 87 -6.07 -27.30 -37.07
N CYS A 88 -5.66 -27.88 -35.94
CA CYS A 88 -5.33 -29.30 -35.85
C CYS A 88 -6.47 -30.15 -36.41
N ASP A 89 -6.11 -31.26 -37.05
CA ASP A 89 -7.12 -32.11 -37.67
C ASP A 89 -7.78 -33.04 -36.66
N ALA A 90 -7.06 -33.41 -35.60
CA ALA A 90 -7.60 -34.28 -34.56
C ALA A 90 -6.70 -34.18 -33.33
N VAL A 91 -7.28 -34.43 -32.17
CA VAL A 91 -6.56 -34.39 -30.90
C VAL A 91 -6.78 -35.72 -30.18
N LEU A 92 -5.70 -36.31 -29.69
CA LEU A 92 -5.77 -37.45 -28.79
C LEU A 92 -5.39 -36.98 -27.39
N ILE A 93 -6.15 -37.36 -26.38
CA ILE A 93 -5.83 -36.93 -25.02
C ILE A 93 -5.93 -38.11 -24.07
N ASN A 94 -4.87 -38.30 -23.28
CA ASN A 94 -4.89 -39.15 -22.10
C ASN A 94 -4.47 -38.21 -20.97
N ALA A 95 -5.45 -37.53 -20.37
CA ALA A 95 -5.15 -36.49 -19.41
C ALA A 95 -4.76 -37.03 -18.04
N GLY A 96 -4.69 -38.34 -17.87
CA GLY A 96 -4.37 -38.89 -16.56
C GLY A 96 -5.49 -38.62 -15.58
N ALA A 97 -5.12 -38.38 -14.32
CA ALA A 97 -6.13 -38.18 -13.28
C ALA A 97 -7.02 -36.97 -13.56
N TRP A 98 -6.55 -36.01 -14.38
CA TRP A 98 -7.39 -34.85 -14.75
C TRP A 98 -8.70 -35.28 -15.39
N THR A 99 -8.69 -36.45 -16.06
CA THR A 99 -9.88 -36.99 -16.71
C THR A 99 -11.09 -36.99 -15.76
N HIS A 100 -10.85 -37.10 -14.47
CA HIS A 100 -11.93 -37.32 -13.52
C HIS A 100 -12.30 -36.09 -12.72
N TYR A 101 -11.69 -34.92 -12.98
CA TYR A 101 -12.11 -33.72 -12.25
C TYR A 101 -11.84 -32.38 -12.94
N SER A 102 -10.97 -32.34 -13.94
CA SER A 102 -10.55 -31.04 -14.49
C SER A 102 -11.59 -30.48 -15.44
N TYR A 103 -12.55 -29.74 -14.90
CA TYR A 103 -13.52 -29.07 -15.76
C TYR A 103 -12.86 -27.98 -16.59
N GLY A 104 -11.73 -27.46 -16.13
CA GLY A 104 -11.00 -26.50 -16.93
C GLY A 104 -10.52 -27.09 -18.25
N ILE A 105 -9.93 -28.29 -18.19
CA ILE A 105 -9.50 -28.95 -19.42
C ILE A 105 -10.71 -29.35 -20.26
N ARG A 106 -11.80 -29.75 -19.63
CA ARG A 106 -13.01 -30.09 -20.36
C ARG A 106 -13.49 -28.89 -21.19
N ASP A 107 -13.57 -27.71 -20.56
CA ASP A 107 -14.01 -26.51 -21.29
C ASP A 107 -12.96 -26.00 -22.26
N ALA A 108 -11.70 -26.37 -22.11
CA ALA A 108 -10.74 -26.08 -23.17
C ALA A 108 -11.00 -26.96 -24.38
N LEU A 109 -11.21 -28.27 -24.15
CA LEU A 109 -11.50 -29.19 -25.23
C LEU A 109 -12.77 -28.81 -25.96
N ALA A 110 -13.75 -28.23 -25.27
CA ALA A 110 -15.00 -27.82 -25.90
C ALA A 110 -14.80 -26.75 -26.97
N ILE A 111 -13.72 -25.97 -26.88
CA ILE A 111 -13.43 -24.96 -27.89
C ILE A 111 -13.05 -25.60 -29.21
N LEU A 112 -12.43 -26.79 -29.18
CA LEU A 112 -12.03 -27.46 -30.40
C LEU A 112 -13.24 -27.84 -31.25
N THR A 113 -13.05 -27.80 -32.57
CA THR A 113 -14.05 -28.28 -33.51
C THR A 113 -13.61 -29.53 -34.25
N CYS A 114 -12.35 -29.94 -34.11
CA CYS A 114 -11.87 -31.19 -34.69
C CYS A 114 -12.26 -32.36 -33.80
N PRO A 115 -12.22 -33.58 -34.33
CA PRO A 115 -12.50 -34.76 -33.48
C PRO A 115 -11.47 -34.89 -32.38
N VAL A 116 -11.93 -35.24 -31.18
CA VAL A 116 -11.09 -35.47 -30.02
C VAL A 116 -11.33 -36.90 -29.55
N VAL A 117 -10.24 -37.65 -29.33
CA VAL A 117 -10.31 -39.04 -28.89
C VAL A 117 -9.70 -39.15 -27.50
N GLU A 118 -10.49 -39.60 -26.53
CA GLU A 118 -9.99 -39.88 -25.20
C GLU A 118 -9.51 -41.32 -25.13
N LEU A 119 -8.35 -41.52 -24.49
CA LEU A 119 -7.76 -42.85 -24.40
C LEU A 119 -7.10 -43.05 -23.04
N HIS A 120 -7.03 -44.31 -22.63
CA HIS A 120 -6.32 -44.72 -21.42
C HIS A 120 -5.67 -46.07 -21.65
N MET A 121 -4.50 -46.28 -21.04
CA MET A 121 -3.85 -47.58 -21.15
C MET A 121 -4.63 -48.65 -20.39
N SER A 122 -5.14 -48.32 -19.22
CA SER A 122 -5.82 -49.28 -18.35
C SER A 122 -7.34 -49.21 -18.55
N ASN A 123 -8.02 -50.24 -18.07
CA ASN A 123 -9.48 -50.29 -18.09
C ASN A 123 -9.98 -49.48 -16.90
N VAL A 124 -10.11 -48.16 -17.11
CA VAL A 124 -10.45 -47.25 -16.02
C VAL A 124 -11.82 -47.58 -15.44
N HIS A 125 -12.71 -48.17 -16.25
CA HIS A 125 -14.03 -48.51 -15.75
C HIS A 125 -14.02 -49.70 -14.82
N ALA A 126 -12.88 -50.39 -14.68
CA ALA A 126 -12.75 -51.51 -13.75
C ALA A 126 -11.78 -51.22 -12.61
N ARG A 127 -11.41 -49.96 -12.40
CA ARG A 127 -10.51 -49.55 -11.34
C ARG A 127 -11.31 -48.87 -10.23
N GLU A 128 -10.66 -47.97 -9.48
CA GLU A 128 -11.35 -47.28 -8.41
C GLU A 128 -12.55 -46.53 -8.97
N PRO A 129 -13.64 -46.43 -8.21
CA PRO A 129 -14.85 -45.76 -8.74
C PRO A 129 -14.62 -44.38 -9.33
N PHE A 130 -13.73 -43.58 -8.76
CA PHE A 130 -13.54 -42.22 -9.27
C PHE A 130 -12.98 -42.21 -10.69
N ARG A 131 -12.30 -43.27 -11.11
CA ARG A 131 -11.81 -43.36 -12.48
C ARG A 131 -12.88 -43.84 -13.45
N HIS A 132 -14.07 -44.19 -12.95
CA HIS A 132 -15.09 -44.67 -13.88
C HIS A 132 -15.69 -43.54 -14.70
N HIS A 133 -15.63 -42.30 -14.21
CA HIS A 133 -16.29 -41.19 -14.87
C HIS A 133 -15.26 -40.25 -15.50
N SER A 134 -15.50 -39.86 -16.74
CA SER A 134 -14.69 -38.85 -17.41
C SER A 134 -15.52 -37.58 -17.57
N VAL A 135 -14.94 -36.44 -17.15
CA VAL A 135 -15.62 -35.16 -17.35
C VAL A 135 -15.47 -34.68 -18.78
N PHE A 136 -14.78 -35.43 -19.64
CA PHE A 136 -14.61 -35.07 -21.05
C PHE A 136 -15.65 -35.71 -21.98
N SER A 137 -16.51 -36.59 -21.45
CA SER A 137 -17.34 -37.44 -22.31
C SER A 137 -18.19 -36.64 -23.29
N GLU A 138 -18.67 -35.46 -22.90
CA GLU A 138 -19.55 -34.72 -23.79
C GLU A 138 -18.80 -33.91 -24.84
N VAL A 139 -17.47 -33.82 -24.75
CA VAL A 139 -16.70 -33.02 -25.69
C VAL A 139 -15.70 -33.87 -26.47
N VAL A 140 -15.87 -35.20 -26.47
CA VAL A 140 -15.00 -36.06 -27.27
C VAL A 140 -15.87 -36.92 -28.19
N VAL A 141 -15.25 -37.39 -29.27
CA VAL A 141 -15.93 -38.29 -30.19
C VAL A 141 -16.18 -39.64 -29.53
N GLY A 142 -15.22 -40.12 -28.77
CA GLY A 142 -15.35 -41.43 -28.15
C GLY A 142 -14.15 -41.71 -27.27
N GLN A 143 -14.10 -42.94 -26.76
CA GLN A 143 -13.10 -43.33 -25.78
C GLN A 143 -12.53 -44.68 -26.13
N ILE A 144 -11.24 -44.87 -25.82
CA ILE A 144 -10.56 -46.15 -25.96
C ILE A 144 -9.77 -46.40 -24.68
N CYS A 145 -10.00 -47.55 -24.05
CA CYS A 145 -9.26 -47.80 -22.81
C CYS A 145 -9.03 -49.30 -22.63
N GLY A 146 -7.92 -49.63 -21.98
CA GLY A 146 -7.63 -50.97 -21.51
C GLY A 146 -6.57 -51.72 -22.28
N PHE A 147 -6.09 -51.18 -23.40
CA PHE A 147 -5.24 -51.95 -24.30
C PHE A 147 -3.76 -51.57 -24.18
N GLY A 148 -3.38 -50.89 -23.11
CA GLY A 148 -1.98 -50.57 -22.87
C GLY A 148 -1.44 -49.68 -23.97
N MET A 149 -0.24 -50.03 -24.47
CA MET A 149 0.38 -49.26 -25.54
C MET A 149 -0.54 -49.16 -26.74
N GLU A 150 -1.30 -50.22 -27.01
CA GLU A 150 -2.18 -50.26 -28.18
C GLU A 150 -3.27 -49.20 -28.11
N SER A 151 -3.61 -48.73 -26.90
CA SER A 151 -4.61 -47.67 -26.77
C SER A 151 -4.21 -46.43 -27.55
N TYR A 152 -2.93 -46.04 -27.47
CA TYR A 152 -2.46 -44.88 -28.22
C TYR A 152 -2.55 -45.12 -29.73
N LEU A 153 -2.12 -46.31 -30.17
CA LEU A 153 -2.08 -46.59 -31.61
C LEU A 153 -3.50 -46.70 -32.16
N LEU A 154 -4.41 -47.34 -31.41
CA LEU A 154 -5.79 -47.42 -31.84
C LEU A 154 -6.43 -46.04 -31.91
N ALA A 155 -6.09 -45.17 -30.94
CA ALA A 155 -6.65 -43.82 -30.92
C ALA A 155 -6.20 -43.02 -32.13
N LEU A 156 -4.93 -43.15 -32.51
CA LEU A 156 -4.47 -42.46 -33.72
C LEU A 156 -5.24 -42.94 -34.95
N ARG A 157 -5.45 -44.25 -35.07
CA ARG A 157 -6.26 -44.77 -36.17
C ARG A 157 -7.67 -44.20 -36.12
N ALA A 158 -8.27 -44.15 -34.92
CA ALA A 158 -9.62 -43.61 -34.81
C ALA A 158 -9.69 -42.18 -35.31
N ALA A 159 -8.71 -41.36 -34.91
CA ALA A 159 -8.71 -39.95 -35.29
C ALA A 159 -8.55 -39.76 -36.79
N VAL A 160 -7.67 -40.54 -37.42
CA VAL A 160 -7.47 -40.39 -38.87
C VAL A 160 -8.74 -40.77 -39.63
N ALA A 161 -9.43 -41.83 -39.19
CA ALA A 161 -10.68 -42.19 -39.85
C ALA A 161 -11.77 -41.16 -39.61
N GLN A 162 -11.73 -40.48 -38.46
CA GLN A 162 -12.71 -39.43 -38.19
C GLN A 162 -12.53 -38.24 -39.12
N SER A 163 -11.28 -37.92 -39.47
CA SER A 163 -11.01 -36.81 -40.36
C SER A 163 -11.38 -37.15 -41.80
N GLY A 164 -10.94 -38.31 -42.28
CA GLY A 164 -11.25 -38.76 -43.62
C GLY A 164 -12.47 -39.66 -43.69
N SER B 19 -6.51 7.81 -3.08
CA SER B 19 -7.79 8.47 -2.83
C SER B 19 -8.93 7.74 -3.54
N MET B 20 -8.59 7.01 -4.60
CA MET B 20 -9.56 6.33 -5.44
C MET B 20 -9.64 4.86 -5.03
N LYS B 21 -10.85 4.31 -5.01
CA LYS B 21 -11.03 2.91 -4.63
C LYS B 21 -10.59 2.00 -5.78
N LYS B 22 -9.93 0.90 -5.43
CA LYS B 22 -9.36 -0.02 -6.40
C LYS B 22 -10.14 -1.33 -6.42
N VAL B 23 -10.62 -1.70 -7.60
CA VAL B 23 -11.38 -2.92 -7.82
C VAL B 23 -10.57 -3.83 -8.72
N LEU B 24 -10.48 -5.11 -8.34
CA LEU B 24 -9.70 -6.09 -9.09
C LEU B 24 -10.65 -7.05 -9.79
N MET B 25 -10.48 -7.19 -11.10
CA MET B 25 -11.28 -8.10 -11.91
C MET B 25 -10.45 -9.35 -12.23
N LEU B 26 -10.94 -10.50 -11.81
CA LEU B 26 -10.22 -11.76 -11.97
C LEU B 26 -10.93 -12.59 -13.04
N HIS B 27 -10.31 -12.72 -14.20
CA HIS B 27 -10.80 -13.58 -15.27
C HIS B 27 -10.17 -14.96 -15.14
N GLY B 28 -11.00 -16.01 -15.27
CA GLY B 28 -10.58 -17.35 -14.97
C GLY B 28 -10.10 -18.14 -16.19
N ILE B 29 -10.02 -19.46 -15.97
CA ILE B 29 -9.39 -20.36 -16.94
C ILE B 29 -10.19 -20.38 -18.23
N ASN B 30 -9.47 -20.41 -19.36
CA ASN B 30 -9.97 -20.43 -20.75
C ASN B 30 -10.55 -19.10 -21.21
N HIS B 31 -10.61 -18.08 -20.36
CA HIS B 31 -11.26 -16.83 -20.73
C HIS B 31 -10.47 -16.00 -21.72
N ASN B 32 -9.17 -16.28 -21.89
CA ASN B 32 -8.43 -15.63 -22.97
C ASN B 32 -8.99 -15.98 -24.34
N MET B 33 -9.78 -17.04 -24.45
CA MET B 33 -10.35 -17.46 -25.72
C MET B 33 -11.73 -16.88 -25.99
N PHE B 34 -12.23 -16.00 -25.11
CA PHE B 34 -13.52 -15.36 -25.34
C PHE B 34 -13.53 -14.66 -26.69
N GLY B 35 -14.57 -14.93 -27.48
CA GLY B 35 -14.73 -14.23 -28.73
C GLY B 35 -13.90 -14.76 -29.88
N LYS B 36 -13.17 -15.85 -29.69
CA LYS B 36 -12.32 -16.37 -30.75
C LYS B 36 -12.88 -17.62 -31.38
N ARG B 37 -14.12 -17.98 -31.04
CA ARG B 37 -14.78 -19.16 -31.57
C ARG B 37 -15.70 -18.74 -32.72
N ASP B 38 -16.59 -19.63 -33.12
CA ASP B 38 -17.50 -19.32 -34.22
C ASP B 38 -18.36 -18.12 -33.85
N PRO B 39 -18.34 -17.03 -34.63
CA PRO B 39 -19.11 -15.84 -34.26
C PRO B 39 -20.62 -16.07 -34.24
N VAL B 40 -21.15 -16.91 -35.13
CA VAL B 40 -22.60 -17.11 -35.20
C VAL B 40 -23.11 -17.83 -33.95
N GLN B 41 -22.35 -18.81 -33.44
CA GLN B 41 -22.80 -19.63 -32.33
C GLN B 41 -22.34 -19.12 -30.96
N TYR B 42 -21.16 -18.51 -30.86
CA TYR B 42 -20.61 -18.12 -29.58
C TYR B 42 -20.41 -16.62 -29.43
N GLY B 43 -20.73 -15.84 -30.45
CA GLY B 43 -20.53 -14.40 -30.41
C GLY B 43 -19.08 -14.00 -30.59
N THR B 44 -18.85 -12.69 -30.47
CA THR B 44 -17.52 -12.11 -30.70
C THR B 44 -17.01 -11.31 -29.50
N ILE B 45 -17.65 -11.41 -28.34
CA ILE B 45 -17.23 -10.63 -27.20
C ILE B 45 -15.88 -11.15 -26.71
N THR B 46 -14.89 -10.27 -26.65
CA THR B 46 -13.56 -10.66 -26.23
C THR B 46 -13.26 -10.11 -24.85
N LEU B 47 -12.23 -10.69 -24.23
CA LEU B 47 -11.78 -10.20 -22.93
C LEU B 47 -11.35 -8.73 -23.03
N SER B 48 -10.82 -8.32 -24.18
CA SER B 48 -10.42 -6.94 -24.36
C SER B 48 -11.64 -6.00 -24.33
N GLU B 49 -12.74 -6.40 -25.01
CA GLU B 49 -13.94 -5.58 -25.00
C GLU B 49 -14.54 -5.50 -23.61
N ILE B 50 -14.52 -6.62 -22.87
CA ILE B 50 -15.04 -6.62 -21.50
C ILE B 50 -14.24 -5.65 -20.64
N ASP B 51 -12.91 -5.71 -20.71
CA ASP B 51 -12.09 -4.82 -19.91
C ASP B 51 -12.31 -3.35 -20.28
N ASN B 52 -12.51 -3.06 -21.57
CA ASN B 52 -12.80 -1.69 -21.97
C ASN B 52 -14.12 -1.22 -21.36
N ARG B 53 -15.16 -2.07 -21.42
CA ARG B 53 -16.45 -1.69 -20.84
C ARG B 53 -16.34 -1.49 -19.34
N LEU B 54 -15.54 -2.31 -18.65
CA LEU B 54 -15.32 -2.11 -17.23
C LEU B 54 -14.63 -0.77 -16.97
N GLN B 55 -13.63 -0.45 -17.78
CA GLN B 55 -12.92 0.82 -17.63
C GLN B 55 -13.85 1.99 -17.90
N ALA B 56 -14.75 1.86 -18.88
CA ALA B 56 -15.68 2.95 -19.18
C ALA B 56 -16.60 3.22 -18.00
N LEU B 57 -17.15 2.17 -17.39
CA LEU B 57 -18.02 2.36 -16.23
C LEU B 57 -17.23 2.82 -15.00
N ALA B 58 -16.02 2.31 -14.82
CA ALA B 58 -15.22 2.70 -13.66
C ALA B 58 -14.98 4.21 -13.61
N ALA B 59 -14.69 4.82 -14.77
CA ALA B 59 -14.44 6.26 -14.78
C ALA B 59 -15.66 7.03 -14.27
N GLU B 60 -16.87 6.65 -14.68
CA GLU B 60 -18.04 7.34 -14.14
C GLU B 60 -18.24 7.07 -12.65
N LEU B 61 -17.92 5.87 -12.18
CA LEU B 61 -18.14 5.54 -10.78
C LEU B 61 -17.05 6.09 -9.86
N GLY B 62 -15.97 6.63 -10.40
CA GLY B 62 -14.91 7.19 -9.58
C GLY B 62 -14.03 6.14 -8.93
N VAL B 63 -13.80 5.01 -9.59
CA VAL B 63 -12.95 3.95 -9.07
C VAL B 63 -12.02 3.52 -10.18
N GLN B 64 -10.99 2.76 -9.79
CA GLN B 64 -10.05 2.17 -10.72
C GLN B 64 -10.34 0.69 -10.82
N VAL B 65 -10.19 0.13 -12.01
CA VAL B 65 -10.36 -1.29 -12.24
C VAL B 65 -9.08 -1.84 -12.85
N GLU B 66 -8.53 -2.88 -12.24
CA GLU B 66 -7.40 -3.61 -12.79
C GLU B 66 -7.87 -5.02 -13.12
N SER B 67 -7.52 -5.48 -14.31
CA SER B 67 -7.94 -6.79 -14.79
C SER B 67 -6.76 -7.74 -14.83
N PHE B 68 -7.05 -9.02 -14.56
CA PHE B 68 -6.05 -10.07 -14.53
C PHE B 68 -6.68 -11.35 -15.06
N GLN B 69 -6.02 -12.01 -16.00
CA GLN B 69 -6.49 -13.28 -16.51
C GLN B 69 -5.36 -14.30 -16.43
N THR B 70 -5.70 -15.53 -16.06
CA THR B 70 -4.73 -16.60 -16.05
C THR B 70 -5.45 -17.93 -16.24
N ASN B 71 -4.71 -18.90 -16.73
CA ASN B 71 -5.17 -20.28 -16.84
C ASN B 71 -4.55 -21.17 -15.78
N SER B 72 -3.73 -20.62 -14.89
CA SER B 72 -3.03 -21.37 -13.85
C SER B 72 -3.71 -21.14 -12.49
N GLU B 73 -4.13 -22.23 -11.86
CA GLU B 73 -4.81 -22.13 -10.56
C GLU B 73 -3.91 -21.46 -9.51
N GLY B 74 -2.61 -21.79 -9.52
CA GLY B 74 -1.70 -21.16 -8.57
C GLY B 74 -1.52 -19.68 -8.83
N ALA B 75 -1.40 -19.30 -10.11
CA ALA B 75 -1.28 -17.89 -10.45
C ALA B 75 -2.52 -17.11 -10.01
N MET B 76 -3.70 -17.73 -10.13
CA MET B 76 -4.93 -17.07 -9.68
C MET B 76 -4.92 -16.87 -8.17
N CYS B 77 -4.55 -17.92 -7.42
CA CYS B 77 -4.49 -17.81 -5.97
C CYS B 77 -3.47 -16.77 -5.54
N GLU B 78 -2.31 -16.72 -6.21
CA GLU B 78 -1.28 -15.79 -5.82
C GLU B 78 -1.68 -14.35 -6.11
N ARG B 79 -2.42 -14.12 -7.19
CA ARG B 79 -2.97 -12.79 -7.43
C ARG B 79 -3.96 -12.40 -6.34
N ILE B 80 -4.74 -13.38 -5.85
CA ILE B 80 -5.64 -13.12 -4.75
C ILE B 80 -4.85 -12.80 -3.49
N HIS B 81 -3.77 -13.54 -3.22
CA HIS B 81 -2.91 -13.21 -2.09
C HIS B 81 -2.39 -11.78 -2.20
N GLN B 82 -1.98 -11.38 -3.41
CA GLN B 82 -1.50 -10.03 -3.62
C GLN B 82 -2.60 -9.01 -3.35
N ALA B 83 -3.84 -9.31 -3.76
CA ALA B 83 -4.95 -8.40 -3.49
C ALA B 83 -5.20 -8.26 -1.99
N PHE B 84 -4.99 -9.32 -1.22
CA PHE B 84 -5.12 -9.21 0.22
C PHE B 84 -4.04 -8.30 0.79
N GLU B 85 -2.78 -8.53 0.39
CA GLU B 85 -1.68 -7.73 0.91
C GLU B 85 -1.75 -6.28 0.45
N GLU B 86 -2.23 -6.03 -0.77
CA GLU B 86 -2.32 -4.66 -1.29
C GLU B 86 -3.60 -3.95 -0.86
N ARG B 87 -4.41 -4.58 0.00
CA ARG B 87 -5.63 -3.96 0.55
C ARG B 87 -6.56 -3.50 -0.57
N CYS B 88 -6.73 -4.36 -1.57
CA CYS B 88 -7.71 -4.13 -2.63
C CYS B 88 -9.10 -3.89 -2.03
N ASP B 89 -9.85 -2.97 -2.64
CA ASP B 89 -11.14 -2.57 -2.07
C ASP B 89 -12.26 -3.54 -2.41
N ALA B 90 -12.20 -4.19 -3.56
CA ALA B 90 -13.21 -5.17 -3.93
C ALA B 90 -12.67 -6.03 -5.05
N VAL B 91 -13.13 -7.27 -5.10
CA VAL B 91 -12.69 -8.24 -6.09
C VAL B 91 -13.90 -8.79 -6.82
N LEU B 92 -13.85 -8.75 -8.15
CA LEU B 92 -14.83 -9.41 -9.02
C LEU B 92 -14.17 -10.63 -9.63
N ILE B 93 -14.85 -11.77 -9.61
CA ILE B 93 -14.25 -12.98 -10.16
C ILE B 93 -15.26 -13.73 -11.02
N ASN B 94 -14.84 -14.09 -12.22
CA ASN B 94 -15.50 -15.08 -13.07
C ASN B 94 -14.42 -16.11 -13.34
N ALA B 95 -14.33 -17.12 -12.46
CA ALA B 95 -13.24 -18.09 -12.53
C ALA B 95 -13.45 -19.14 -13.61
N GLY B 96 -14.53 -19.06 -14.38
CA GLY B 96 -14.76 -20.08 -15.39
C GLY B 96 -15.09 -21.40 -14.74
N ALA B 97 -14.59 -22.48 -15.33
CA ALA B 97 -14.86 -23.82 -14.82
C ALA B 97 -14.34 -24.01 -13.40
N TRP B 98 -13.32 -23.24 -13.00
CA TRP B 98 -12.79 -23.35 -11.64
C TRP B 98 -13.88 -23.14 -10.59
N THR B 99 -14.91 -22.36 -10.94
CA THR B 99 -16.02 -22.08 -10.02
C THR B 99 -16.61 -23.35 -9.42
N HIS B 100 -16.55 -24.45 -10.16
CA HIS B 100 -17.28 -25.65 -9.80
C HIS B 100 -16.42 -26.74 -9.19
N TYR B 101 -15.12 -26.50 -8.97
CA TYR B 101 -14.31 -27.53 -8.32
C TYR B 101 -13.06 -27.03 -7.60
N SER B 102 -12.60 -25.81 -7.90
CA SER B 102 -11.30 -25.37 -7.39
C SER B 102 -11.44 -24.91 -5.94
N TYR B 103 -11.31 -25.85 -5.00
CA TYR B 103 -11.33 -25.48 -3.59
C TYR B 103 -10.10 -24.65 -3.21
N GLY B 104 -9.01 -24.76 -3.96
CA GLY B 104 -7.84 -23.93 -3.71
C GLY B 104 -8.14 -22.45 -3.90
N ILE B 105 -8.81 -22.10 -5.00
CA ILE B 105 -9.21 -20.72 -5.20
C ILE B 105 -10.24 -20.31 -4.16
N ARG B 106 -11.11 -21.24 -3.76
CA ARG B 106 -12.08 -20.93 -2.71
C ARG B 106 -11.38 -20.48 -1.43
N ASP B 107 -10.39 -21.26 -0.99
CA ASP B 107 -9.67 -20.92 0.24
C ASP B 107 -8.74 -19.72 0.04
N ALA B 108 -8.37 -19.40 -1.20
CA ALA B 108 -7.66 -18.15 -1.45
C ALA B 108 -8.58 -16.96 -1.27
N LEU B 109 -9.78 -17.03 -1.85
CA LEU B 109 -10.76 -15.96 -1.69
C LEU B 109 -11.16 -15.78 -0.23
N ALA B 110 -11.15 -16.86 0.55
CA ALA B 110 -11.54 -16.77 1.95
C ALA B 110 -10.61 -15.86 2.74
N ILE B 111 -9.37 -15.69 2.30
CA ILE B 111 -8.43 -14.82 2.97
C ILE B 111 -8.84 -13.36 2.84
N LEU B 112 -9.50 -13.01 1.73
CA LEU B 112 -9.89 -11.64 1.49
C LEU B 112 -10.90 -11.17 2.55
N THR B 113 -10.78 -9.91 2.93
CA THR B 113 -11.72 -9.25 3.82
C THR B 113 -12.53 -8.17 3.09
N CYS B 114 -12.19 -7.86 1.85
CA CYS B 114 -12.97 -6.96 1.03
C CYS B 114 -14.14 -7.71 0.40
N PRO B 115 -15.15 -7.01 -0.10
CA PRO B 115 -16.25 -7.69 -0.79
C PRO B 115 -15.74 -8.41 -2.03
N VAL B 116 -16.25 -9.63 -2.23
CA VAL B 116 -15.96 -10.45 -3.39
C VAL B 116 -17.27 -10.72 -4.11
N VAL B 117 -17.29 -10.45 -5.42
CA VAL B 117 -18.49 -10.60 -6.25
C VAL B 117 -18.22 -11.67 -7.29
N GLU B 118 -19.02 -12.74 -7.27
CA GLU B 118 -18.94 -13.77 -8.29
C GLU B 118 -19.89 -13.45 -9.44
N LEU B 119 -19.42 -13.63 -10.67
CA LEU B 119 -20.25 -13.31 -11.84
C LEU B 119 -20.01 -14.33 -12.94
N HIS B 120 -21.02 -14.51 -13.80
CA HIS B 120 -20.94 -15.33 -15.00
C HIS B 120 -21.75 -14.70 -16.11
N MET B 121 -21.27 -14.82 -17.35
CA MET B 121 -22.03 -14.31 -18.48
C MET B 121 -23.30 -15.13 -18.70
N SER B 122 -23.22 -16.44 -18.54
CA SER B 122 -24.32 -17.35 -18.84
C SER B 122 -25.09 -17.71 -17.58
N ASN B 123 -26.30 -18.23 -17.79
CA ASN B 123 -27.16 -18.70 -16.71
C ASN B 123 -26.70 -20.10 -16.33
N VAL B 124 -25.71 -20.17 -15.44
CA VAL B 124 -25.08 -21.44 -15.09
C VAL B 124 -26.07 -22.39 -14.45
N HIS B 125 -27.09 -21.85 -13.78
CA HIS B 125 -28.08 -22.71 -13.13
C HIS B 125 -28.99 -23.41 -14.13
N ALA B 126 -28.94 -23.04 -15.42
CA ALA B 126 -29.74 -23.67 -16.46
C ALA B 126 -28.89 -24.45 -17.45
N ARG B 127 -27.62 -24.71 -17.14
CA ARG B 127 -26.73 -25.45 -18.02
C ARG B 127 -26.50 -26.85 -17.44
N GLU B 128 -25.35 -27.45 -17.73
CA GLU B 128 -25.05 -28.78 -17.24
C GLU B 128 -25.07 -28.79 -15.71
N PRO B 129 -25.51 -29.90 -15.09
CA PRO B 129 -25.62 -29.93 -13.62
C PRO B 129 -24.38 -29.50 -12.88
N PHE B 130 -23.18 -29.85 -13.35
CA PHE B 130 -21.97 -29.50 -12.60
C PHE B 130 -21.77 -28.00 -12.51
N ARG B 131 -22.33 -27.21 -13.44
CA ARG B 131 -22.21 -25.76 -13.35
C ARG B 131 -23.24 -25.15 -12.42
N HIS B 132 -24.17 -25.94 -11.88
CA HIS B 132 -25.18 -25.36 -11.01
C HIS B 132 -24.60 -24.97 -9.65
N HIS B 133 -23.49 -25.58 -9.24
CA HIS B 133 -22.93 -25.38 -7.92
C HIS B 133 -21.63 -24.58 -7.99
N SER B 134 -21.51 -23.58 -7.14
CA SER B 134 -20.29 -22.81 -6.97
C SER B 134 -19.64 -23.13 -5.65
N VAL B 135 -18.34 -23.47 -5.68
CA VAL B 135 -17.61 -23.70 -4.44
C VAL B 135 -17.21 -22.40 -3.76
N PHE B 136 -17.54 -21.25 -4.34
CA PHE B 136 -17.24 -19.95 -3.76
C PHE B 136 -18.39 -19.37 -2.94
N SER B 137 -19.55 -20.04 -2.91
CA SER B 137 -20.78 -19.42 -2.40
C SER B 137 -20.62 -18.89 -0.98
N GLU B 138 -19.83 -19.56 -0.14
CA GLU B 138 -19.69 -19.13 1.24
C GLU B 138 -18.66 -18.03 1.43
N VAL B 139 -17.87 -17.67 0.41
CA VAL B 139 -16.83 -16.67 0.58
C VAL B 139 -17.03 -15.46 -0.32
N VAL B 140 -18.22 -15.30 -0.90
CA VAL B 140 -18.53 -14.14 -1.72
C VAL B 140 -19.79 -13.49 -1.17
N VAL B 141 -19.93 -12.19 -1.44
CA VAL B 141 -21.13 -11.46 -1.03
C VAL B 141 -22.35 -11.97 -1.79
N GLY B 142 -22.18 -12.26 -3.06
CA GLY B 142 -23.28 -12.71 -3.88
C GLY B 142 -22.80 -13.07 -5.27
N GLN B 143 -23.76 -13.40 -6.12
CA GLN B 143 -23.48 -13.96 -7.41
C GLN B 143 -24.41 -13.31 -8.43
N ILE B 144 -23.88 -13.13 -9.65
CA ILE B 144 -24.61 -12.56 -10.77
C ILE B 144 -24.34 -13.44 -11.99
N CYS B 145 -25.40 -13.90 -12.64
CA CYS B 145 -25.20 -14.75 -13.80
C CYS B 145 -26.32 -14.54 -14.81
N GLY B 146 -25.97 -14.70 -16.09
CA GLY B 146 -26.94 -14.77 -17.19
C GLY B 146 -27.02 -13.55 -18.09
N PHE B 147 -26.35 -12.46 -17.78
CA PHE B 147 -26.59 -11.20 -18.48
C PHE B 147 -25.47 -10.85 -19.45
N GLY B 148 -24.65 -11.82 -19.82
CA GLY B 148 -23.61 -11.59 -20.82
C GLY B 148 -22.62 -10.55 -20.37
N MET B 149 -22.31 -9.62 -21.27
CA MET B 149 -21.36 -8.56 -20.95
C MET B 149 -21.81 -7.78 -19.72
N GLU B 150 -23.13 -7.54 -19.60
CA GLU B 150 -23.66 -6.77 -18.49
C GLU B 150 -23.39 -7.41 -17.15
N SER B 151 -23.15 -8.72 -17.10
CA SER B 151 -22.79 -9.35 -15.83
C SER B 151 -21.56 -8.68 -15.22
N TYR B 152 -20.56 -8.35 -16.05
CA TYR B 152 -19.36 -7.69 -15.53
C TYR B 152 -19.70 -6.31 -14.98
N LEU B 153 -20.49 -5.54 -15.72
CA LEU B 153 -20.81 -4.19 -15.27
C LEU B 153 -21.65 -4.22 -13.99
N LEU B 154 -22.63 -5.14 -13.94
CA LEU B 154 -23.44 -5.26 -12.73
C LEU B 154 -22.60 -5.65 -11.53
N ALA B 155 -21.60 -6.52 -11.74
CA ALA B 155 -20.72 -6.89 -10.64
C ALA B 155 -19.91 -5.69 -10.15
N LEU B 156 -19.38 -4.88 -11.07
CA LEU B 156 -18.68 -3.66 -10.67
C LEU B 156 -19.61 -2.73 -9.91
N ARG B 157 -20.85 -2.58 -10.39
CA ARG B 157 -21.84 -1.78 -9.67
C ARG B 157 -22.11 -2.33 -8.28
N ALA B 158 -22.24 -3.65 -8.15
CA ALA B 158 -22.49 -4.24 -6.84
C ALA B 158 -21.38 -3.91 -5.85
N ALA B 159 -20.13 -4.01 -6.29
CA ALA B 159 -19.00 -3.72 -5.41
C ALA B 159 -18.97 -2.25 -4.97
N VAL B 160 -19.23 -1.34 -5.90
CA VAL B 160 -19.22 0.09 -5.57
C VAL B 160 -20.35 0.44 -4.60
N ALA B 161 -21.53 -0.15 -4.80
CA ALA B 161 -22.63 0.12 -3.89
C ALA B 161 -22.38 -0.49 -2.51
N GLN B 162 -21.56 -1.54 -2.44
CA GLN B 162 -21.19 -2.14 -1.16
C GLN B 162 -20.38 -1.15 -0.32
N SER B 163 -19.57 -0.32 -0.96
CA SER B 163 -18.73 0.66 -0.29
C SER B 163 -19.54 1.82 0.26
N SER C 19 11.52 25.23 -13.76
CA SER C 19 12.29 26.27 -14.45
C SER C 19 13.72 25.81 -14.71
N MET C 20 14.12 24.75 -14.00
CA MET C 20 15.48 24.25 -14.05
C MET C 20 15.63 23.25 -15.20
N LYS C 21 16.79 23.25 -15.84
CA LYS C 21 17.00 22.35 -16.96
C LYS C 21 17.16 20.91 -16.45
N LYS C 22 16.58 19.98 -17.20
CA LYS C 22 16.60 18.55 -16.84
C LYS C 22 17.51 17.83 -17.82
N VAL C 23 18.51 17.13 -17.30
CA VAL C 23 19.43 16.35 -18.11
C VAL C 23 19.24 14.89 -17.73
N LEU C 24 19.18 14.02 -18.73
CA LEU C 24 18.95 12.60 -18.50
C LEU C 24 20.24 11.83 -18.82
N MET C 25 20.69 11.02 -17.86
CA MET C 25 21.88 10.19 -17.99
C MET C 25 21.45 8.75 -18.25
N LEU C 26 21.85 8.20 -19.39
CA LEU C 26 21.45 6.87 -19.82
C LEU C 26 22.66 5.93 -19.73
N HIS C 27 22.62 5.00 -18.78
CA HIS C 27 23.64 3.96 -18.63
C HIS C 27 23.20 2.69 -19.36
N GLY C 28 24.14 2.10 -20.11
CA GLY C 28 23.86 1.01 -21.02
C GLY C 28 24.11 -0.37 -20.45
N ILE C 29 24.22 -1.34 -21.36
CA ILE C 29 24.27 -2.76 -21.00
C ILE C 29 25.54 -3.08 -20.22
N ASN C 30 25.40 -3.90 -19.18
CA ASN C 30 26.44 -4.37 -18.26
C ASN C 30 26.90 -3.32 -17.28
N HIS C 31 26.39 -2.08 -17.35
CA HIS C 31 26.92 -1.01 -16.52
C HIS C 31 26.50 -1.12 -15.07
N ASN C 32 25.49 -1.94 -14.76
CA ASN C 32 25.19 -2.22 -13.36
C ASN C 32 26.34 -2.94 -12.67
N MET C 33 27.27 -3.51 -13.43
CA MET C 33 28.40 -4.25 -12.89
C MET C 33 29.65 -3.40 -12.72
N PHE C 34 29.55 -2.09 -12.92
CA PHE C 34 30.68 -1.19 -12.71
C PHE C 34 31.28 -1.38 -11.32
N GLY C 35 32.60 -1.42 -11.28
CA GLY C 35 33.38 -1.73 -10.10
C GLY C 35 33.64 -3.21 -9.91
N LYS C 36 33.13 -4.04 -10.81
CA LYS C 36 33.43 -5.47 -10.83
C LYS C 36 33.89 -5.92 -12.22
N ARG C 37 34.14 -4.98 -13.13
CA ARG C 37 34.63 -5.30 -14.46
C ARG C 37 36.14 -5.08 -14.51
N ASP C 38 36.70 -5.07 -15.72
CA ASP C 38 38.14 -4.95 -15.88
C ASP C 38 38.63 -3.63 -15.29
N PRO C 39 39.45 -3.66 -14.25
CA PRO C 39 39.94 -2.40 -13.66
C PRO C 39 40.85 -1.61 -14.60
N VAL C 40 41.54 -2.28 -15.53
CA VAL C 40 42.44 -1.58 -16.43
C VAL C 40 41.66 -0.62 -17.32
N GLN C 41 40.47 -1.02 -17.76
CA GLN C 41 39.68 -0.15 -18.63
C GLN C 41 38.69 0.72 -17.87
N TYR C 42 38.12 0.22 -16.77
CA TYR C 42 37.04 0.91 -16.10
C TYR C 42 37.34 1.30 -14.65
N GLY C 43 38.50 0.93 -14.10
CA GLY C 43 38.62 1.32 -12.71
C GLY C 43 37.76 0.42 -11.83
N THR C 44 37.56 0.89 -10.59
CA THR C 44 36.75 0.16 -9.63
C THR C 44 35.56 0.98 -9.15
N ILE C 45 35.27 2.11 -9.81
CA ILE C 45 34.14 2.96 -9.44
C ILE C 45 32.84 2.27 -9.82
N THR C 46 31.79 2.56 -9.06
CA THR C 46 30.48 1.95 -9.23
C THR C 46 29.50 2.91 -9.90
N LEU C 47 28.40 2.34 -10.42
CA LEU C 47 27.36 3.17 -11.00
C LEU C 47 26.78 4.14 -9.98
N SER C 48 26.67 3.70 -8.72
CA SER C 48 26.13 4.57 -7.69
C SER C 48 27.06 5.77 -7.45
N GLU C 49 28.37 5.54 -7.43
CA GLU C 49 29.30 6.66 -7.27
C GLU C 49 29.24 7.59 -8.46
N ILE C 50 29.07 7.05 -9.66
CA ILE C 50 28.93 7.89 -10.85
C ILE C 50 27.68 8.76 -10.73
N ASP C 51 26.55 8.16 -10.35
CA ASP C 51 25.33 8.93 -10.25
C ASP C 51 25.41 9.99 -9.16
N ASN C 52 26.05 9.67 -8.03
CA ASN C 52 26.18 10.63 -6.95
C ASN C 52 27.01 11.84 -7.38
N ARG C 53 28.14 11.60 -8.04
CA ARG C 53 28.95 12.72 -8.49
C ARG C 53 28.23 13.55 -9.53
N LEU C 54 27.42 12.92 -10.39
CA LEU C 54 26.62 13.68 -11.33
C LEU C 54 25.62 14.59 -10.61
N GLN C 55 24.99 14.09 -9.54
CA GLN C 55 24.05 14.92 -8.79
C GLN C 55 24.74 16.10 -8.14
N ALA C 56 25.92 15.89 -7.58
CA ALA C 56 26.66 17.00 -6.97
C ALA C 56 27.04 18.04 -8.00
N LEU C 57 27.52 17.61 -9.16
CA LEU C 57 27.87 18.56 -10.21
C LEU C 57 26.64 19.25 -10.77
N ALA C 58 25.53 18.52 -10.90
CA ALA C 58 24.30 19.12 -11.39
C ALA C 58 23.86 20.26 -10.50
N ALA C 59 23.91 20.07 -9.17
CA ALA C 59 23.55 21.13 -8.25
C ALA C 59 24.51 22.31 -8.39
N GLU C 60 25.80 22.04 -8.58
CA GLU C 60 26.78 23.10 -8.80
C GLU C 60 26.52 23.84 -10.11
N LEU C 61 26.08 23.13 -11.15
CA LEU C 61 25.78 23.76 -12.43
C LEU C 61 24.39 24.36 -12.49
N GLY C 62 23.53 24.09 -11.51
CA GLY C 62 22.18 24.62 -11.51
C GLY C 62 21.21 23.89 -12.41
N VAL C 63 21.36 22.57 -12.56
CA VAL C 63 20.47 21.76 -13.38
C VAL C 63 20.09 20.51 -12.61
N GLN C 64 19.14 19.77 -13.15
CA GLN C 64 18.72 18.49 -12.61
C GLN C 64 19.25 17.37 -13.49
N VAL C 65 19.66 16.27 -12.86
CA VAL C 65 20.12 15.09 -13.57
C VAL C 65 19.30 13.91 -13.09
N GLU C 66 18.77 13.14 -14.04
CA GLU C 66 18.09 11.88 -13.74
C GLU C 66 18.90 10.76 -14.38
N SER C 67 19.12 9.68 -13.63
CA SER C 67 19.89 8.55 -14.14
C SER C 67 18.97 7.36 -14.40
N PHE C 68 19.33 6.60 -15.43
CA PHE C 68 18.60 5.41 -15.84
C PHE C 68 19.61 4.41 -16.39
N GLN C 69 19.53 3.17 -15.92
CA GLN C 69 20.39 2.09 -16.42
C GLN C 69 19.51 0.92 -16.80
N THR C 70 19.89 0.24 -17.89
CA THR C 70 19.18 -0.97 -18.30
C THR C 70 20.11 -1.87 -19.09
N ASN C 71 19.79 -3.16 -19.07
CA ASN C 71 20.44 -4.16 -19.91
C ASN C 71 19.57 -4.57 -21.07
N SER C 72 18.38 -3.99 -21.21
CA SER C 72 17.42 -4.33 -22.26
C SER C 72 17.45 -3.25 -23.33
N GLU C 73 17.73 -3.66 -24.57
CA GLU C 73 17.77 -2.70 -25.68
C GLU C 73 16.42 -2.01 -25.84
N GLY C 74 15.32 -2.76 -25.72
CA GLY C 74 14.01 -2.17 -25.85
C GLY C 74 13.68 -1.19 -24.75
N ALA C 75 14.05 -1.54 -23.51
CA ALA C 75 13.85 -0.62 -22.39
C ALA C 75 14.63 0.68 -22.61
N MET C 76 15.84 0.59 -23.17
CA MET C 76 16.63 1.78 -23.45
C MET C 76 15.93 2.66 -24.49
N CYS C 77 15.45 2.05 -25.59
CA CYS C 77 14.75 2.82 -26.60
C CYS C 77 13.50 3.47 -26.03
N GLU C 78 12.77 2.75 -25.18
CA GLU C 78 11.53 3.29 -24.63
C GLU C 78 11.81 4.43 -23.66
N ARG C 79 12.91 4.34 -22.90
CA ARG C 79 13.31 5.47 -22.07
C ARG C 79 13.69 6.69 -22.94
N ILE C 80 14.32 6.44 -24.09
CA ILE C 80 14.61 7.54 -25.00
C ILE C 80 13.33 8.13 -25.57
N HIS C 81 12.36 7.27 -25.92
CA HIS C 81 11.04 7.77 -26.34
C HIS C 81 10.43 8.64 -25.25
N GLN C 82 10.54 8.20 -23.99
CA GLN C 82 9.99 8.97 -22.89
C GLN C 82 10.69 10.32 -22.77
N ALA C 83 12.01 10.35 -22.97
CA ALA C 83 12.75 11.60 -22.93
C ALA C 83 12.27 12.57 -24.00
N PHE C 84 11.87 12.05 -25.17
CA PHE C 84 11.33 12.91 -26.21
C PHE C 84 9.99 13.49 -25.77
N GLU C 85 9.13 12.64 -25.21
CA GLU C 85 7.79 13.06 -24.81
C GLU C 85 7.85 14.08 -23.69
N GLU C 86 8.82 13.94 -22.79
CA GLU C 86 8.96 14.79 -21.62
C GLU C 86 9.75 16.07 -21.90
N ARG C 87 10.15 16.29 -23.15
CA ARG C 87 10.88 17.50 -23.55
C ARG C 87 12.14 17.69 -22.70
N CYS C 88 12.85 16.59 -22.49
CA CYS C 88 14.15 16.61 -21.82
C CYS C 88 15.10 17.59 -22.51
N ASP C 89 15.92 18.29 -21.72
CA ASP C 89 16.76 19.36 -22.26
C ASP C 89 18.05 18.84 -22.87
N ALA C 90 18.59 17.73 -22.39
CA ALA C 90 19.80 17.16 -22.94
C ALA C 90 19.91 15.73 -22.46
N VAL C 91 20.57 14.90 -23.25
CA VAL C 91 20.72 13.48 -22.93
C VAL C 91 22.21 13.14 -22.94
N LEU C 92 22.65 12.48 -21.87
CA LEU C 92 23.97 11.85 -21.82
C LEU C 92 23.78 10.35 -21.93
N ILE C 93 24.54 9.71 -22.81
CA ILE C 93 24.41 8.27 -22.99
C ILE C 93 25.79 7.62 -23.08
N ASN C 94 25.99 6.59 -22.27
CA ASN C 94 27.08 5.63 -22.38
C ASN C 94 26.39 4.29 -22.53
N ALA C 95 26.15 3.89 -23.79
CA ALA C 95 25.37 2.70 -24.07
C ALA C 95 26.16 1.41 -23.90
N GLY C 96 27.43 1.50 -23.53
CA GLY C 96 28.23 0.28 -23.40
C GLY C 96 28.47 -0.34 -24.76
N ALA C 97 28.45 -1.68 -24.79
CA ALA C 97 28.71 -2.40 -26.03
C ALA C 97 27.70 -2.06 -27.12
N TRP C 98 26.51 -1.59 -26.73
CA TRP C 98 25.50 -1.20 -27.71
C TRP C 98 26.01 -0.13 -28.66
N THR C 99 26.95 0.72 -28.19
CA THR C 99 27.50 1.79 -29.02
C THR C 99 27.98 1.28 -30.37
N HIS C 100 28.40 0.02 -30.43
CA HIS C 100 29.08 -0.48 -31.61
C HIS C 100 28.20 -1.37 -32.49
N TYR C 101 26.91 -1.52 -32.16
CA TYR C 101 26.06 -2.31 -33.05
C TYR C 101 24.56 -2.02 -32.99
N SER C 102 24.08 -1.36 -31.94
CA SER C 102 22.63 -1.19 -31.77
C SER C 102 22.10 -0.06 -32.63
N TYR C 103 21.71 -0.39 -33.87
CA TYR C 103 21.07 0.61 -34.73
C TYR C 103 19.68 0.99 -34.22
N GLY C 104 19.04 0.11 -33.45
CA GLY C 104 17.77 0.46 -32.83
C GLY C 104 17.89 1.62 -31.85
N ILE C 105 18.90 1.59 -30.99
CA ILE C 105 19.10 2.72 -30.08
C ILE C 105 19.50 3.96 -30.87
N ARG C 106 20.25 3.76 -31.96
CA ARG C 106 20.63 4.88 -32.82
C ARG C 106 19.40 5.60 -33.36
N ASP C 107 18.44 4.84 -33.91
CA ASP C 107 17.22 5.45 -34.44
C ASP C 107 16.29 5.94 -33.34
N ALA C 108 16.43 5.44 -32.12
CA ALA C 108 15.71 6.06 -31.00
C ALA C 108 16.27 7.43 -30.69
N LEU C 109 17.61 7.54 -30.62
CA LEU C 109 18.26 8.82 -30.36
C LEU C 109 17.94 9.85 -31.46
N ALA C 110 17.77 9.39 -32.70
CA ALA C 110 17.47 10.31 -33.79
C ALA C 110 16.15 11.03 -33.59
N ILE C 111 15.24 10.42 -32.83
CA ILE C 111 13.96 11.07 -32.54
C ILE C 111 14.15 12.30 -31.67
N LEU C 112 15.16 12.28 -30.80
CA LEU C 112 15.39 13.41 -29.91
C LEU C 112 15.77 14.67 -30.70
N THR C 113 15.31 15.80 -30.19
CA THR C 113 15.69 17.10 -30.73
C THR C 113 16.58 17.89 -29.78
N CYS C 114 16.76 17.42 -28.56
CA CYS C 114 17.68 18.02 -27.61
C CYS C 114 19.10 17.54 -27.91
N PRO C 115 20.11 18.25 -27.43
CA PRO C 115 21.49 17.79 -27.62
C PRO C 115 21.71 16.44 -26.94
N VAL C 116 22.44 15.56 -27.63
CA VAL C 116 22.79 14.24 -27.12
C VAL C 116 24.31 14.16 -27.08
N VAL C 117 24.85 13.73 -25.94
CA VAL C 117 26.30 13.62 -25.74
C VAL C 117 26.63 12.15 -25.52
N GLU C 118 27.51 11.61 -26.35
CA GLU C 118 28.04 10.26 -26.20
C GLU C 118 29.30 10.30 -25.35
N LEU C 119 29.43 9.36 -24.41
CA LEU C 119 30.60 9.33 -23.53
C LEU C 119 30.99 7.89 -23.25
N HIS C 120 32.27 7.69 -22.97
CA HIS C 120 32.80 6.38 -22.58
C HIS C 120 33.88 6.60 -21.52
N MET C 121 33.98 5.66 -20.57
CA MET C 121 35.05 5.76 -19.57
C MET C 121 36.42 5.50 -20.19
N SER C 122 36.52 4.51 -21.06
CA SER C 122 37.80 4.09 -21.64
C SER C 122 38.00 4.73 -23.01
N ASN C 123 39.24 4.69 -23.48
CA ASN C 123 39.61 5.20 -24.80
C ASN C 123 39.25 4.12 -25.82
N VAL C 124 37.99 4.13 -26.25
CA VAL C 124 37.46 3.08 -27.11
C VAL C 124 38.20 3.02 -28.45
N HIS C 125 38.76 4.15 -28.90
CA HIS C 125 39.47 4.17 -30.18
C HIS C 125 40.84 3.49 -30.11
N ALA C 126 41.31 3.13 -28.92
CA ALA C 126 42.58 2.43 -28.77
C ALA C 126 42.40 1.01 -28.23
N ARG C 127 41.19 0.47 -28.28
CA ARG C 127 40.89 -0.87 -27.83
C ARG C 127 40.64 -1.77 -29.06
N GLU C 128 39.81 -2.79 -28.89
CA GLU C 128 39.53 -3.69 -30.00
C GLU C 128 38.88 -2.91 -31.15
N PRO C 129 39.18 -3.29 -32.40
CA PRO C 129 38.64 -2.54 -33.55
C PRO C 129 37.13 -2.33 -33.50
N PHE C 130 36.35 -3.30 -33.01
CA PHE C 130 34.91 -3.10 -32.99
C PHE C 130 34.49 -1.96 -32.07
N ARG C 131 35.30 -1.61 -31.08
CA ARG C 131 34.99 -0.46 -30.24
C ARG C 131 35.41 0.85 -30.87
N HIS C 132 36.11 0.82 -32.01
CA HIS C 132 36.54 2.06 -32.63
C HIS C 132 35.38 2.80 -33.27
N HIS C 133 34.31 2.08 -33.61
CA HIS C 133 33.20 2.66 -34.35
C HIS C 133 31.98 2.81 -33.45
N SER C 134 31.37 3.98 -33.50
CA SER C 134 30.12 4.27 -32.82
C SER C 134 29.03 4.44 -33.88
N VAL C 135 27.92 3.70 -33.73
CA VAL C 135 26.80 3.87 -34.65
C VAL C 135 25.95 5.09 -34.30
N PHE C 136 26.29 5.83 -33.25
CA PHE C 136 25.54 7.02 -32.85
C PHE C 136 26.08 8.32 -33.43
N SER C 137 27.23 8.27 -34.12
CA SER C 137 27.98 9.48 -34.44
C SER C 137 27.14 10.52 -35.20
N GLU C 138 26.22 10.07 -36.04
CA GLU C 138 25.43 11.04 -36.80
C GLU C 138 24.25 11.59 -36.02
N VAL C 139 23.94 11.05 -34.84
CA VAL C 139 22.77 11.50 -34.09
C VAL C 139 23.16 12.07 -32.73
N VAL C 140 24.44 12.37 -32.52
CA VAL C 140 24.89 13.02 -31.29
C VAL C 140 25.66 14.29 -31.64
N VAL C 141 25.71 15.20 -30.67
CA VAL C 141 26.50 16.42 -30.82
C VAL C 141 27.98 16.11 -30.85
N GLY C 142 28.43 15.18 -30.01
CA GLY C 142 29.84 14.87 -29.95
C GLY C 142 30.10 13.72 -28.99
N GLN C 143 31.38 13.47 -28.78
CA GLN C 143 31.82 12.30 -28.03
C GLN C 143 32.93 12.70 -27.07
N ILE C 144 32.95 12.04 -25.92
CA ILE C 144 33.99 12.19 -24.90
C ILE C 144 34.38 10.79 -24.45
N CYS C 145 35.66 10.45 -24.54
CA CYS C 145 36.05 9.12 -24.12
C CYS C 145 37.45 9.15 -23.53
N GLY C 146 37.69 8.23 -22.58
CA GLY C 146 39.02 7.95 -22.07
C GLY C 146 39.30 8.47 -20.68
N PHE C 147 38.42 9.27 -20.07
CA PHE C 147 38.74 9.98 -18.84
C PHE C 147 38.08 9.36 -17.62
N GLY C 148 37.60 8.13 -17.73
CA GLY C 148 37.06 7.44 -16.56
C GLY C 148 35.85 8.17 -16.00
N MET C 149 35.85 8.34 -14.68
CA MET C 149 34.75 9.05 -14.02
C MET C 149 34.55 10.44 -14.61
N GLU C 150 35.65 11.10 -14.97
CA GLU C 150 35.59 12.46 -15.50
C GLU C 150 34.82 12.53 -16.81
N SER C 151 34.73 11.43 -17.56
CA SER C 151 33.95 11.44 -18.80
C SER C 151 32.49 11.83 -18.53
N TYR C 152 31.91 11.29 -17.45
CA TYR C 152 30.52 11.61 -17.12
C TYR C 152 30.37 13.08 -16.77
N LEU C 153 31.29 13.61 -15.95
CA LEU C 153 31.18 14.99 -15.51
C LEU C 153 31.42 15.96 -16.67
N LEU C 154 32.37 15.64 -17.55
CA LEU C 154 32.62 16.49 -18.71
C LEU C 154 31.43 16.48 -19.65
N ALA C 155 30.76 15.34 -19.80
CA ALA C 155 29.59 15.27 -20.67
C ALA C 155 28.46 16.14 -20.14
N LEU C 156 28.23 16.11 -18.83
CA LEU C 156 27.21 16.98 -18.25
C LEU C 156 27.54 18.45 -18.49
N ARG C 157 28.81 18.83 -18.32
CA ARG C 157 29.22 20.20 -18.63
C ARG C 157 28.97 20.53 -20.09
N ALA C 158 29.32 19.60 -21.00
CA ALA C 158 29.08 19.83 -22.42
C ALA C 158 27.60 20.04 -22.69
N ALA C 159 26.76 19.21 -22.09
CA ALA C 159 25.32 19.30 -22.32
C ALA C 159 24.75 20.61 -21.80
N VAL C 160 25.19 21.04 -20.62
CA VAL C 160 24.68 22.29 -20.05
C VAL C 160 25.11 23.47 -20.91
N ALA C 161 26.33 23.43 -21.45
CA ALA C 161 26.79 24.51 -22.34
C ALA C 161 26.05 24.50 -23.68
N GLN C 162 25.60 23.33 -24.14
CA GLN C 162 24.85 23.28 -25.39
C GLN C 162 23.49 23.95 -25.27
N SER C 163 22.83 23.77 -24.13
CA SER C 163 21.49 24.31 -23.91
C SER C 163 21.54 25.82 -23.67
N MET D 20 -10.78 -18.81 -43.18
CA MET D 20 -10.21 -17.52 -43.58
C MET D 20 -8.70 -17.52 -43.36
N LYS D 21 -7.96 -16.88 -44.26
CA LYS D 21 -6.51 -16.80 -44.09
C LYS D 21 -6.19 -15.75 -43.05
N LYS D 22 -5.22 -16.06 -42.18
CA LYS D 22 -4.83 -15.17 -41.09
C LYS D 22 -3.42 -14.65 -41.38
N VAL D 23 -3.29 -13.32 -41.41
CA VAL D 23 -2.02 -12.65 -41.69
C VAL D 23 -1.58 -11.87 -40.46
N LEU D 24 -0.29 -11.98 -40.13
CA LEU D 24 0.30 -11.31 -38.98
C LEU D 24 1.21 -10.17 -39.44
N MET D 25 0.96 -8.98 -38.93
CA MET D 25 1.79 -7.80 -39.21
C MET D 25 2.69 -7.56 -38.01
N LEU D 26 4.00 -7.58 -38.22
CA LEU D 26 4.99 -7.40 -37.17
C LEU D 26 5.67 -6.04 -37.34
N HIS D 27 5.36 -5.11 -36.44
CA HIS D 27 6.02 -3.81 -36.40
C HIS D 27 7.21 -3.86 -35.45
N GLY D 28 8.34 -3.32 -35.88
CA GLY D 28 9.61 -3.45 -35.19
C GLY D 28 9.96 -2.29 -34.28
N ILE D 29 11.25 -2.22 -33.93
CA ILE D 29 11.74 -1.31 -32.90
C ILE D 29 11.56 0.16 -33.32
N ASN D 30 11.15 0.99 -32.37
CA ASN D 30 10.87 2.42 -32.51
C ASN D 30 9.57 2.71 -33.24
N HIS D 31 8.84 1.71 -33.70
CA HIS D 31 7.68 1.98 -34.56
C HIS D 31 6.48 2.50 -33.80
N ASN D 32 6.45 2.39 -32.46
CA ASN D 32 5.43 3.08 -31.71
C ASN D 32 5.54 4.59 -31.85
N MET D 33 6.70 5.09 -32.30
CA MET D 33 6.94 6.51 -32.44
C MET D 33 6.63 7.04 -33.84
N PHE D 34 6.05 6.20 -34.71
CA PHE D 34 5.62 6.65 -36.03
C PHE D 34 4.73 7.86 -35.93
N GLY D 35 5.01 8.85 -36.78
CA GLY D 35 4.43 10.16 -36.78
C GLY D 35 5.17 11.15 -35.89
N LYS D 36 6.21 10.71 -35.19
CA LYS D 36 7.11 11.59 -34.46
C LYS D 36 8.54 11.49 -34.96
N ARG D 37 8.78 10.74 -36.04
CA ARG D 37 10.13 10.58 -36.55
C ARG D 37 10.36 11.51 -37.74
N ASP D 38 11.44 11.29 -38.46
CA ASP D 38 11.82 12.15 -39.58
C ASP D 38 10.76 12.12 -40.68
N PRO D 39 10.10 13.25 -40.96
CA PRO D 39 9.06 13.26 -42.00
C PRO D 39 9.61 12.97 -43.38
N VAL D 40 10.88 13.27 -43.64
CA VAL D 40 11.45 13.04 -44.96
C VAL D 40 11.45 11.55 -45.28
N GLN D 41 11.74 10.72 -44.28
CA GLN D 41 11.79 9.28 -44.50
C GLN D 41 10.47 8.59 -44.23
N TYR D 42 9.71 9.07 -43.24
CA TYR D 42 8.53 8.37 -42.77
C TYR D 42 7.23 9.15 -42.88
N GLY D 43 7.25 10.40 -43.32
CA GLY D 43 5.94 11.02 -43.29
C GLY D 43 5.54 11.36 -41.86
N THR D 44 4.25 11.66 -41.69
CA THR D 44 3.71 12.00 -40.38
C THR D 44 2.60 11.04 -39.97
N ILE D 45 2.45 9.93 -40.69
CA ILE D 45 1.45 8.91 -40.40
C ILE D 45 1.83 8.13 -39.15
N THR D 46 0.82 7.74 -38.36
CA THR D 46 1.05 7.04 -37.11
C THR D 46 0.75 5.55 -37.26
N LEU D 47 1.26 4.77 -36.31
CA LEU D 47 1.00 3.33 -36.28
C LEU D 47 -0.48 3.02 -36.19
N SER D 48 -1.25 3.86 -35.49
CA SER D 48 -2.68 3.62 -35.41
C SER D 48 -3.31 3.70 -36.79
N GLU D 49 -2.93 4.70 -37.58
CA GLU D 49 -3.50 4.82 -38.92
C GLU D 49 -3.05 3.66 -39.80
N ILE D 50 -1.78 3.24 -39.65
CA ILE D 50 -1.27 2.14 -40.46
C ILE D 50 -2.09 0.88 -40.20
N ASP D 51 -2.27 0.53 -38.94
CA ASP D 51 -3.05 -0.66 -38.62
C ASP D 51 -4.50 -0.52 -39.08
N ASN D 52 -5.07 0.69 -38.98
CA ASN D 52 -6.44 0.90 -39.43
C ASN D 52 -6.56 0.65 -40.92
N ARG D 53 -5.64 1.22 -41.70
CA ARG D 53 -5.68 1.05 -43.16
C ARG D 53 -5.44 -0.40 -43.54
N LEU D 54 -4.58 -1.11 -42.80
CA LEU D 54 -4.41 -2.55 -43.03
C LEU D 54 -5.71 -3.30 -42.77
N GLN D 55 -6.42 -2.97 -41.70
CA GLN D 55 -7.69 -3.64 -41.41
C GLN D 55 -8.72 -3.38 -42.49
N ALA D 56 -8.77 -2.17 -43.03
CA ALA D 56 -9.71 -1.86 -44.10
C ALA D 56 -9.39 -2.69 -45.34
N LEU D 57 -8.11 -2.77 -45.72
CA LEU D 57 -7.75 -3.55 -46.89
C LEU D 57 -7.98 -5.03 -46.66
N ALA D 58 -7.70 -5.50 -45.43
CA ALA D 58 -7.94 -6.91 -45.11
C ALA D 58 -9.40 -7.29 -45.31
N ALA D 59 -10.32 -6.43 -44.85
CA ALA D 59 -11.73 -6.69 -45.05
C ALA D 59 -12.06 -6.73 -46.53
N GLU D 60 -11.46 -5.82 -47.31
CA GLU D 60 -11.68 -5.80 -48.75
C GLU D 60 -11.14 -7.06 -49.41
N LEU D 61 -10.01 -7.58 -48.94
CA LEU D 61 -9.41 -8.77 -49.51
C LEU D 61 -10.02 -10.06 -48.96
N GLY D 62 -10.82 -10.00 -47.90
CA GLY D 62 -11.39 -11.21 -47.33
C GLY D 62 -10.44 -12.02 -46.48
N VAL D 63 -9.54 -11.36 -45.75
CA VAL D 63 -8.59 -12.02 -44.86
C VAL D 63 -8.60 -11.29 -43.52
N GLN D 64 -7.96 -11.89 -42.52
CA GLN D 64 -7.79 -11.29 -41.21
C GLN D 64 -6.35 -10.82 -41.04
N VAL D 65 -6.18 -9.67 -40.40
CA VAL D 65 -4.86 -9.12 -40.12
C VAL D 65 -4.77 -8.82 -38.63
N GLU D 66 -3.73 -9.33 -37.99
CA GLU D 66 -3.43 -9.03 -36.60
C GLU D 66 -2.10 -8.30 -36.54
N SER D 67 -2.04 -7.21 -35.78
CA SER D 67 -0.84 -6.38 -35.69
C SER D 67 -0.17 -6.52 -34.33
N PHE D 68 1.15 -6.45 -34.35
CA PHE D 68 1.96 -6.58 -33.14
C PHE D 68 3.18 -5.68 -33.29
N GLN D 69 3.45 -4.86 -32.28
CA GLN D 69 4.62 -4.00 -32.25
C GLN D 69 5.38 -4.23 -30.95
N THR D 70 6.70 -4.21 -31.05
CA THR D 70 7.52 -4.35 -29.86
C THR D 70 8.87 -3.68 -30.11
N ASN D 71 9.50 -3.26 -29.01
CA ASN D 71 10.86 -2.77 -29.04
C ASN D 71 11.85 -3.78 -28.46
N SER D 72 11.37 -4.95 -28.05
CA SER D 72 12.21 -5.99 -27.45
C SER D 72 12.48 -7.06 -28.49
N GLU D 73 13.77 -7.32 -28.75
CA GLU D 73 14.15 -8.34 -29.73
C GLU D 73 13.60 -9.72 -29.35
N GLY D 74 13.65 -10.05 -28.06
CA GLY D 74 13.13 -11.33 -27.62
C GLY D 74 11.63 -11.43 -27.78
N ALA D 75 10.91 -10.36 -27.48
CA ALA D 75 9.46 -10.35 -27.68
C ALA D 75 9.12 -10.52 -29.15
N MET D 76 9.90 -9.91 -30.04
CA MET D 76 9.66 -10.09 -31.47
C MET D 76 9.88 -11.53 -31.89
N CYS D 77 10.99 -12.14 -31.45
CA CYS D 77 11.24 -13.54 -31.78
C CYS D 77 10.15 -14.45 -31.22
N GLU D 78 9.71 -14.19 -29.99
CA GLU D 78 8.69 -15.03 -29.38
C GLU D 78 7.35 -14.91 -30.07
N ARG D 79 7.01 -13.70 -30.55
CA ARG D 79 5.81 -13.55 -31.36
C ARG D 79 5.93 -14.33 -32.66
N ILE D 80 7.14 -14.39 -33.23
CA ILE D 80 7.35 -15.21 -34.42
C ILE D 80 7.18 -16.68 -34.08
N HIS D 81 7.71 -17.11 -32.92
CA HIS D 81 7.48 -18.49 -32.48
C HIS D 81 6.00 -18.79 -32.37
N GLN D 82 5.24 -17.88 -31.78
CA GLN D 82 3.80 -18.10 -31.66
C GLN D 82 3.15 -18.22 -33.03
N ALA D 83 3.58 -17.39 -33.99
CA ALA D 83 3.06 -17.47 -35.34
C ALA D 83 3.37 -18.82 -36.00
N PHE D 84 4.52 -19.41 -35.68
CA PHE D 84 4.81 -20.76 -36.16
C PHE D 84 3.89 -21.78 -35.51
N GLU D 85 3.77 -21.72 -34.18
CA GLU D 85 2.98 -22.71 -33.45
C GLU D 85 1.51 -22.60 -33.80
N GLU D 86 1.01 -21.38 -34.04
CA GLU D 86 -0.38 -21.18 -34.38
C GLU D 86 -0.66 -21.30 -35.86
N ARG D 87 0.36 -21.66 -36.66
CA ARG D 87 0.20 -21.90 -38.09
C ARG D 87 -0.42 -20.70 -38.81
N CYS D 88 0.12 -19.51 -38.51
CA CYS D 88 -0.22 -18.30 -39.24
C CYS D 88 -0.03 -18.50 -40.75
N ASP D 89 -0.91 -17.89 -41.54
CA ASP D 89 -0.89 -18.13 -42.99
C ASP D 89 0.16 -17.29 -43.71
N ALA D 90 0.47 -16.10 -43.22
CA ALA D 90 1.50 -15.26 -43.81
C ALA D 90 1.91 -14.19 -42.81
N VAL D 91 3.16 -13.75 -42.92
CA VAL D 91 3.73 -12.77 -42.01
C VAL D 91 4.29 -11.60 -42.81
N LEU D 92 3.92 -10.38 -42.41
CA LEU D 92 4.52 -9.14 -42.87
C LEU D 92 5.38 -8.59 -41.75
N ILE D 93 6.61 -8.18 -42.06
CA ILE D 93 7.49 -7.65 -41.04
C ILE D 93 8.19 -6.39 -41.54
N ASN D 94 8.11 -5.33 -40.74
CA ASN D 94 8.95 -4.15 -40.87
C ASN D 94 9.64 -4.05 -39.52
N ALA D 95 10.81 -4.68 -39.42
CA ALA D 95 11.50 -4.76 -38.15
C ALA D 95 12.24 -3.49 -37.81
N GLY D 96 12.19 -2.47 -38.66
CA GLY D 96 12.94 -1.26 -38.38
C GLY D 96 14.43 -1.51 -38.50
N ALA D 97 15.19 -0.87 -37.62
CA ALA D 97 16.64 -1.02 -37.65
C ALA D 97 17.10 -2.46 -37.43
N TRP D 98 16.27 -3.28 -36.79
CA TRP D 98 16.62 -4.69 -36.59
C TRP D 98 16.94 -5.37 -37.90
N THR D 99 16.32 -4.91 -39.00
CA THR D 99 16.52 -5.49 -40.31
C THR D 99 18.00 -5.62 -40.68
N HIS D 100 18.83 -4.73 -40.13
CA HIS D 100 20.22 -4.61 -40.57
C HIS D 100 21.23 -5.24 -39.63
N TYR D 101 20.78 -5.90 -38.54
CA TYR D 101 21.76 -6.56 -37.69
C TYR D 101 21.22 -7.72 -36.84
N SER D 102 19.90 -7.81 -36.66
CA SER D 102 19.35 -8.80 -35.73
C SER D 102 19.33 -10.19 -36.36
N TYR D 103 20.43 -10.92 -36.21
CA TYR D 103 20.44 -12.31 -36.64
C TYR D 103 19.53 -13.19 -35.80
N GLY D 104 19.22 -12.78 -34.56
CA GLY D 104 18.25 -13.50 -33.76
C GLY D 104 16.85 -13.50 -34.37
N ILE D 105 16.39 -12.33 -34.85
CA ILE D 105 15.10 -12.30 -35.52
C ILE D 105 15.15 -13.07 -36.84
N ARG D 106 16.30 -13.02 -37.52
CA ARG D 106 16.45 -13.78 -38.76
C ARG D 106 16.24 -15.26 -38.52
N ASP D 107 16.89 -15.82 -37.49
CA ASP D 107 16.74 -17.24 -37.20
C ASP D 107 15.37 -17.56 -36.63
N ALA D 108 14.67 -16.59 -36.06
CA ALA D 108 13.28 -16.82 -35.67
C ALA D 108 12.40 -16.94 -36.91
N LEU D 109 12.55 -16.01 -37.86
CA LEU D 109 11.78 -16.06 -39.10
C LEU D 109 12.06 -17.34 -39.87
N ALA D 110 13.29 -17.86 -39.77
CA ALA D 110 13.66 -19.07 -40.48
C ALA D 110 12.86 -20.27 -40.02
N ILE D 111 12.32 -20.23 -38.80
CA ILE D 111 11.48 -21.31 -38.32
C ILE D 111 10.15 -21.35 -39.09
N LEU D 112 9.66 -20.19 -39.53
CA LEU D 112 8.39 -20.11 -40.25
C LEU D 112 8.45 -20.86 -41.58
N THR D 113 7.32 -21.46 -41.95
CA THR D 113 7.16 -22.09 -43.25
C THR D 113 6.16 -21.36 -44.14
N CYS D 114 5.42 -20.40 -43.59
CA CYS D 114 4.51 -19.59 -44.40
C CYS D 114 5.29 -18.49 -45.11
N PRO D 115 4.71 -17.87 -46.15
CA PRO D 115 5.41 -16.78 -46.81
C PRO D 115 5.64 -15.62 -45.85
N VAL D 116 6.83 -15.02 -45.94
CA VAL D 116 7.20 -13.85 -45.14
C VAL D 116 7.53 -12.72 -46.11
N VAL D 117 6.94 -11.55 -45.88
CA VAL D 117 7.13 -10.37 -46.73
C VAL D 117 7.81 -9.31 -45.90
N GLU D 118 8.99 -8.87 -46.34
CA GLU D 118 9.70 -7.78 -45.69
C GLU D 118 9.26 -6.47 -46.33
N LEU D 119 9.04 -5.46 -45.50
CA LEU D 119 8.56 -4.18 -46.02
C LEU D 119 9.21 -3.04 -45.26
N HIS D 120 9.34 -1.89 -45.93
CA HIS D 120 9.86 -0.67 -45.34
C HIS D 120 9.13 0.53 -45.93
N MET D 121 8.93 1.56 -45.11
CA MET D 121 8.35 2.79 -45.64
C MET D 121 9.32 3.51 -46.57
N SER D 122 10.59 3.60 -46.19
CA SER D 122 11.56 4.39 -46.92
C SER D 122 12.33 3.52 -47.91
N ASN D 123 13.03 4.19 -48.83
CA ASN D 123 13.91 3.54 -49.79
C ASN D 123 15.25 3.28 -49.10
N VAL D 124 15.30 2.16 -48.36
CA VAL D 124 16.46 1.87 -47.52
C VAL D 124 17.72 1.71 -48.36
N HIS D 125 17.59 1.30 -49.62
CA HIS D 125 18.76 1.14 -50.47
C HIS D 125 19.36 2.46 -50.91
N ALA D 126 18.68 3.58 -50.66
CA ALA D 126 19.19 4.90 -50.99
C ALA D 126 19.50 5.74 -49.75
N ARG D 127 19.60 5.11 -48.58
CA ARG D 127 19.92 5.79 -47.35
C ARG D 127 21.35 5.42 -46.94
N GLU D 128 21.64 5.45 -45.63
CA GLU D 128 22.99 5.11 -45.16
C GLU D 128 23.34 3.67 -45.56
N PRO D 129 24.61 3.41 -45.86
CA PRO D 129 25.00 2.07 -46.32
C PRO D 129 24.53 0.93 -45.42
N PHE D 130 24.52 1.11 -44.11
CA PHE D 130 24.10 0.02 -43.24
C PHE D 130 22.65 -0.37 -43.46
N ARG D 131 21.81 0.54 -43.96
CA ARG D 131 20.43 0.17 -44.27
C ARG D 131 20.29 -0.51 -45.62
N HIS D 132 21.36 -0.60 -46.40
CA HIS D 132 21.26 -1.23 -47.71
C HIS D 132 21.14 -2.74 -47.59
N HIS D 133 21.59 -3.32 -46.50
CA HIS D 133 21.61 -4.77 -46.33
C HIS D 133 20.56 -5.21 -45.32
N SER D 134 19.81 -6.24 -45.69
CA SER D 134 18.85 -6.89 -44.82
C SER D 134 19.38 -8.27 -44.44
N VAL D 135 19.42 -8.55 -43.14
CA VAL D 135 19.84 -9.89 -42.71
C VAL D 135 18.70 -10.90 -42.83
N PHE D 136 17.53 -10.48 -43.30
CA PHE D 136 16.39 -11.37 -43.50
C PHE D 136 16.28 -11.90 -44.92
N SER D 137 17.15 -11.46 -45.84
CA SER D 137 16.92 -11.69 -47.27
C SER D 137 16.76 -13.17 -47.62
N GLU D 138 17.48 -14.05 -46.94
CA GLU D 138 17.41 -15.47 -47.29
C GLU D 138 16.20 -16.19 -46.68
N VAL D 139 15.45 -15.55 -45.79
CA VAL D 139 14.34 -16.18 -45.09
C VAL D 139 13.01 -15.50 -45.38
N VAL D 140 12.94 -14.65 -46.41
CA VAL D 140 11.70 -14.01 -46.81
C VAL D 140 11.43 -14.28 -48.28
N VAL D 141 10.16 -14.18 -48.68
CA VAL D 141 9.81 -14.34 -50.08
C VAL D 141 10.33 -13.14 -50.88
N GLY D 142 10.21 -11.95 -50.34
CA GLY D 142 10.64 -10.78 -51.08
C GLY D 142 10.52 -9.54 -50.23
N GLN D 143 10.79 -8.40 -50.85
CA GLN D 143 10.93 -7.14 -50.15
C GLN D 143 10.21 -6.04 -50.90
N ILE D 144 9.65 -5.10 -50.14
CA ILE D 144 8.96 -3.92 -50.65
C ILE D 144 9.43 -2.71 -49.85
N CYS D 145 9.95 -1.69 -50.53
CA CYS D 145 10.43 -0.53 -49.79
C CYS D 145 10.24 0.75 -50.61
N GLY D 146 10.05 1.85 -49.90
CA GLY D 146 10.07 3.19 -50.49
C GLY D 146 8.73 3.87 -50.63
N PHE D 147 7.62 3.18 -50.38
CA PHE D 147 6.30 3.71 -50.72
C PHE D 147 5.52 4.19 -49.51
N GLY D 148 6.19 4.41 -48.37
CA GLY D 148 5.52 4.96 -47.21
C GLY D 148 4.41 4.04 -46.73
N MET D 149 3.23 4.62 -46.48
CA MET D 149 2.09 3.82 -46.05
C MET D 149 1.77 2.71 -47.05
N GLU D 150 1.91 3.01 -48.34
CA GLU D 150 1.54 2.04 -49.36
C GLU D 150 2.38 0.76 -49.26
N SER D 151 3.57 0.83 -48.66
CA SER D 151 4.39 -0.37 -48.48
C SER D 151 3.64 -1.43 -47.68
N TYR D 152 2.95 -1.02 -46.62
CA TYR D 152 2.18 -1.98 -45.83
C TYR D 152 1.06 -2.60 -46.66
N LEU D 153 0.33 -1.77 -47.41
CA LEU D 153 -0.80 -2.27 -48.17
C LEU D 153 -0.35 -3.19 -49.30
N LEU D 154 0.76 -2.83 -49.96
CA LEU D 154 1.29 -3.70 -51.00
C LEU D 154 1.77 -5.02 -50.42
N ALA D 155 2.38 -4.98 -49.23
CA ALA D 155 2.87 -6.21 -48.61
C ALA D 155 1.71 -7.16 -48.28
N LEU D 156 0.61 -6.62 -47.76
CA LEU D 156 -0.56 -7.46 -47.49
C LEU D 156 -1.09 -8.08 -48.78
N ARG D 157 -1.17 -7.30 -49.86
CA ARG D 157 -1.57 -7.86 -51.15
C ARG D 157 -0.61 -8.95 -51.58
N ALA D 158 0.70 -8.71 -51.44
CA ALA D 158 1.68 -9.72 -51.81
C ALA D 158 1.50 -10.99 -51.01
N ALA D 159 1.26 -10.87 -49.70
CA ALA D 159 1.09 -12.04 -48.85
C ALA D 159 -0.15 -12.83 -49.22
N VAL D 160 -1.26 -12.14 -49.51
CA VAL D 160 -2.50 -12.83 -49.86
C VAL D 160 -2.36 -13.59 -51.17
N ALA D 161 -1.67 -12.99 -52.15
CA ALA D 161 -1.46 -13.66 -53.43
C ALA D 161 -0.51 -14.85 -53.30
N GLN D 162 0.40 -14.82 -52.32
CA GLN D 162 1.27 -15.97 -52.09
C GLN D 162 0.47 -17.16 -51.60
N SER D 163 -0.58 -16.92 -50.81
CA SER D 163 -1.41 -17.96 -50.24
C SER D 163 -2.29 -18.59 -51.33
N SER E 19 24.27 -40.79 5.49
CA SER E 19 23.81 -41.85 6.38
C SER E 19 22.53 -41.42 7.09
N MET E 20 22.27 -40.12 7.10
CA MET E 20 21.14 -39.57 7.82
C MET E 20 19.89 -39.68 6.97
N LYS E 21 18.76 -39.98 7.62
CA LYS E 21 17.51 -40.09 6.88
C LYS E 21 16.99 -38.71 6.50
N LYS E 22 16.47 -38.60 5.29
CA LYS E 22 15.98 -37.33 4.76
C LYS E 22 14.46 -37.39 4.63
N VAL E 23 13.79 -36.42 5.25
CA VAL E 23 12.33 -36.30 5.22
C VAL E 23 11.94 -35.02 4.49
N LEU E 24 10.94 -35.12 3.62
CA LEU E 24 10.47 -34.00 2.83
C LEU E 24 9.10 -33.54 3.33
N MET E 25 8.98 -32.25 3.64
CA MET E 25 7.74 -31.64 4.10
C MET E 25 7.11 -30.86 2.93
N LEU E 26 5.89 -31.23 2.56
CA LEU E 26 5.20 -30.63 1.42
C LEU E 26 4.05 -29.75 1.91
N HIS E 27 4.21 -28.44 1.79
CA HIS E 27 3.15 -27.49 2.12
C HIS E 27 2.34 -27.16 0.87
N GLY E 28 1.01 -27.13 1.04
CA GLY E 28 0.11 -27.03 -0.08
C GLY E 28 -0.34 -25.62 -0.42
N ILE E 29 -1.40 -25.57 -1.22
CA ILE E 29 -1.86 -24.32 -1.82
C ILE E 29 -2.38 -23.37 -0.74
N ASN E 30 -2.06 -22.08 -0.88
CA ASN E 30 -2.43 -20.98 0.01
C ASN E 30 -1.63 -20.97 1.31
N HIS E 31 -0.76 -21.95 1.56
CA HIS E 31 -0.08 -22.04 2.84
C HIS E 31 1.03 -21.01 3.01
N ASN E 32 1.47 -20.37 1.93
CA ASN E 32 2.37 -19.24 2.08
C ASN E 32 1.71 -18.10 2.85
N MET E 33 0.39 -18.08 2.97
CA MET E 33 -0.32 -17.03 3.67
C MET E 33 -0.59 -17.37 5.13
N PHE E 34 -0.10 -18.51 5.62
CA PHE E 34 -0.26 -18.83 7.03
C PHE E 34 0.29 -17.72 7.92
N GLY E 35 -0.52 -17.28 8.88
CA GLY E 35 -0.03 -16.31 9.83
C GLY E 35 0.00 -14.87 9.37
N LYS E 36 -0.51 -14.58 8.17
CA LYS E 36 -0.50 -13.23 7.64
C LYS E 36 -1.88 -12.60 7.67
N ARG E 37 -2.83 -13.25 8.32
CA ARG E 37 -4.18 -12.77 8.43
C ARG E 37 -4.37 -12.11 9.80
N ASP E 38 -5.62 -11.89 10.20
CA ASP E 38 -5.92 -11.28 11.47
C ASP E 38 -5.41 -12.13 12.62
N PRO E 39 -4.53 -11.59 13.49
CA PRO E 39 -4.01 -12.40 14.60
C PRO E 39 -5.08 -12.80 15.59
N VAL E 40 -6.10 -11.97 15.80
CA VAL E 40 -7.14 -12.30 16.78
C VAL E 40 -7.96 -13.50 16.30
N GLN E 41 -8.23 -13.57 15.00
CA GLN E 41 -9.08 -14.63 14.47
C GLN E 41 -8.29 -15.82 13.95
N TYR E 42 -7.10 -15.61 13.40
CA TYR E 42 -6.37 -16.69 12.76
C TYR E 42 -5.00 -16.96 13.39
N GLY E 43 -4.59 -16.21 14.38
CA GLY E 43 -3.30 -16.42 14.99
C GLY E 43 -2.16 -15.88 14.12
N THR E 44 -0.95 -16.18 14.58
CA THR E 44 0.26 -15.69 13.92
C THR E 44 1.21 -16.80 13.50
N ILE E 45 0.78 -18.06 13.52
CA ILE E 45 1.68 -19.14 13.16
C ILE E 45 1.96 -19.08 11.67
N THR E 46 3.24 -18.93 11.30
CA THR E 46 3.64 -18.80 9.92
C THR E 46 4.31 -20.07 9.44
N LEU E 47 4.43 -20.18 8.12
CA LEU E 47 5.13 -21.30 7.53
C LEU E 47 6.60 -21.30 7.97
N SER E 48 7.18 -20.11 8.12
CA SER E 48 8.56 -20.01 8.57
C SER E 48 8.71 -20.54 9.99
N GLU E 49 7.77 -20.20 10.88
CA GLU E 49 7.82 -20.71 12.25
C GLU E 49 7.61 -22.23 12.27
N ILE E 50 6.71 -22.73 11.41
CA ILE E 50 6.49 -24.18 11.34
C ILE E 50 7.76 -24.91 10.92
N ASP E 51 8.42 -24.40 9.87
CA ASP E 51 9.64 -25.05 9.39
C ASP E 51 10.75 -25.02 10.44
N ASN E 52 10.86 -23.94 11.20
CA ASN E 52 11.87 -23.88 12.26
C ASN E 52 11.61 -24.95 13.32
N ARG E 53 10.35 -25.07 13.76
CA ARG E 53 10.04 -26.08 14.77
C ARG E 53 10.25 -27.49 14.21
N LEU E 54 9.98 -27.68 12.92
CA LEU E 54 10.29 -28.96 12.29
C LEU E 54 11.79 -29.22 12.27
N GLN E 55 12.59 -28.19 11.96
CA GLN E 55 14.04 -28.38 11.94
C GLN E 55 14.57 -28.72 13.33
N ALA E 56 14.03 -28.10 14.37
CA ALA E 56 14.45 -28.41 15.73
C ALA E 56 14.16 -29.86 16.08
N LEU E 57 12.96 -30.33 15.75
CA LEU E 57 12.62 -31.72 16.07
C LEU E 57 13.45 -32.70 15.26
N ALA E 58 13.71 -32.39 13.99
CA ALA E 58 14.52 -33.26 13.16
C ALA E 58 15.91 -33.44 13.75
N ALA E 59 16.53 -32.35 14.22
CA ALA E 59 17.84 -32.46 14.84
C ALA E 59 17.77 -33.32 16.10
N GLU E 60 16.71 -33.14 16.89
CA GLU E 60 16.54 -33.95 18.09
C GLU E 60 16.33 -35.42 17.74
N LEU E 61 15.63 -35.69 16.65
CA LEU E 61 15.37 -37.06 16.20
C LEU E 61 16.51 -37.66 15.39
N GLY E 62 17.51 -36.86 14.99
CA GLY E 62 18.60 -37.40 14.19
C GLY E 62 18.27 -37.61 12.73
N VAL E 63 17.44 -36.74 12.14
CA VAL E 63 17.06 -36.83 10.74
C VAL E 63 17.19 -35.44 10.12
N GLN E 64 17.07 -35.41 8.80
CA GLN E 64 17.03 -34.17 8.03
C GLN E 64 15.62 -33.91 7.54
N VAL E 65 15.20 -32.65 7.59
CA VAL E 65 13.89 -32.22 7.11
C VAL E 65 14.10 -31.12 6.08
N GLU E 66 13.51 -31.30 4.91
CA GLU E 66 13.48 -30.29 3.87
C GLU E 66 12.03 -29.89 3.63
N SER E 67 11.77 -28.58 3.54
CA SER E 67 10.43 -28.06 3.36
C SER E 67 10.25 -27.49 1.97
N PHE E 68 9.05 -27.65 1.44
CA PHE E 68 8.71 -27.15 0.11
C PHE E 68 7.25 -26.72 0.11
N GLN E 69 6.98 -25.51 -0.39
CA GLN E 69 5.65 -24.97 -0.53
C GLN E 69 5.45 -24.50 -1.96
N THR E 70 4.25 -24.73 -2.49
CA THR E 70 3.89 -24.25 -3.81
C THR E 70 2.38 -24.08 -3.88
N ASN E 71 1.95 -23.20 -4.79
CA ASN E 71 0.54 -23.03 -5.11
C ASN E 71 0.19 -23.66 -6.46
N SER E 72 1.17 -24.28 -7.12
CA SER E 72 0.98 -24.89 -8.43
C SER E 72 0.85 -26.41 -8.28
N GLU E 73 -0.28 -26.95 -8.77
CA GLU E 73 -0.49 -28.39 -8.68
C GLU E 73 0.61 -29.16 -9.41
N GLY E 74 1.05 -28.66 -10.56
CA GLY E 74 2.11 -29.32 -11.29
C GLY E 74 3.44 -29.27 -10.56
N ALA E 75 3.75 -28.12 -9.96
CA ALA E 75 4.99 -28.02 -9.18
C ALA E 75 4.97 -29.00 -8.01
N MET E 76 3.81 -29.16 -7.38
CA MET E 76 3.68 -30.12 -6.28
C MET E 76 3.91 -31.54 -6.77
N CYS E 77 3.27 -31.92 -7.88
CA CYS E 77 3.47 -33.26 -8.43
C CYS E 77 4.92 -33.47 -8.83
N GLU E 78 5.54 -32.45 -9.45
CA GLU E 78 6.92 -32.59 -9.87
C GLU E 78 7.88 -32.68 -8.69
N ARG E 79 7.58 -31.98 -7.59
CA ARG E 79 8.40 -32.14 -6.39
C ARG E 79 8.29 -33.56 -5.84
N ILE E 80 7.10 -34.15 -5.95
CA ILE E 80 6.92 -35.53 -5.52
C ILE E 80 7.72 -36.48 -6.41
N HIS E 81 7.69 -36.24 -7.73
CA HIS E 81 8.52 -37.04 -8.63
C HIS E 81 9.98 -36.96 -8.25
N GLN E 82 10.45 -35.77 -7.93
CA GLN E 82 11.83 -35.58 -7.52
C GLN E 82 12.11 -36.35 -6.22
N ALA E 83 11.15 -36.35 -5.29
CA ALA E 83 11.30 -37.13 -4.06
C ALA E 83 11.39 -38.62 -4.33
N PHE E 84 10.67 -39.10 -5.34
CA PHE E 84 10.77 -40.50 -5.72
C PHE E 84 12.15 -40.81 -6.30
N GLU E 85 12.62 -39.99 -7.24
CA GLU E 85 13.91 -40.24 -7.88
C GLU E 85 15.07 -40.09 -6.90
N GLU E 86 14.95 -39.18 -5.94
CA GLU E 86 16.01 -38.94 -4.96
C GLU E 86 15.95 -39.89 -3.77
N ARG E 87 15.05 -40.88 -3.80
CA ARG E 87 14.95 -41.90 -2.76
C ARG E 87 14.77 -41.29 -1.38
N CYS E 88 13.88 -40.29 -1.31
CA CYS E 88 13.49 -39.68 -0.05
C CYS E 88 12.97 -40.75 0.92
N ASP E 89 13.28 -40.57 2.21
CA ASP E 89 12.95 -41.61 3.18
C ASP E 89 11.52 -41.56 3.68
N ALA E 90 10.93 -40.37 3.76
CA ALA E 90 9.56 -40.23 4.19
C ALA E 90 9.07 -38.85 3.78
N VAL E 91 7.77 -38.76 3.52
CA VAL E 91 7.14 -37.54 3.03
C VAL E 91 6.00 -37.15 3.96
N LEU E 92 6.00 -35.90 4.40
CA LEU E 92 4.88 -35.28 5.09
C LEU E 92 4.19 -34.33 4.13
N ILE E 93 2.87 -34.41 4.03
CA ILE E 93 2.15 -33.52 3.12
C ILE E 93 0.92 -32.96 3.83
N ASN E 94 0.77 -31.64 3.78
CA ASN E 94 -0.46 -30.92 4.13
C ASN E 94 -0.76 -30.14 2.86
N ALA E 95 -1.53 -30.75 1.96
CA ALA E 95 -1.75 -30.18 0.65
C ALA E 95 -2.79 -29.07 0.66
N GLY E 96 -3.32 -28.71 1.83
CA GLY E 96 -4.35 -27.69 1.88
C GLY E 96 -5.62 -28.20 1.22
N ALA E 97 -6.32 -27.30 0.53
CA ALA E 97 -7.58 -27.66 -0.11
C ALA E 97 -7.40 -28.74 -1.17
N TRP E 98 -6.18 -28.88 -1.72
CA TRP E 98 -5.90 -29.95 -2.69
C TRP E 98 -6.25 -31.33 -2.12
N THR E 99 -6.19 -31.47 -0.79
CA THR E 99 -6.49 -32.74 -0.12
C THR E 99 -7.83 -33.31 -0.57
N HIS E 100 -8.77 -32.44 -0.92
CA HIS E 100 -10.15 -32.84 -1.13
C HIS E 100 -10.56 -32.94 -2.59
N TYR E 101 -9.64 -32.74 -3.55
CA TYR E 101 -10.04 -32.92 -4.94
C TYR E 101 -8.89 -33.23 -5.90
N SER E 102 -7.64 -32.99 -5.50
CA SER E 102 -6.57 -33.10 -6.49
C SER E 102 -6.19 -34.57 -6.68
N TYR E 103 -6.88 -35.24 -7.61
CA TYR E 103 -6.49 -36.60 -7.95
C TYR E 103 -5.13 -36.64 -8.65
N GLY E 104 -4.70 -35.52 -9.23
CA GLY E 104 -3.36 -35.48 -9.79
C GLY E 104 -2.28 -35.63 -8.73
N ILE E 105 -2.41 -34.91 -7.62
CA ILE E 105 -1.45 -35.06 -6.54
C ILE E 105 -1.57 -36.45 -5.93
N ARG E 106 -2.79 -37.00 -5.89
CA ARG E 106 -2.97 -38.36 -5.39
C ARG E 106 -2.18 -39.36 -6.21
N ASP E 107 -2.29 -39.29 -7.55
CA ASP E 107 -1.55 -40.24 -8.38
C ASP E 107 -0.05 -39.95 -8.40
N ALA E 108 0.35 -38.73 -8.04
CA ALA E 108 1.77 -38.45 -7.85
C ALA E 108 2.28 -39.13 -6.58
N LEU E 109 1.54 -39.00 -5.47
CA LEU E 109 1.94 -39.65 -4.22
C LEU E 109 2.00 -41.16 -4.36
N ALA E 110 1.16 -41.74 -5.21
CA ALA E 110 1.15 -43.18 -5.41
C ALA E 110 2.46 -43.69 -5.99
N ILE E 111 3.21 -42.85 -6.70
CA ILE E 111 4.49 -43.28 -7.26
C ILE E 111 5.50 -43.54 -6.14
N LEU E 112 5.38 -42.80 -5.03
CA LEU E 112 6.31 -42.96 -3.92
C LEU E 112 6.21 -44.37 -3.32
N THR E 113 7.35 -44.86 -2.84
CA THR E 113 7.42 -46.10 -2.07
C THR E 113 7.81 -45.87 -0.62
N CYS E 114 8.20 -44.64 -0.26
CA CYS E 114 8.49 -44.30 1.12
C CYS E 114 7.20 -44.03 1.88
N PRO E 115 7.23 -44.06 3.20
CA PRO E 115 6.03 -43.73 3.98
C PRO E 115 5.60 -42.30 3.71
N VAL E 116 4.29 -42.10 3.57
CA VAL E 116 3.71 -40.79 3.38
C VAL E 116 2.72 -40.52 4.50
N VAL E 117 2.85 -39.35 5.14
CA VAL E 117 2.00 -38.96 6.26
C VAL E 117 1.22 -37.72 5.86
N GLU E 118 -0.11 -37.82 5.89
CA GLU E 118 -0.99 -36.69 5.66
C GLU E 118 -1.30 -36.01 6.99
N LEU E 119 -1.28 -34.67 7.00
CA LEU E 119 -1.49 -33.93 8.24
C LEU E 119 -2.29 -32.66 7.99
N HIS E 120 -3.00 -32.22 9.04
CA HIS E 120 -3.73 -30.96 9.01
C HIS E 120 -3.67 -30.31 10.38
N MET E 121 -3.61 -28.98 10.41
CA MET E 121 -3.63 -28.28 11.68
C MET E 121 -4.99 -28.37 12.34
N SER E 122 -6.05 -28.27 11.55
CA SER E 122 -7.42 -28.24 12.06
C SER E 122 -8.06 -29.63 11.99
N ASN E 123 -9.17 -29.77 12.71
CA ASN E 123 -9.95 -31.00 12.67
C ASN E 123 -10.86 -30.92 11.44
N VAL E 124 -10.32 -31.33 10.29
CA VAL E 124 -11.03 -31.22 9.02
C VAL E 124 -12.31 -32.05 9.02
N HIS E 125 -12.36 -33.13 9.80
CA HIS E 125 -13.57 -33.95 9.83
C HIS E 125 -14.71 -33.27 10.57
N ALA E 126 -14.46 -32.14 11.23
CA ALA E 126 -15.48 -31.39 11.92
C ALA E 126 -15.74 -30.03 11.28
N ARG E 127 -15.28 -29.82 10.06
CA ARG E 127 -15.46 -28.58 9.32
C ARG E 127 -16.49 -28.81 8.22
N GLU E 128 -16.38 -28.06 7.12
CA GLU E 128 -17.32 -28.20 6.01
C GLU E 128 -17.24 -29.62 5.45
N PRO E 129 -18.38 -30.16 5.01
CA PRO E 129 -18.40 -31.55 4.49
C PRO E 129 -17.33 -31.87 3.45
N PHE E 130 -17.01 -30.95 2.54
CA PHE E 130 -16.01 -31.26 1.53
C PHE E 130 -14.62 -31.50 2.13
N ARG E 131 -14.35 -30.97 3.32
CA ARG E 131 -13.07 -31.24 3.97
C ARG E 131 -13.06 -32.56 4.72
N HIS E 132 -14.19 -33.26 4.79
CA HIS E 132 -14.20 -34.51 5.55
C HIS E 132 -13.48 -35.63 4.80
N HIS E 133 -13.38 -35.52 3.48
CA HIS E 133 -12.82 -36.60 2.67
C HIS E 133 -11.47 -36.18 2.10
N SER E 134 -10.50 -37.07 2.22
CA SER E 134 -9.20 -36.90 1.61
C SER E 134 -9.08 -37.87 0.46
N VAL E 135 -8.70 -37.36 -0.73
CA VAL E 135 -8.46 -38.24 -1.86
C VAL E 135 -7.11 -38.94 -1.77
N PHE E 136 -6.34 -38.68 -0.70
CA PHE E 136 -5.04 -39.31 -0.50
C PHE E 136 -5.11 -40.56 0.37
N SER E 137 -6.27 -40.89 0.94
CA SER E 137 -6.33 -41.91 1.99
C SER E 137 -5.73 -43.25 1.56
N GLU E 138 -5.88 -43.62 0.30
CA GLU E 138 -5.39 -44.92 -0.14
C GLU E 138 -3.90 -44.95 -0.48
N VAL E 139 -3.23 -43.80 -0.49
CA VAL E 139 -1.82 -43.73 -0.85
C VAL E 139 -0.96 -43.15 0.27
N VAL E 140 -1.48 -43.06 1.50
CA VAL E 140 -0.71 -42.60 2.64
C VAL E 140 -0.77 -43.65 3.74
N VAL E 141 0.23 -43.63 4.62
CA VAL E 141 0.24 -44.54 5.76
C VAL E 141 -0.87 -44.17 6.73
N GLY E 142 -1.09 -42.89 6.95
CA GLY E 142 -2.11 -42.48 7.89
C GLY E 142 -2.26 -40.98 7.91
N GLN E 143 -3.10 -40.50 8.82
CA GLN E 143 -3.47 -39.10 8.86
C GLN E 143 -3.41 -38.60 10.31
N ILE E 144 -3.02 -37.33 10.45
CA ILE E 144 -3.00 -36.63 11.73
C ILE E 144 -3.65 -35.26 11.52
N CYS E 145 -4.66 -34.95 12.32
CA CYS E 145 -5.35 -33.68 12.13
C CYS E 145 -5.86 -33.15 13.46
N GLY E 146 -5.90 -31.81 13.58
CA GLY E 146 -6.57 -31.15 14.67
C GLY E 146 -5.68 -30.52 15.73
N PHE E 147 -4.36 -30.73 15.66
CA PHE E 147 -3.49 -30.34 16.76
C PHE E 147 -2.65 -29.11 16.46
N GLY E 148 -3.04 -28.33 15.46
CA GLY E 148 -2.36 -27.09 15.18
C GLY E 148 -0.90 -27.31 14.81
N MET E 149 -0.02 -26.51 15.40
CA MET E 149 1.40 -26.65 15.13
C MET E 149 1.88 -28.07 15.39
N GLU E 150 1.34 -28.69 16.45
CA GLU E 150 1.78 -30.01 16.86
C GLU E 150 1.51 -31.07 15.79
N SER E 151 0.57 -30.82 14.89
CA SER E 151 0.31 -31.76 13.80
C SER E 151 1.56 -32.00 12.97
N TYR E 152 2.31 -30.94 12.67
CA TYR E 152 3.54 -31.09 11.91
C TYR E 152 4.57 -31.89 12.69
N LEU E 153 4.73 -31.60 13.98
CA LEU E 153 5.73 -32.30 14.78
C LEU E 153 5.36 -33.77 14.97
N LEU E 154 4.07 -34.06 15.18
CA LEU E 154 3.65 -35.45 15.30
C LEU E 154 3.87 -36.20 14.00
N ALA E 155 3.62 -35.53 12.86
CA ALA E 155 3.81 -36.20 11.58
C ALA E 155 5.27 -36.58 11.36
N LEU E 156 6.19 -35.67 11.70
CA LEU E 156 7.61 -35.98 11.59
C LEU E 156 7.98 -37.17 12.47
N ARG E 157 7.47 -37.20 13.70
CA ARG E 157 7.71 -38.35 14.56
C ARG E 157 7.16 -39.63 13.94
N ALA E 158 5.94 -39.57 13.39
CA ALA E 158 5.35 -40.75 12.76
C ALA E 158 6.20 -41.23 11.59
N ALA E 159 6.66 -40.30 10.74
CA ALA E 159 7.46 -40.68 9.59
C ALA E 159 8.78 -41.32 10.01
N VAL E 160 9.43 -40.76 11.03
CA VAL E 160 10.72 -41.32 11.46
C VAL E 160 10.52 -42.73 12.01
N ALA E 161 9.45 -42.95 12.77
CA ALA E 161 9.20 -44.29 13.29
C ALA E 161 8.80 -45.26 12.19
N GLN E 162 8.16 -44.77 11.11
CA GLN E 162 7.82 -45.66 10.01
C GLN E 162 9.07 -46.18 9.30
N SER E 163 10.09 -45.33 9.18
CA SER E 163 11.34 -45.75 8.55
C SER E 163 12.11 -46.66 9.50
N MET F 20 30.34 -29.44 -3.82
CA MET F 20 30.18 -29.91 -5.20
C MET F 20 30.26 -28.74 -6.17
N LYS F 21 30.90 -28.95 -7.32
CA LYS F 21 31.04 -27.88 -8.30
C LYS F 21 29.75 -27.66 -9.06
N LYS F 22 29.41 -26.38 -9.29
CA LYS F 22 28.18 -26.00 -9.96
C LYS F 22 28.51 -25.43 -11.34
N VAL F 23 27.90 -26.01 -12.36
CA VAL F 23 28.08 -25.60 -13.75
C VAL F 23 26.76 -25.04 -14.26
N LEU F 24 26.82 -23.91 -14.96
CA LEU F 24 25.65 -23.25 -15.49
C LEU F 24 25.61 -23.39 -16.99
N MET F 25 24.48 -23.89 -17.52
CA MET F 25 24.27 -24.05 -18.95
C MET F 25 23.36 -22.93 -19.44
N LEU F 26 23.85 -22.14 -20.39
CA LEU F 26 23.14 -20.97 -20.91
C LEU F 26 22.68 -21.27 -22.34
N HIS F 27 21.38 -21.45 -22.53
CA HIS F 27 20.78 -21.62 -23.85
C HIS F 27 20.32 -20.28 -24.40
N GLY F 28 20.63 -20.02 -25.67
CA GLY F 28 20.45 -18.70 -26.26
C GLY F 28 19.13 -18.53 -27.00
N ILE F 29 19.09 -17.46 -27.80
CA ILE F 29 17.87 -17.02 -28.44
C ILE F 29 17.38 -18.07 -29.44
N ASN F 30 16.06 -18.27 -29.48
CA ASN F 30 15.33 -19.20 -30.34
C ASN F 30 15.47 -20.65 -29.92
N HIS F 31 16.26 -20.95 -28.88
CA HIS F 31 16.52 -22.34 -28.53
C HIS F 31 15.35 -23.01 -27.82
N ASN F 32 14.37 -22.25 -27.34
CA ASN F 32 13.15 -22.86 -26.84
C ASN F 32 12.41 -23.62 -27.93
N MET F 33 12.71 -23.37 -29.20
CA MET F 33 12.05 -24.07 -30.29
C MET F 33 12.84 -25.29 -30.77
N PHE F 34 13.94 -25.62 -30.10
CA PHE F 34 14.69 -26.84 -30.45
C PHE F 34 13.76 -28.05 -30.39
N GLY F 35 13.74 -28.81 -31.47
CA GLY F 35 12.96 -30.04 -31.49
C GLY F 35 11.48 -29.85 -31.69
N LYS F 36 11.03 -28.62 -31.92
CA LYS F 36 9.61 -28.34 -32.09
C LYS F 36 9.28 -27.99 -33.54
N ARG F 37 10.21 -28.21 -34.44
CA ARG F 37 10.04 -27.98 -35.86
C ARG F 37 9.74 -29.32 -36.53
N ASP F 38 9.92 -29.40 -37.85
CA ASP F 38 9.63 -30.61 -38.61
C ASP F 38 10.45 -31.77 -38.07
N PRO F 39 9.83 -32.85 -37.58
CA PRO F 39 10.62 -33.96 -37.03
C PRO F 39 11.48 -34.66 -38.07
N VAL F 40 11.00 -34.76 -39.30
CA VAL F 40 11.75 -35.45 -40.34
C VAL F 40 12.98 -34.65 -40.77
N GLN F 41 12.84 -33.32 -40.86
CA GLN F 41 13.90 -32.48 -41.39
C GLN F 41 14.83 -31.90 -40.32
N TYR F 42 14.31 -31.62 -39.12
CA TYR F 42 15.07 -30.94 -38.09
C TYR F 42 15.27 -31.79 -36.84
N GLY F 43 14.74 -33.01 -36.83
CA GLY F 43 14.83 -33.88 -35.68
C GLY F 43 13.88 -33.48 -34.58
N THR F 44 14.01 -34.20 -33.46
CA THR F 44 13.14 -33.99 -32.31
C THR F 44 13.91 -33.67 -31.04
N ILE F 45 15.20 -33.36 -31.14
CA ILE F 45 16.00 -33.10 -29.94
C ILE F 45 15.51 -31.79 -29.36
N THR F 46 15.03 -31.83 -28.11
CA THR F 46 14.48 -30.66 -27.46
C THR F 46 15.43 -30.17 -26.39
N LEU F 47 15.20 -28.92 -25.98
CA LEU F 47 15.98 -28.34 -24.90
C LEU F 47 15.78 -29.13 -23.61
N SER F 48 14.57 -29.66 -23.40
CA SER F 48 14.31 -30.48 -22.23
C SER F 48 15.12 -31.77 -22.27
N GLU F 49 15.21 -32.39 -23.44
CA GLU F 49 16.03 -33.59 -23.59
C GLU F 49 17.51 -33.29 -23.41
N ILE F 50 17.97 -32.14 -23.92
CA ILE F 50 19.36 -31.77 -23.73
C ILE F 50 19.67 -31.59 -22.26
N ASP F 51 18.81 -30.87 -21.54
CA ASP F 51 19.05 -30.63 -20.12
C ASP F 51 19.05 -31.93 -19.32
N ASN F 52 18.21 -32.89 -19.70
CA ASN F 52 18.19 -34.18 -19.00
C ASN F 52 19.51 -34.92 -19.17
N ARG F 53 20.03 -34.96 -20.41
CA ARG F 53 21.30 -35.64 -20.64
C ARG F 53 22.43 -34.99 -19.87
N LEU F 54 22.41 -33.66 -19.78
CA LEU F 54 23.43 -32.95 -19.00
C LEU F 54 23.35 -33.35 -17.54
N GLN F 55 22.13 -33.46 -17.00
CA GLN F 55 21.97 -33.89 -15.61
C GLN F 55 22.49 -35.31 -15.41
N ALA F 56 22.22 -36.19 -16.38
CA ALA F 56 22.71 -37.57 -16.30
C ALA F 56 24.23 -37.60 -16.32
N LEU F 57 24.85 -36.85 -17.23
CA LEU F 57 26.30 -36.83 -17.28
C LEU F 57 26.89 -36.14 -16.05
N ALA F 58 26.23 -35.07 -15.57
CA ALA F 58 26.70 -34.35 -14.41
C ALA F 58 26.79 -35.26 -13.18
N ALA F 59 25.79 -36.10 -12.96
CA ALA F 59 25.83 -37.02 -11.82
C ALA F 59 27.02 -37.96 -11.95
N GLU F 60 27.28 -38.43 -13.17
CA GLU F 60 28.43 -39.31 -13.41
C GLU F 60 29.74 -38.60 -13.13
N LEU F 61 29.83 -37.31 -13.44
CA LEU F 61 31.02 -36.53 -13.19
C LEU F 61 31.11 -36.00 -11.78
N GLY F 62 30.04 -36.08 -10.99
CA GLY F 62 30.07 -35.56 -9.64
C GLY F 62 29.92 -34.06 -9.54
N VAL F 63 29.14 -33.43 -10.42
CA VAL F 63 28.91 -31.99 -10.41
C VAL F 63 27.42 -31.72 -10.57
N GLN F 64 27.03 -30.47 -10.35
CA GLN F 64 25.66 -30.01 -10.53
C GLN F 64 25.58 -29.16 -11.79
N VAL F 65 24.47 -29.31 -12.52
CA VAL F 65 24.25 -28.53 -13.74
C VAL F 65 22.91 -27.81 -13.61
N GLU F 66 22.93 -26.50 -13.83
CA GLU F 66 21.73 -25.69 -13.89
C GLU F 66 21.61 -25.09 -15.28
N SER F 67 20.40 -25.16 -15.85
CA SER F 67 20.14 -24.68 -17.20
C SER F 67 19.27 -23.42 -17.17
N PHE F 68 19.51 -22.55 -18.14
CA PHE F 68 18.77 -21.30 -18.28
C PHE F 68 18.65 -20.99 -19.76
N GLN F 69 17.43 -20.68 -20.20
CA GLN F 69 17.18 -20.28 -21.58
C GLN F 69 16.44 -18.96 -21.61
N THR F 70 16.80 -18.10 -22.56
CA THR F 70 16.08 -16.84 -22.71
C THR F 70 16.22 -16.34 -24.13
N ASN F 71 15.25 -15.54 -24.55
CA ASN F 71 15.28 -14.85 -25.83
C ASN F 71 15.60 -13.36 -25.67
N SER F 72 15.84 -12.91 -24.44
CA SER F 72 16.12 -11.51 -24.17
C SER F 72 17.62 -11.34 -23.93
N GLU F 73 18.25 -10.47 -24.71
CA GLU F 73 19.68 -10.24 -24.56
C GLU F 73 20.01 -9.74 -23.16
N GLY F 74 19.17 -8.86 -22.60
CA GLY F 74 19.40 -8.38 -21.25
C GLY F 74 19.25 -9.45 -20.20
N ALA F 75 18.23 -10.31 -20.34
CA ALA F 75 18.06 -11.40 -19.38
C ALA F 75 19.26 -12.34 -19.41
N MET F 76 19.82 -12.58 -20.59
CA MET F 76 21.02 -13.41 -20.69
C MET F 76 22.20 -12.76 -19.95
N CYS F 77 22.42 -11.46 -20.20
CA CYS F 77 23.50 -10.75 -19.51
C CYS F 77 23.29 -10.74 -18.00
N GLU F 78 22.05 -10.54 -17.56
CA GLU F 78 21.80 -10.50 -16.13
C GLU F 78 21.98 -11.88 -15.48
N ARG F 79 21.62 -12.95 -16.19
CA ARG F 79 21.92 -14.28 -15.69
C ARG F 79 23.42 -14.51 -15.59
N ILE F 80 24.19 -13.94 -16.52
CA ILE F 80 25.65 -14.01 -16.44
C ILE F 80 26.17 -13.22 -15.24
N HIS F 81 25.62 -12.02 -15.01
CA HIS F 81 25.98 -11.25 -13.81
C HIS F 81 25.72 -12.06 -12.56
N GLN F 82 24.58 -12.75 -12.51
CA GLN F 82 24.24 -13.59 -11.35
C GLN F 82 25.25 -14.71 -11.18
N ALA F 83 25.68 -15.33 -12.30
CA ALA F 83 26.68 -16.39 -12.23
C ALA F 83 28.00 -15.88 -11.69
N PHE F 84 28.34 -14.62 -11.98
CA PHE F 84 29.53 -14.03 -11.40
C PHE F 84 29.34 -13.85 -9.90
N GLU F 85 28.19 -13.30 -9.50
CA GLU F 85 27.94 -13.03 -8.10
C GLU F 85 27.87 -14.32 -7.29
N GLU F 86 27.34 -15.38 -7.90
CA GLU F 86 27.20 -16.67 -7.23
C GLU F 86 28.44 -17.54 -7.33
N ARG F 87 29.51 -17.02 -7.93
CA ARG F 87 30.79 -17.72 -8.02
C ARG F 87 30.62 -19.11 -8.64
N CYS F 88 29.86 -19.15 -9.72
CA CYS F 88 29.71 -20.36 -10.53
C CYS F 88 31.07 -20.90 -10.95
N ASP F 89 31.19 -22.23 -10.99
CA ASP F 89 32.49 -22.88 -11.24
C ASP F 89 32.85 -22.94 -12.71
N ALA F 90 31.86 -23.02 -13.60
CA ALA F 90 32.10 -23.02 -15.03
C ALA F 90 30.79 -22.71 -15.74
N VAL F 91 30.90 -22.11 -16.92
CA VAL F 91 29.73 -21.72 -17.71
C VAL F 91 29.86 -22.33 -19.10
N LEU F 92 28.80 -23.00 -19.54
CA LEU F 92 28.67 -23.46 -20.92
C LEU F 92 27.66 -22.56 -21.61
N ILE F 93 27.97 -22.09 -22.81
CA ILE F 93 27.06 -21.18 -23.50
C ILE F 93 26.94 -21.57 -24.97
N ASN F 94 25.70 -21.72 -25.43
CA ASN F 94 25.31 -21.81 -26.83
C ASN F 94 24.33 -20.66 -27.03
N ALA F 95 24.85 -19.49 -27.38
CA ALA F 95 24.03 -18.28 -27.44
C ALA F 95 23.19 -18.18 -28.69
N GLY F 96 23.21 -19.18 -29.57
CA GLY F 96 22.45 -19.10 -30.80
C GLY F 96 23.02 -18.03 -31.70
N ALA F 97 22.13 -17.33 -32.42
CA ALA F 97 22.58 -16.31 -33.36
C ALA F 97 23.32 -15.17 -32.65
N TRP F 98 23.07 -14.97 -31.36
CA TRP F 98 23.76 -13.94 -30.60
C TRP F 98 25.27 -14.07 -30.69
N THR F 99 25.76 -15.30 -30.89
CA THR F 99 27.19 -15.57 -30.97
C THR F 99 27.90 -14.65 -31.97
N HIS F 100 27.18 -14.21 -33.00
CA HIS F 100 27.80 -13.54 -34.13
C HIS F 100 27.57 -12.02 -34.12
N TYR F 101 26.95 -11.46 -33.07
CA TYR F 101 26.80 -10.00 -33.06
C TYR F 101 26.62 -9.37 -31.68
N SER F 102 26.27 -10.16 -30.66
CA SER F 102 25.95 -9.57 -29.36
C SER F 102 27.22 -9.25 -28.58
N TYR F 103 27.76 -8.04 -28.80
CA TYR F 103 28.89 -7.59 -28.00
C TYR F 103 28.49 -7.35 -26.55
N GLY F 104 27.20 -7.09 -26.30
CA GLY F 104 26.74 -6.95 -24.92
C GLY F 104 26.91 -8.23 -24.12
N ILE F 105 26.53 -9.36 -24.72
CA ILE F 105 26.76 -10.63 -24.03
C ILE F 105 28.26 -10.92 -23.93
N ARG F 106 29.02 -10.51 -24.94
CA ARG F 106 30.47 -10.69 -24.89
C ARG F 106 31.07 -10.01 -23.67
N ASP F 107 30.70 -8.75 -23.43
CA ASP F 107 31.23 -8.03 -22.28
C ASP F 107 30.66 -8.52 -20.97
N ALA F 108 29.50 -9.17 -21.00
CA ALA F 108 29.00 -9.84 -19.80
C ALA F 108 29.84 -11.06 -19.48
N LEU F 109 30.14 -11.90 -20.48
CA LEU F 109 30.99 -13.06 -20.25
C LEU F 109 32.39 -12.64 -19.80
N ALA F 110 32.87 -11.48 -20.26
CA ALA F 110 34.20 -11.02 -19.87
C ALA F 110 34.28 -10.73 -18.38
N ILE F 111 33.15 -10.45 -17.73
CA ILE F 111 33.15 -10.21 -16.30
C ILE F 111 33.45 -11.49 -15.54
N LEU F 112 33.06 -12.64 -16.10
CA LEU F 112 33.29 -13.92 -15.43
C LEU F 112 34.77 -14.22 -15.31
N THR F 113 35.14 -14.87 -14.20
CA THR F 113 36.49 -15.35 -13.99
C THR F 113 36.59 -16.87 -14.01
N CYS F 114 35.46 -17.57 -14.05
CA CYS F 114 35.44 -19.01 -14.20
C CYS F 114 35.61 -19.40 -15.67
N PRO F 115 35.98 -20.65 -15.95
CA PRO F 115 36.07 -21.07 -17.36
C PRO F 115 34.71 -20.99 -18.05
N VAL F 116 34.74 -20.50 -19.29
CA VAL F 116 33.56 -20.39 -20.14
C VAL F 116 33.80 -21.23 -21.39
N VAL F 117 32.83 -22.08 -21.74
CA VAL F 117 32.95 -22.96 -22.89
C VAL F 117 31.86 -22.60 -23.88
N GLU F 118 32.25 -22.23 -25.10
CA GLU F 118 31.30 -21.99 -26.18
C GLU F 118 31.05 -23.28 -26.94
N LEU F 119 29.77 -23.53 -27.27
CA LEU F 119 29.41 -24.76 -27.95
C LEU F 119 28.30 -24.51 -28.95
N HIS F 120 28.26 -25.35 -29.98
CA HIS F 120 27.20 -25.32 -30.98
C HIS F 120 26.90 -26.74 -31.42
N MET F 121 25.64 -26.99 -31.75
CA MET F 121 25.26 -28.28 -32.29
C MET F 121 25.79 -28.47 -33.71
N SER F 122 25.72 -27.42 -34.54
CA SER F 122 26.11 -27.52 -35.94
C SER F 122 27.54 -27.02 -36.16
N ASN F 123 28.09 -27.36 -37.33
CA ASN F 123 29.41 -26.89 -37.74
C ASN F 123 29.25 -25.50 -38.33
N VAL F 124 29.24 -24.50 -37.45
CA VAL F 124 28.97 -23.13 -37.84
C VAL F 124 30.02 -22.61 -38.81
N HIS F 125 31.25 -23.14 -38.74
CA HIS F 125 32.30 -22.70 -39.65
C HIS F 125 32.07 -23.18 -41.08
N ALA F 126 31.10 -24.06 -41.29
CA ALA F 126 30.77 -24.54 -42.63
C ALA F 126 29.38 -24.09 -43.07
N ARG F 127 28.78 -23.11 -42.40
CA ARG F 127 27.47 -22.60 -42.72
C ARG F 127 27.60 -21.21 -43.34
N GLU F 128 26.60 -20.36 -43.17
CA GLU F 128 26.67 -19.03 -43.74
C GLU F 128 27.86 -18.26 -43.17
N PRO F 129 28.50 -17.41 -43.97
CA PRO F 129 29.68 -16.69 -43.49
C PRO F 129 29.51 -15.97 -42.16
N PHE F 130 28.35 -15.38 -41.90
CA PHE F 130 28.19 -14.64 -40.65
C PHE F 130 28.28 -15.55 -39.44
N ARG F 131 27.99 -16.84 -39.59
CA ARG F 131 28.14 -17.76 -38.46
C ARG F 131 29.57 -18.22 -38.27
N HIS F 132 30.48 -17.85 -39.17
CA HIS F 132 31.85 -18.32 -39.03
C HIS F 132 32.58 -17.60 -37.91
N HIS F 133 32.13 -16.41 -37.52
CA HIS F 133 32.82 -15.61 -36.52
C HIS F 133 32.02 -15.58 -35.23
N SER F 134 32.71 -15.82 -34.12
CA SER F 134 32.13 -15.69 -32.79
C SER F 134 32.69 -14.44 -32.13
N VAL F 135 31.81 -13.58 -31.61
CA VAL F 135 32.28 -12.42 -30.88
C VAL F 135 32.70 -12.76 -29.45
N PHE F 136 32.58 -14.04 -29.06
CA PHE F 136 32.97 -14.51 -27.74
C PHE F 136 34.39 -15.08 -27.70
N SER F 137 35.08 -15.18 -28.83
CA SER F 137 36.32 -15.96 -28.90
C SER F 137 37.37 -15.51 -27.89
N GLU F 138 37.44 -14.21 -27.59
CA GLU F 138 38.47 -13.74 -26.67
C GLU F 138 38.09 -13.91 -25.20
N VAL F 139 36.84 -14.26 -24.88
CA VAL F 139 36.39 -14.34 -23.50
C VAL F 139 35.93 -15.74 -23.13
N VAL F 140 36.27 -16.74 -23.93
CA VAL F 140 35.96 -18.14 -23.63
C VAL F 140 37.26 -18.92 -23.66
N VAL F 141 37.26 -20.06 -22.97
CA VAL F 141 38.42 -20.94 -22.99
C VAL F 141 38.57 -21.60 -24.36
N GLY F 142 37.44 -21.98 -24.95
CA GLY F 142 37.49 -22.65 -26.24
C GLY F 142 36.10 -22.88 -26.76
N GLN F 143 36.05 -23.61 -27.88
CA GLN F 143 34.81 -23.77 -28.63
C GLN F 143 34.66 -25.23 -29.04
N ILE F 144 33.42 -25.69 -29.07
CA ILE F 144 33.05 -27.03 -29.52
C ILE F 144 31.84 -26.90 -30.45
N CYS F 145 31.95 -27.43 -31.66
CA CYS F 145 30.84 -27.30 -32.58
C CYS F 145 30.75 -28.51 -33.51
N GLY F 146 29.54 -28.81 -33.93
CA GLY F 146 29.29 -29.74 -35.01
C GLY F 146 28.77 -31.10 -34.60
N PHE F 147 28.73 -31.40 -33.30
CA PHE F 147 28.49 -32.76 -32.82
C PHE F 147 27.09 -32.98 -32.28
N GLY F 148 26.15 -32.09 -32.62
CA GLY F 148 24.76 -32.30 -32.24
C GLY F 148 24.59 -32.30 -30.73
N MET F 149 23.84 -33.29 -30.25
CA MET F 149 23.62 -33.43 -28.82
C MET F 149 24.93 -33.55 -28.07
N GLU F 150 25.91 -34.25 -28.66
CA GLU F 150 27.18 -34.49 -28.01
C GLU F 150 27.96 -33.20 -27.73
N SER F 151 27.69 -32.12 -28.47
CA SER F 151 28.37 -30.86 -28.20
C SER F 151 28.14 -30.40 -26.77
N TYR F 152 26.90 -30.54 -26.26
CA TYR F 152 26.62 -30.17 -24.88
C TYR F 152 27.39 -31.06 -23.92
N LEU F 153 27.38 -32.38 -24.15
CA LEU F 153 28.03 -33.30 -23.24
C LEU F 153 29.54 -33.13 -23.25
N LEU F 154 30.13 -32.89 -24.42
CA LEU F 154 31.57 -32.65 -24.49
C LEU F 154 31.95 -31.35 -23.78
N ALA F 155 31.12 -30.31 -23.93
CA ALA F 155 31.40 -29.04 -23.27
C ALA F 155 31.37 -29.19 -21.75
N LEU F 156 30.39 -29.93 -21.22
CA LEU F 156 30.35 -30.19 -19.79
C LEU F 156 31.60 -30.92 -19.33
N ARG F 157 32.04 -31.93 -20.08
CA ARG F 157 33.29 -32.62 -19.75
C ARG F 157 34.47 -31.66 -19.76
N ALA F 158 34.56 -30.82 -20.80
CA ALA F 158 35.65 -29.87 -20.90
C ALA F 158 35.66 -28.91 -19.72
N ALA F 159 34.49 -28.40 -19.33
CA ALA F 159 34.42 -27.47 -18.20
C ALA F 159 34.83 -28.14 -16.90
N VAL F 160 34.39 -29.38 -16.68
CA VAL F 160 34.75 -30.08 -15.45
C VAL F 160 36.25 -30.34 -15.42
N ALA F 161 36.84 -30.72 -16.55
CA ALA F 161 38.28 -30.93 -16.60
C ALA F 161 39.06 -29.62 -16.43
N GLN F 162 38.48 -28.50 -16.88
CA GLN F 162 39.13 -27.21 -16.68
C GLN F 162 39.18 -26.84 -15.20
N SER F 163 38.13 -27.19 -14.44
CA SER F 163 38.08 -26.85 -13.03
C SER F 163 39.05 -27.70 -12.22
N GLY F 164 39.00 -29.02 -12.40
CA GLY F 164 39.85 -29.94 -11.68
C GLY F 164 41.33 -29.75 -11.98
N MET G 20 -15.54 6.90 2.87
CA MET G 20 -16.54 7.28 1.88
C MET G 20 -16.46 8.78 1.57
N LYS G 21 -16.60 9.15 0.30
CA LYS G 21 -16.54 10.55 -0.09
C LYS G 21 -17.84 11.29 0.22
N LYS G 22 -17.71 12.53 0.64
CA LYS G 22 -18.84 13.35 1.05
C LYS G 22 -19.10 14.47 0.06
N VAL G 23 -20.33 14.55 -0.44
CA VAL G 23 -20.76 15.59 -1.35
C VAL G 23 -21.79 16.44 -0.62
N LEU G 24 -21.66 17.76 -0.75
CA LEU G 24 -22.56 18.69 -0.11
C LEU G 24 -23.43 19.35 -1.17
N MET G 25 -24.74 19.30 -0.97
CA MET G 25 -25.71 19.91 -1.88
C MET G 25 -26.22 21.21 -1.25
N LEU G 26 -26.00 22.33 -1.93
CA LEU G 26 -26.36 23.65 -1.43
C LEU G 26 -27.55 24.18 -2.22
N HIS G 27 -28.72 24.22 -1.57
CA HIS G 27 -29.92 24.80 -2.15
C HIS G 27 -30.02 26.27 -1.74
N GLY G 28 -30.34 27.12 -2.70
CA GLY G 28 -30.28 28.56 -2.51
C GLY G 28 -31.58 29.21 -2.08
N ILE G 29 -31.61 30.53 -2.25
CA ILE G 29 -32.69 31.36 -1.74
C ILE G 29 -33.99 31.01 -2.45
N ASN G 30 -35.09 30.99 -1.68
CA ASN G 30 -36.46 30.68 -2.11
C ASN G 30 -36.70 29.21 -2.41
N HIS G 31 -35.67 28.35 -2.32
CA HIS G 31 -35.87 26.97 -2.76
C HIS G 31 -36.68 26.14 -1.78
N ASN G 32 -36.89 26.63 -0.56
CA ASN G 32 -37.84 25.97 0.33
C ASN G 32 -39.26 25.98 -0.25
N MET G 33 -39.54 26.83 -1.24
CA MET G 33 -40.88 26.88 -1.80
C MET G 33 -41.04 26.02 -3.05
N PHE G 34 -40.01 25.25 -3.43
CA PHE G 34 -40.14 24.35 -4.57
C PHE G 34 -41.32 23.40 -4.38
N GLY G 35 -42.16 23.31 -5.39
CA GLY G 35 -43.27 22.36 -5.34
C GLY G 35 -44.49 22.80 -4.56
N LYS G 36 -44.53 24.03 -4.06
CA LYS G 36 -45.66 24.49 -3.27
C LYS G 36 -46.53 25.50 -4.03
N ARG G 37 -46.28 25.68 -5.32
CA ARG G 37 -47.03 26.61 -6.13
C ARG G 37 -48.09 25.85 -6.94
N ASP G 38 -48.65 26.51 -7.95
CA ASP G 38 -49.68 25.88 -8.77
C ASP G 38 -49.11 24.65 -9.48
N PRO G 39 -49.70 23.47 -9.28
CA PRO G 39 -49.12 22.26 -9.90
C PRO G 39 -49.12 22.30 -11.40
N VAL G 40 -50.14 22.90 -12.03
CA VAL G 40 -50.21 22.89 -13.49
C VAL G 40 -49.09 23.72 -14.10
N GLN G 41 -48.77 24.87 -13.48
CA GLN G 41 -47.77 25.76 -14.06
C GLN G 41 -46.36 25.53 -13.54
N TYR G 42 -46.22 25.13 -12.27
CA TYR G 42 -44.91 25.03 -11.65
C TYR G 42 -44.53 23.63 -11.22
N GLY G 43 -45.43 22.65 -11.41
CA GLY G 43 -45.16 21.30 -10.99
C GLY G 43 -45.27 21.13 -9.49
N THR G 44 -44.91 19.92 -9.04
CA THR G 44 -45.00 19.57 -7.63
C THR G 44 -43.68 19.07 -7.06
N ILE G 45 -42.56 19.29 -7.78
CA ILE G 45 -41.27 18.80 -7.31
C ILE G 45 -40.86 19.60 -6.09
N THR G 46 -40.61 18.91 -4.98
CA THR G 46 -40.26 19.58 -3.74
C THR G 46 -38.79 19.37 -3.43
N LEU G 47 -38.27 20.20 -2.54
CA LEU G 47 -36.88 20.02 -2.11
C LEU G 47 -36.69 18.66 -1.46
N SER G 48 -37.72 18.17 -0.77
CA SER G 48 -37.65 16.86 -0.14
C SER G 48 -37.50 15.75 -1.18
N GLU G 49 -38.24 15.85 -2.30
CA GLU G 49 -38.09 14.84 -3.35
C GLU G 49 -36.71 14.91 -3.98
N ILE G 50 -36.17 16.12 -4.15
CA ILE G 50 -34.84 16.28 -4.73
C ILE G 50 -33.80 15.60 -3.84
N ASP G 51 -33.85 15.88 -2.54
CA ASP G 51 -32.89 15.28 -1.62
C ASP G 51 -33.04 13.76 -1.59
N ASN G 52 -34.27 13.28 -1.68
CA ASN G 52 -34.54 11.85 -1.72
C ASN G 52 -33.89 11.21 -2.94
N ARG G 53 -34.04 11.82 -4.11
CA ARG G 53 -33.45 11.28 -5.33
C ARG G 53 -31.93 11.32 -5.28
N LEU G 54 -31.35 12.36 -4.67
CA LEU G 54 -29.90 12.41 -4.52
C LEU G 54 -29.39 11.29 -3.63
N GLN G 55 -30.09 11.01 -2.53
CA GLN G 55 -29.68 9.92 -1.64
C GLN G 55 -29.78 8.58 -2.35
N ALA G 56 -30.82 8.40 -3.17
CA ALA G 56 -30.97 7.16 -3.93
C ALA G 56 -29.80 6.96 -4.89
N LEU G 57 -29.42 8.01 -5.61
CA LEU G 57 -28.29 7.89 -6.53
C LEU G 57 -26.96 7.78 -5.76
N ALA G 58 -26.83 8.51 -4.66
CA ALA G 58 -25.59 8.48 -3.88
C ALA G 58 -25.26 7.06 -3.40
N ALA G 59 -26.28 6.32 -2.94
CA ALA G 59 -26.02 4.97 -2.45
C ALA G 59 -25.42 4.08 -3.54
N GLU G 60 -25.95 4.15 -4.76
CA GLU G 60 -25.34 3.36 -5.85
C GLU G 60 -23.94 3.84 -6.18
N LEU G 61 -23.68 5.15 -6.10
CA LEU G 61 -22.36 5.64 -6.45
C LEU G 61 -21.34 5.45 -5.34
N GLY G 62 -21.79 5.04 -4.15
CA GLY G 62 -20.87 4.80 -3.05
C GLY G 62 -20.36 6.05 -2.38
N VAL G 63 -21.17 7.10 -2.32
CA VAL G 63 -20.78 8.36 -1.69
C VAL G 63 -21.94 8.80 -0.78
N GLN G 64 -21.63 9.78 0.07
CA GLN G 64 -22.61 10.39 0.95
C GLN G 64 -22.97 11.77 0.42
N VAL G 65 -24.25 12.13 0.54
CA VAL G 65 -24.71 13.44 0.14
C VAL G 65 -25.40 14.08 1.34
N GLU G 66 -24.98 15.31 1.67
CA GLU G 66 -25.61 16.10 2.70
C GLU G 66 -26.23 17.33 2.04
N SER G 67 -27.47 17.64 2.43
CA SER G 67 -28.21 18.75 1.85
C SER G 67 -28.34 19.90 2.84
N PHE G 68 -28.30 21.12 2.30
CA PHE G 68 -28.42 22.33 3.11
C PHE G 68 -29.15 23.38 2.29
N GLN G 69 -30.17 23.99 2.87
CA GLN G 69 -30.90 25.07 2.22
C GLN G 69 -30.95 26.26 3.16
N THR G 70 -30.83 27.47 2.59
CA THR G 70 -30.98 28.68 3.38
C THR G 70 -31.41 29.82 2.48
N ASN G 71 -32.07 30.80 3.08
CA ASN G 71 -32.42 32.03 2.41
C ASN G 71 -31.53 33.18 2.85
N SER G 72 -30.56 32.90 3.71
CA SER G 72 -29.64 33.89 4.25
C SER G 72 -28.32 33.81 3.50
N GLU G 73 -27.92 34.92 2.88
CA GLU G 73 -26.66 34.95 2.14
C GLU G 73 -25.49 34.60 3.04
N GLY G 74 -25.49 35.14 4.26
CA GLY G 74 -24.41 34.86 5.19
C GLY G 74 -24.39 33.41 5.63
N ALA G 75 -25.58 32.84 5.89
CA ALA G 75 -25.66 31.44 6.27
C ALA G 75 -25.11 30.55 5.16
N MET G 76 -25.40 30.91 3.90
CA MET G 76 -24.88 30.14 2.77
C MET G 76 -23.35 30.21 2.72
N CYS G 77 -22.80 31.42 2.86
CA CYS G 77 -21.34 31.57 2.85
C CYS G 77 -20.70 30.81 4.00
N GLU G 78 -21.31 30.86 5.19
CA GLU G 78 -20.71 30.18 6.33
C GLU G 78 -20.77 28.67 6.18
N ARG G 79 -21.83 28.14 5.55
CA ARG G 79 -21.85 26.71 5.26
C ARG G 79 -20.73 26.34 4.29
N ILE G 80 -20.43 27.23 3.34
CA ILE G 80 -19.32 26.98 2.44
C ILE G 80 -18.00 26.99 3.20
N HIS G 81 -17.84 27.94 4.14
CA HIS G 81 -16.66 27.94 5.00
C HIS G 81 -16.52 26.62 5.75
N GLN G 82 -17.63 26.12 6.28
CA GLN G 82 -17.61 24.86 7.01
C GLN G 82 -17.20 23.70 6.11
N ALA G 83 -17.67 23.69 4.86
CA ALA G 83 -17.28 22.65 3.92
C ALA G 83 -15.78 22.70 3.62
N PHE G 84 -15.20 23.91 3.60
CA PHE G 84 -13.77 24.04 3.42
C PHE G 84 -13.01 23.46 4.61
N GLU G 85 -13.43 23.83 5.83
CA GLU G 85 -12.76 23.34 7.03
C GLU G 85 -12.95 21.84 7.21
N GLU G 86 -14.10 21.31 6.77
CA GLU G 86 -14.41 19.90 6.89
C GLU G 86 -13.88 19.06 5.73
N ARG G 87 -13.14 19.67 4.80
CA ARG G 87 -12.51 18.95 3.69
C ARG G 87 -13.54 18.16 2.88
N CYS G 88 -14.69 18.78 2.64
CA CYS G 88 -15.72 18.20 1.78
C CYS G 88 -15.14 17.83 0.42
N ASP G 89 -15.60 16.71 -0.13
CA ASP G 89 -15.00 16.18 -1.35
C ASP G 89 -15.54 16.85 -2.62
N ALA G 90 -16.79 17.32 -2.60
CA ALA G 90 -17.37 18.01 -3.73
C ALA G 90 -18.59 18.79 -3.28
N VAL G 91 -18.87 19.89 -3.96
CA VAL G 91 -19.98 20.76 -3.63
C VAL G 91 -20.84 20.95 -4.87
N LEU G 92 -22.15 20.72 -4.71
CA LEU G 92 -23.14 21.04 -5.73
C LEU G 92 -23.92 22.25 -5.25
N ILE G 93 -24.12 23.24 -6.11
CA ILE G 93 -24.82 24.45 -5.69
C ILE G 93 -25.84 24.86 -6.75
N ASN G 94 -27.07 25.07 -6.32
CA ASN G 94 -28.11 25.77 -7.07
C ASN G 94 -28.52 26.92 -6.17
N ALA G 95 -27.86 28.05 -6.33
CA ALA G 95 -28.07 29.18 -5.42
C ALA G 95 -29.33 29.97 -5.75
N GLY G 96 -30.10 29.58 -6.76
CA GLY G 96 -31.27 30.37 -7.12
C GLY G 96 -30.87 31.71 -7.70
N ALA G 97 -31.64 32.74 -7.35
CA ALA G 97 -31.36 34.08 -7.89
C ALA G 97 -29.98 34.59 -7.49
N TRP G 98 -29.41 34.08 -6.39
CA TRP G 98 -28.07 34.50 -5.97
C TRP G 98 -27.04 34.29 -7.07
N THR G 99 -27.28 33.30 -7.94
CA THR G 99 -26.34 32.99 -9.02
C THR G 99 -25.97 34.23 -9.82
N HIS G 100 -26.87 35.20 -9.90
CA HIS G 100 -26.72 36.31 -10.83
C HIS G 100 -26.27 37.60 -10.17
N TYR G 101 -25.99 37.61 -8.86
CA TYR G 101 -25.50 38.84 -8.24
C TYR G 101 -24.70 38.65 -6.95
N SER G 102 -24.79 37.50 -6.30
CA SER G 102 -24.17 37.39 -4.97
C SER G 102 -22.67 37.16 -5.13
N TYR G 103 -21.91 38.27 -5.19
CA TYR G 103 -20.46 38.15 -5.19
C TYR G 103 -19.92 37.67 -3.85
N GLY G 104 -20.68 37.85 -2.77
CA GLY G 104 -20.26 37.29 -1.51
C GLY G 104 -20.18 35.77 -1.56
N ILE G 105 -21.19 35.13 -2.14
CA ILE G 105 -21.16 33.67 -2.28
C ILE G 105 -20.07 33.26 -3.27
N ARG G 106 -19.86 34.06 -4.31
CA ARG G 106 -18.79 33.76 -5.27
C ARG G 106 -17.44 33.71 -4.58
N ASP G 107 -17.13 34.73 -3.77
CA ASP G 107 -15.86 34.74 -3.06
C ASP G 107 -15.80 33.70 -1.95
N ALA G 108 -16.97 33.24 -1.47
CA ALA G 108 -17.00 32.10 -0.56
C ALA G 108 -16.66 30.81 -1.29
N LEU G 109 -17.28 30.60 -2.46
CA LEU G 109 -16.99 29.41 -3.25
C LEU G 109 -15.53 29.38 -3.69
N ALA G 110 -14.92 30.55 -3.89
CA ALA G 110 -13.52 30.62 -4.30
C ALA G 110 -12.59 30.06 -3.23
N ILE G 111 -13.02 30.05 -1.97
CA ILE G 111 -12.19 29.49 -0.92
C ILE G 111 -12.08 27.97 -1.06
N LEU G 112 -13.11 27.33 -1.61
CA LEU G 112 -13.10 25.88 -1.76
C LEU G 112 -11.99 25.43 -2.72
N THR G 113 -11.41 24.27 -2.42
CA THR G 113 -10.44 23.62 -3.29
C THR G 113 -10.96 22.32 -3.89
N CYS G 114 -12.11 21.84 -3.45
CA CYS G 114 -12.76 20.68 -4.04
C CYS G 114 -13.54 21.09 -5.28
N PRO G 115 -13.91 20.14 -6.14
CA PRO G 115 -14.74 20.50 -7.30
C PRO G 115 -16.08 21.08 -6.87
N VAL G 116 -16.50 22.13 -7.58
CA VAL G 116 -17.78 22.79 -7.36
C VAL G 116 -18.58 22.70 -8.65
N VAL G 117 -19.82 22.23 -8.55
CA VAL G 117 -20.69 22.08 -9.71
C VAL G 117 -21.87 23.00 -9.53
N GLU G 118 -22.05 23.92 -10.48
CA GLU G 118 -23.22 24.78 -10.52
C GLU G 118 -24.32 24.11 -11.34
N LEU G 119 -25.55 24.15 -10.83
CA LEU G 119 -26.64 23.49 -11.53
C LEU G 119 -27.93 24.30 -11.39
N HIS G 120 -28.83 24.14 -12.38
CA HIS G 120 -30.15 24.76 -12.36
C HIS G 120 -31.15 23.80 -13.00
N MET G 121 -32.37 23.79 -12.47
CA MET G 121 -33.42 22.97 -13.07
C MET G 121 -33.84 23.50 -14.44
N SER G 122 -33.93 24.82 -14.58
CA SER G 122 -34.42 25.46 -15.79
C SER G 122 -33.27 25.85 -16.71
N ASN G 123 -33.62 26.14 -17.97
CA ASN G 123 -32.65 26.62 -18.96
C ASN G 123 -32.52 28.14 -18.76
N VAL G 124 -31.67 28.52 -17.81
CA VAL G 124 -31.56 29.92 -17.43
C VAL G 124 -31.09 30.76 -18.60
N HIS G 125 -30.36 30.16 -19.55
CA HIS G 125 -29.89 30.93 -20.69
C HIS G 125 -31.00 31.27 -21.67
N ALA G 126 -32.19 30.71 -21.50
CA ALA G 126 -33.32 31.01 -22.36
C ALA G 126 -34.44 31.74 -21.62
N ARG G 127 -34.17 32.26 -20.44
CA ARG G 127 -35.12 32.97 -19.61
C ARG G 127 -34.80 34.47 -19.64
N GLU G 128 -35.12 35.18 -18.57
CA GLU G 128 -34.85 36.61 -18.53
C GLU G 128 -33.35 36.87 -18.65
N PRO G 129 -32.96 37.96 -19.32
CA PRO G 129 -31.53 38.23 -19.53
C PRO G 129 -30.69 38.20 -18.27
N PHE G 130 -31.21 38.65 -17.13
CA PHE G 130 -30.40 38.66 -15.92
C PHE G 130 -30.04 37.26 -15.46
N ARG G 131 -30.82 36.24 -15.85
CA ARG G 131 -30.46 34.88 -15.49
C ARG G 131 -29.43 34.26 -16.43
N HIS G 132 -29.06 34.97 -17.50
CA HIS G 132 -28.12 34.40 -18.45
C HIS G 132 -26.71 34.36 -17.90
N HIS G 133 -26.39 35.21 -16.92
CA HIS G 133 -25.03 35.33 -16.41
C HIS G 133 -24.94 34.75 -15.01
N SER G 134 -23.90 33.94 -14.78
CA SER G 134 -23.58 33.42 -13.48
C SER G 134 -22.32 34.09 -12.96
N VAL G 135 -22.39 34.63 -11.75
CA VAL G 135 -21.20 35.21 -11.12
C VAL G 135 -20.31 34.14 -10.53
N PHE G 136 -20.69 32.87 -10.62
CA PHE G 136 -19.88 31.76 -10.12
C PHE G 136 -18.98 31.13 -11.18
N SER G 137 -19.09 31.57 -12.44
CA SER G 137 -18.49 30.85 -13.56
C SER G 137 -16.99 30.65 -13.39
N GLU G 138 -16.30 31.60 -12.77
CA GLU G 138 -14.85 31.48 -12.64
C GLU G 138 -14.42 30.63 -11.44
N VAL G 139 -15.35 30.23 -10.57
CA VAL G 139 -15.00 29.47 -9.37
C VAL G 139 -15.66 28.10 -9.34
N VAL G 140 -16.23 27.64 -10.46
CA VAL G 140 -16.84 26.32 -10.54
C VAL G 140 -16.21 25.54 -11.70
N VAL G 141 -16.31 24.22 -11.59
CA VAL G 141 -15.81 23.34 -12.65
C VAL G 141 -16.68 23.48 -13.90
N GLY G 142 -17.99 23.57 -13.71
CA GLY G 142 -18.89 23.66 -14.84
C GLY G 142 -20.31 23.87 -14.39
N GLN G 143 -21.22 23.83 -15.36
CA GLN G 143 -22.61 24.19 -15.14
C GLN G 143 -23.52 23.19 -15.83
N ILE G 144 -24.67 22.93 -15.20
CA ILE G 144 -25.71 22.06 -15.76
C ILE G 144 -27.05 22.77 -15.58
N CYS G 145 -27.80 22.95 -16.67
CA CYS G 145 -29.08 23.61 -16.55
C CYS G 145 -30.07 23.06 -17.56
N GLY G 146 -31.36 23.08 -17.18
CA GLY G 146 -32.45 22.79 -18.10
C GLY G 146 -33.11 21.44 -17.94
N PHE G 147 -32.60 20.55 -17.10
CA PHE G 147 -33.06 19.17 -17.09
C PHE G 147 -33.95 18.84 -15.90
N GLY G 148 -34.48 19.86 -15.23
CA GLY G 148 -35.42 19.63 -14.15
C GLY G 148 -34.78 18.87 -13.01
N MET G 149 -35.50 17.86 -12.51
CA MET G 149 -34.98 17.04 -11.41
C MET G 149 -33.64 16.43 -11.78
N GLU G 150 -33.48 16.01 -13.05
CA GLU G 150 -32.25 15.37 -13.49
C GLU G 150 -31.02 16.26 -13.38
N SER G 151 -31.20 17.58 -13.35
CA SER G 151 -30.04 18.46 -13.20
C SER G 151 -29.28 18.15 -11.92
N TYR G 152 -29.99 17.88 -10.81
CA TYR G 152 -29.32 17.55 -9.55
C TYR G 152 -28.56 16.23 -9.67
N LEU G 153 -29.18 15.22 -10.28
CA LEU G 153 -28.54 13.91 -10.37
C LEU G 153 -27.31 13.97 -11.27
N LEU G 154 -27.39 14.70 -12.37
CA LEU G 154 -26.25 14.85 -13.26
C LEU G 154 -25.10 15.55 -12.55
N ALA G 155 -25.42 16.55 -11.71
CA ALA G 155 -24.37 17.26 -10.99
C ALA G 155 -23.66 16.34 -10.00
N LEU G 156 -24.41 15.52 -9.26
CA LEU G 156 -23.78 14.54 -8.39
C LEU G 156 -22.90 13.60 -9.19
N ARG G 157 -23.41 13.13 -10.34
CA ARG G 157 -22.61 12.29 -11.23
C ARG G 157 -21.35 13.00 -11.69
N ALA G 158 -21.47 14.28 -12.07
CA ALA G 158 -20.30 15.04 -12.48
C ALA G 158 -19.25 15.10 -11.37
N ALA G 159 -19.71 15.35 -10.14
CA ALA G 159 -18.76 15.43 -9.01
C ALA G 159 -18.08 14.10 -8.76
N VAL G 160 -18.82 12.98 -8.82
CA VAL G 160 -18.21 11.67 -8.58
C VAL G 160 -17.20 11.33 -9.67
N ALA G 161 -17.53 11.65 -10.93
CA ALA G 161 -16.58 11.43 -12.01
C ALA G 161 -15.39 12.38 -11.93
N GLN G 162 -15.58 13.57 -11.33
CA GLN G 162 -14.48 14.50 -11.13
C GLN G 162 -13.45 13.98 -10.14
N SER G 163 -13.92 13.32 -9.08
CA SER G 163 -13.00 12.81 -8.05
C SER G 163 -12.20 11.63 -8.55
N GLY G 164 -12.69 10.94 -9.57
CA GLY G 164 -11.94 9.86 -10.19
C GLY G 164 -11.19 10.33 -11.43
N MET H 20 -62.66 39.62 6.18
CA MET H 20 -62.03 40.92 5.93
C MET H 20 -60.73 40.69 5.17
N LYS H 21 -60.40 41.61 4.26
CA LYS H 21 -59.20 41.47 3.45
C LYS H 21 -57.95 41.78 4.27
N LYS H 22 -56.88 41.01 4.03
CA LYS H 22 -55.62 41.17 4.74
C LYS H 22 -54.60 41.78 3.79
N VAL H 23 -54.02 42.92 4.17
CA VAL H 23 -52.97 43.58 3.39
C VAL H 23 -51.69 43.57 4.21
N LEU H 24 -50.58 43.19 3.57
CA LEU H 24 -49.28 43.10 4.24
C LEU H 24 -48.37 44.20 3.73
N MET H 25 -47.81 44.98 4.66
CA MET H 25 -46.89 46.07 4.33
C MET H 25 -45.46 45.63 4.62
N LEU H 26 -44.62 45.62 3.59
CA LEU H 26 -43.23 45.16 3.69
C LEU H 26 -42.30 46.37 3.60
N HIS H 27 -41.68 46.71 4.72
CA HIS H 27 -40.65 47.75 4.79
C HIS H 27 -39.28 47.11 4.61
N GLY H 28 -38.44 47.75 3.79
CA GLY H 28 -37.18 47.15 3.39
C GLY H 28 -35.99 47.57 4.26
N ILE H 29 -34.80 47.29 3.71
CA ILE H 29 -33.56 47.45 4.46
C ILE H 29 -33.31 48.92 4.80
N ASN H 30 -32.81 49.15 6.02
CA ASN H 30 -32.48 50.45 6.60
C ASN H 30 -33.69 51.28 7.00
N HIS H 31 -34.92 50.80 6.77
CA HIS H 31 -36.08 51.64 7.03
C HIS H 31 -36.40 51.79 8.51
N ASN H 32 -35.82 50.96 9.39
CA ASN H 32 -35.99 51.20 10.82
C ASN H 32 -35.40 52.55 11.25
N MET H 33 -34.55 53.16 10.42
CA MET H 33 -33.94 54.44 10.74
C MET H 33 -34.70 55.62 10.17
N PHE H 34 -35.87 55.40 9.56
CA PHE H 34 -36.68 56.50 9.06
C PHE H 34 -36.98 57.50 10.15
N GLY H 35 -36.76 58.79 9.84
CA GLY H 35 -37.09 59.85 10.77
C GLY H 35 -36.10 60.10 11.87
N LYS H 36 -34.95 59.42 11.88
CA LYS H 36 -33.97 59.58 12.94
C LYS H 36 -32.74 60.35 12.49
N ARG H 37 -32.75 60.92 11.30
CA ARG H 37 -31.63 61.69 10.78
C ARG H 37 -31.91 63.19 10.96
N ASP H 38 -31.15 64.03 10.27
CA ASP H 38 -31.34 65.47 10.38
C ASP H 38 -32.75 65.84 9.92
N PRO H 39 -33.56 66.47 10.77
CA PRO H 39 -34.92 66.83 10.36
C PRO H 39 -34.97 67.83 9.22
N VAL H 40 -33.99 68.71 9.13
CA VAL H 40 -33.99 69.73 8.09
C VAL H 40 -33.77 69.10 6.72
N GLN H 41 -32.89 68.11 6.64
CA GLN H 41 -32.57 67.51 5.34
C GLN H 41 -33.42 66.28 5.04
N TYR H 42 -33.79 65.49 6.05
CA TYR H 42 -34.44 64.22 5.84
C TYR H 42 -35.84 64.14 6.42
N GLY H 43 -36.30 65.19 7.09
CA GLY H 43 -37.61 65.15 7.72
C GLY H 43 -37.61 64.28 8.96
N THR H 44 -38.80 64.11 9.53
CA THR H 44 -38.97 63.36 10.77
C THR H 44 -39.94 62.20 10.65
N ILE H 45 -40.34 61.83 9.44
CA ILE H 45 -41.33 60.78 9.28
C ILE H 45 -40.71 59.46 9.71
N THR H 46 -41.34 58.79 10.67
CA THR H 46 -40.81 57.55 11.22
C THR H 46 -41.64 56.36 10.73
N LEU H 47 -41.05 55.18 10.88
CA LEU H 47 -41.74 53.96 10.50
C LEU H 47 -43.01 53.77 11.33
N SER H 48 -42.94 54.16 12.62
CA SER H 48 -44.10 54.06 13.48
C SER H 48 -45.22 54.99 13.01
N GLU H 49 -44.86 56.20 12.59
CA GLU H 49 -45.86 57.14 12.09
C GLU H 49 -46.50 56.63 10.81
N ILE H 50 -45.71 56.01 9.92
CA ILE H 50 -46.25 55.45 8.68
C ILE H 50 -47.24 54.34 8.97
N ASP H 51 -46.88 53.41 9.86
CA ASP H 51 -47.77 52.31 10.19
C ASP H 51 -49.05 52.79 10.84
N ASN H 52 -48.99 53.85 11.65
CA ASN H 52 -50.21 54.39 12.26
C ASN H 52 -51.15 54.90 11.19
N ARG H 53 -50.62 55.67 10.22
CA ARG H 53 -51.47 56.21 9.16
C ARG H 53 -52.07 55.09 8.32
N LEU H 54 -51.30 54.02 8.10
CA LEU H 54 -51.84 52.87 7.37
C LEU H 54 -53.00 52.23 8.12
N GLN H 55 -52.87 52.07 9.45
CA GLN H 55 -53.94 51.48 10.22
C GLN H 55 -55.21 52.34 10.18
N ALA H 56 -55.04 53.66 10.26
CA ALA H 56 -56.21 54.55 10.21
C ALA H 56 -56.92 54.43 8.86
N LEU H 57 -56.15 54.43 7.76
CA LEU H 57 -56.77 54.32 6.45
C LEU H 57 -57.39 52.93 6.25
N ALA H 58 -56.72 51.89 6.76
CA ALA H 58 -57.26 50.54 6.63
C ALA H 58 -58.64 50.44 7.27
N ALA H 59 -58.81 51.03 8.45
CA ALA H 59 -60.12 51.01 9.10
C ALA H 59 -61.17 51.73 8.26
N GLU H 60 -60.79 52.86 7.66
CA GLU H 60 -61.70 53.59 6.79
C GLU H 60 -62.05 52.78 5.53
N LEU H 61 -61.09 52.01 5.01
CA LEU H 61 -61.33 51.21 3.82
C LEU H 61 -62.00 49.86 4.11
N GLY H 62 -62.09 49.47 5.38
CA GLY H 62 -62.68 48.19 5.71
C GLY H 62 -61.77 47.00 5.50
N VAL H 63 -60.46 47.17 5.70
CA VAL H 63 -59.49 46.10 5.58
C VAL H 63 -58.58 46.18 6.80
N GLN H 64 -57.77 45.13 6.98
CA GLN H 64 -56.74 45.12 8.01
C GLN H 64 -55.37 45.15 7.35
N VAL H 65 -54.43 45.83 8.00
CA VAL H 65 -53.06 45.96 7.52
C VAL H 65 -52.10 45.42 8.59
N GLU H 66 -51.18 44.58 8.17
CA GLU H 66 -50.08 44.12 9.01
C GLU H 66 -48.77 44.63 8.41
N SER H 67 -47.89 45.15 9.26
CA SER H 67 -46.63 45.73 8.83
C SER H 67 -45.45 44.86 9.25
N PHE H 68 -44.43 44.83 8.40
CA PHE H 68 -43.23 44.05 8.64
C PHE H 68 -42.03 44.80 8.09
N GLN H 69 -40.98 44.93 8.89
CA GLN H 69 -39.74 45.54 8.48
C GLN H 69 -38.59 44.59 8.80
N THR H 70 -37.61 44.52 7.92
CA THR H 70 -36.42 43.73 8.20
C THR H 70 -35.26 44.30 7.41
N ASN H 71 -34.05 44.06 7.94
CA ASN H 71 -32.81 44.37 7.25
C ASN H 71 -32.16 43.12 6.68
N SER H 72 -32.78 41.96 6.86
CA SER H 72 -32.24 40.68 6.40
C SER H 72 -32.98 40.25 5.13
N GLU H 73 -32.22 40.04 4.06
CA GLU H 73 -32.82 39.66 2.79
C GLU H 73 -33.58 38.35 2.93
N GLY H 74 -33.04 37.39 3.69
CA GLY H 74 -33.71 36.12 3.88
C GLY H 74 -34.99 36.24 4.69
N ALA H 75 -34.96 37.07 5.74
CA ALA H 75 -36.18 37.29 6.52
C ALA H 75 -37.28 37.90 5.67
N MET H 76 -36.90 38.81 4.76
CA MET H 76 -37.89 39.41 3.86
C MET H 76 -38.50 38.38 2.91
N CYS H 77 -37.66 37.57 2.27
CA CYS H 77 -38.16 36.52 1.39
C CYS H 77 -39.03 35.54 2.15
N GLU H 78 -38.62 35.17 3.37
CA GLU H 78 -39.41 34.24 4.16
C GLU H 78 -40.72 34.85 4.61
N ARG H 79 -40.75 36.15 4.91
CA ARG H 79 -42.02 36.79 5.19
C ARG H 79 -42.92 36.77 3.95
N ILE H 80 -42.34 36.89 2.77
CA ILE H 80 -43.11 36.78 1.53
C ILE H 80 -43.63 35.36 1.36
N HIS H 81 -42.79 34.36 1.65
CA HIS H 81 -43.25 32.97 1.64
C HIS H 81 -44.44 32.79 2.57
N GLN H 82 -44.37 33.36 3.77
CA GLN H 82 -45.48 33.25 4.71
C GLN H 82 -46.74 33.91 4.16
N ALA H 83 -46.60 35.08 3.53
CA ALA H 83 -47.75 35.73 2.93
C ALA H 83 -48.38 34.89 1.84
N PHE H 84 -47.57 34.13 1.10
CA PHE H 84 -48.13 33.22 0.10
C PHE H 84 -48.93 32.11 0.77
N GLU H 85 -48.34 31.47 1.79
CA GLU H 85 -49.00 30.35 2.44
C GLU H 85 -50.26 30.77 3.18
N GLU H 86 -50.27 31.99 3.72
CA GLU H 86 -51.41 32.52 4.45
C GLU H 86 -52.43 33.19 3.54
N ARG H 87 -52.23 33.14 2.23
CA ARG H 87 -53.18 33.66 1.25
C ARG H 87 -53.53 35.12 1.55
N CYS H 88 -52.49 35.89 1.84
CA CYS H 88 -52.63 37.33 2.00
C CYS H 88 -53.30 37.93 0.77
N ASP H 89 -54.17 38.91 0.99
CA ASP H 89 -54.99 39.44 -0.11
C ASP H 89 -54.24 40.45 -0.97
N ALA H 90 -53.29 41.17 -0.40
CA ALA H 90 -52.49 42.12 -1.16
C ALA H 90 -51.23 42.46 -0.38
N VAL H 91 -50.17 42.78 -1.11
CA VAL H 91 -48.87 43.09 -0.52
C VAL H 91 -48.41 44.46 -1.02
N LEU H 92 -48.01 45.32 -0.08
CA LEU H 92 -47.33 46.57 -0.38
C LEU H 92 -45.87 46.39 0.00
N ILE H 93 -44.96 46.78 -0.89
CA ILE H 93 -43.54 46.63 -0.60
C ILE H 93 -42.80 47.90 -0.98
N ASN H 94 -42.01 48.40 -0.03
CA ASN H 94 -40.99 49.42 -0.23
C ASN H 94 -39.70 48.79 0.28
N ALA H 95 -38.99 48.09 -0.60
CA ALA H 95 -37.84 47.30 -0.19
C ALA H 95 -36.58 48.13 0.03
N GLY H 96 -36.64 49.45 -0.11
CA GLY H 96 -35.45 50.25 0.07
C GLY H 96 -34.44 49.99 -1.03
N ALA H 97 -33.15 49.99 -0.66
CA ALA H 97 -32.10 49.76 -1.64
C ALA H 97 -32.21 48.40 -2.32
N TRP H 98 -32.87 47.43 -1.67
CA TRP H 98 -33.06 46.11 -2.27
C TRP H 98 -33.77 46.19 -3.62
N THR H 99 -34.60 47.22 -3.80
CA THR H 99 -35.37 47.37 -5.03
C THR H 99 -34.50 47.26 -6.27
N HIS H 100 -33.24 47.66 -6.17
CA HIS H 100 -32.39 47.83 -7.34
C HIS H 100 -31.39 46.71 -7.56
N TYR H 101 -31.39 45.65 -6.73
CA TYR H 101 -30.45 44.57 -7.00
C TYR H 101 -30.86 43.21 -6.44
N SER H 102 -31.82 43.17 -5.51
CA SER H 102 -32.12 41.89 -4.85
C SER H 102 -33.02 41.04 -5.73
N TYR H 103 -32.40 40.22 -6.59
CA TYR H 103 -33.19 39.26 -7.37
C TYR H 103 -33.82 38.19 -6.48
N GLY H 104 -33.25 37.95 -5.30
CA GLY H 104 -33.87 37.01 -4.38
C GLY H 104 -35.25 37.47 -3.94
N ILE H 105 -35.38 38.74 -3.55
CA ILE H 105 -36.70 39.24 -3.18
C ILE H 105 -37.63 39.25 -4.37
N ARG H 106 -37.09 39.54 -5.56
CA ARG H 106 -37.89 39.49 -6.78
C ARG H 106 -38.49 38.09 -6.98
N ASP H 107 -37.66 37.05 -6.87
CA ASP H 107 -38.16 35.70 -7.08
C ASP H 107 -39.06 35.24 -5.93
N ALA H 108 -38.96 35.87 -4.76
CA ALA H 108 -39.94 35.63 -3.70
C ALA H 108 -41.29 36.23 -4.06
N LEU H 109 -41.29 37.49 -4.53
CA LEU H 109 -42.53 38.14 -4.94
C LEU H 109 -43.21 37.41 -6.09
N ALA H 110 -42.43 36.78 -6.97
CA ALA H 110 -43.02 36.03 -8.08
C ALA H 110 -43.85 34.85 -7.60
N ILE H 111 -43.58 34.32 -6.40
CA ILE H 111 -44.37 33.22 -5.87
C ILE H 111 -45.78 33.70 -5.53
N LEU H 112 -45.93 34.97 -5.15
CA LEU H 112 -47.24 35.50 -4.80
C LEU H 112 -48.17 35.50 -6.00
N THR H 113 -49.45 35.27 -5.73
CA THR H 113 -50.49 35.36 -6.74
C THR H 113 -51.43 36.54 -6.50
N CYS H 114 -51.33 37.18 -5.33
CA CYS H 114 -52.10 38.37 -5.01
C CYS H 114 -51.45 39.61 -5.63
N PRO H 115 -52.18 40.71 -5.71
CA PRO H 115 -51.59 41.95 -6.23
C PRO H 115 -50.43 42.41 -5.35
N VAL H 116 -49.36 42.87 -5.99
CA VAL H 116 -48.20 43.41 -5.29
C VAL H 116 -48.02 44.84 -5.77
N VAL H 117 -47.89 45.77 -4.83
CA VAL H 117 -47.76 47.19 -5.14
C VAL H 117 -46.39 47.65 -4.65
N GLU H 118 -45.55 48.14 -5.56
CA GLU H 118 -44.27 48.72 -5.20
C GLU H 118 -44.45 50.21 -4.95
N LEU H 119 -43.83 50.71 -3.89
CA LEU H 119 -43.99 52.10 -3.53
C LEU H 119 -42.68 52.66 -3.00
N HIS H 120 -42.49 53.96 -3.17
CA HIS H 120 -41.35 54.69 -2.64
C HIS H 120 -41.82 56.08 -2.22
N MET H 121 -41.23 56.60 -1.15
CA MET H 121 -41.56 57.95 -0.71
C MET H 121 -41.03 58.99 -1.70
N SER H 122 -39.82 58.78 -2.20
CA SER H 122 -39.15 59.74 -3.08
C SER H 122 -39.35 59.36 -4.54
N ASN H 123 -39.08 60.33 -5.42
CA ASN H 123 -39.14 60.12 -6.86
C ASN H 123 -37.83 59.48 -7.30
N VAL H 124 -37.78 58.14 -7.20
CA VAL H 124 -36.54 57.42 -7.45
C VAL H 124 -36.06 57.59 -8.88
N HIS H 125 -36.98 57.85 -9.81
CA HIS H 125 -36.58 58.02 -11.20
C HIS H 125 -35.83 59.32 -11.44
N ALA H 126 -35.79 60.21 -10.45
CA ALA H 126 -35.06 61.47 -10.54
C ALA H 126 -33.89 61.53 -9.57
N ARG H 127 -33.47 60.38 -9.01
CA ARG H 127 -32.36 60.34 -8.08
C ARG H 127 -31.14 59.74 -8.78
N GLU H 128 -30.25 59.12 -8.01
CA GLU H 128 -29.05 58.52 -8.60
C GLU H 128 -29.47 57.48 -9.64
N PRO H 129 -28.71 57.33 -10.72
CA PRO H 129 -29.11 56.39 -11.78
C PRO H 129 -29.44 54.98 -11.31
N PHE H 130 -28.73 54.44 -10.31
CA PHE H 130 -29.00 53.06 -9.90
C PHE H 130 -30.38 52.92 -9.28
N ARG H 131 -30.96 54.00 -8.75
CA ARG H 131 -32.31 53.94 -8.21
C ARG H 131 -33.39 54.06 -9.28
N HIS H 132 -33.02 54.28 -10.55
CA HIS H 132 -34.06 54.43 -11.55
C HIS H 132 -34.73 53.11 -11.92
N HIS H 133 -34.05 51.99 -11.75
CA HIS H 133 -34.56 50.71 -12.18
C HIS H 133 -34.95 49.85 -10.99
N SER H 134 -36.12 49.23 -11.09
CA SER H 134 -36.60 48.26 -10.11
C SER H 134 -36.54 46.86 -10.69
N VAL H 135 -35.93 45.94 -9.95
CA VAL H 135 -35.93 44.54 -10.39
C VAL H 135 -37.25 43.84 -10.09
N PHE H 136 -38.20 44.55 -9.48
CA PHE H 136 -39.53 44.01 -9.19
C PHE H 136 -40.55 44.32 -10.28
N SER H 137 -40.16 45.12 -11.29
CA SER H 137 -41.12 45.68 -12.22
C SER H 137 -41.98 44.61 -12.90
N GLU H 138 -41.40 43.44 -13.18
CA GLU H 138 -42.16 42.39 -13.85
C GLU H 138 -43.01 41.56 -12.90
N VAL H 139 -42.88 41.72 -11.58
CA VAL H 139 -43.62 40.89 -10.63
C VAL H 139 -44.56 41.70 -9.75
N VAL H 140 -44.83 42.96 -10.11
CA VAL H 140 -45.79 43.78 -9.38
C VAL H 140 -46.82 44.35 -10.35
N VAL H 141 -47.99 44.68 -9.81
CA VAL H 141 -49.06 45.27 -10.60
C VAL H 141 -48.69 46.66 -11.07
N GLY H 142 -48.03 47.43 -10.21
CA GLY H 142 -47.68 48.78 -10.58
C GLY H 142 -46.82 49.42 -9.51
N GLN H 143 -46.54 50.71 -9.72
CA GLN H 143 -45.58 51.43 -8.90
C GLN H 143 -46.15 52.80 -8.54
N ILE H 144 -45.83 53.25 -7.33
CA ILE H 144 -46.18 54.59 -6.86
C ILE H 144 -44.95 55.17 -6.18
N CYS H 145 -44.51 56.34 -6.63
CA CYS H 145 -43.33 56.94 -6.03
C CYS H 145 -43.43 58.45 -6.07
N GLY H 146 -42.82 59.10 -5.09
CA GLY H 146 -42.62 60.54 -5.09
C GLY H 146 -43.49 61.32 -4.14
N PHE H 147 -44.46 60.69 -3.47
CA PHE H 147 -45.47 61.42 -2.71
C PHE H 147 -45.25 61.34 -1.21
N GLY H 148 -44.05 60.98 -0.77
CA GLY H 148 -43.76 60.97 0.65
C GLY H 148 -44.63 59.98 1.40
N MET H 149 -45.21 60.44 2.51
CA MET H 149 -46.10 59.60 3.30
C MET H 149 -47.27 59.09 2.47
N GLU H 150 -47.79 59.92 1.57
CA GLU H 150 -48.96 59.57 0.77
C GLU H 150 -48.72 58.34 -0.11
N SER H 151 -47.47 58.04 -0.44
CA SER H 151 -47.18 56.86 -1.25
C SER H 151 -47.66 55.59 -0.56
N TYR H 152 -47.44 55.48 0.76
CA TYR H 152 -47.94 54.32 1.47
C TYR H 152 -49.47 54.27 1.46
N LEU H 153 -50.11 55.42 1.69
CA LEU H 153 -51.57 55.44 1.74
C LEU H 153 -52.17 55.19 0.37
N LEU H 154 -51.58 55.78 -0.68
CA LEU H 154 -52.05 55.50 -2.04
C LEU H 154 -51.85 54.05 -2.41
N ALA H 155 -50.73 53.46 -1.96
CA ALA H 155 -50.49 52.05 -2.25
C ALA H 155 -51.55 51.17 -1.59
N LEU H 156 -51.90 51.48 -0.34
CA LEU H 156 -52.98 50.75 0.32
C LEU H 156 -54.30 50.89 -0.44
N ARG H 157 -54.63 52.11 -0.87
CA ARG H 157 -55.82 52.30 -1.67
C ARG H 157 -55.77 51.50 -2.96
N ALA H 158 -54.62 51.51 -3.63
CA ALA H 158 -54.48 50.75 -4.88
C ALA H 158 -54.70 49.25 -4.65
N ALA H 159 -54.13 48.71 -3.58
CA ALA H 159 -54.23 47.28 -3.31
C ALA H 159 -55.68 46.86 -3.01
N VAL H 160 -56.40 47.67 -2.24
CA VAL H 160 -57.80 47.36 -1.94
C VAL H 160 -58.64 47.43 -3.21
N ALA H 161 -58.36 48.40 -4.09
CA ALA H 161 -59.09 48.47 -5.35
C ALA H 161 -58.73 47.32 -6.28
N GLN H 162 -57.51 46.78 -6.17
CA GLN H 162 -57.14 45.62 -6.97
C GLN H 162 -57.94 44.38 -6.57
N SER H 163 -58.26 44.26 -5.27
CA SER H 163 -59.01 43.09 -4.81
C SER H 163 -60.46 43.14 -5.27
N GLY H 164 -61.09 44.30 -5.17
CA GLY H 164 -62.48 44.45 -5.57
C GLY H 164 -62.72 44.21 -7.06
N SER I 19 -12.68 60.59 28.24
CA SER I 19 -13.10 59.84 27.06
C SER I 19 -12.10 60.02 25.92
N MET I 20 -12.19 59.15 24.93
CA MET I 20 -11.31 59.16 23.76
C MET I 20 -12.15 59.13 22.49
N LYS I 21 -11.47 59.27 21.36
CA LYS I 21 -12.14 59.12 20.08
C LYS I 21 -12.40 57.64 19.85
N LYS I 22 -13.59 57.31 19.35
CA LYS I 22 -13.96 55.92 19.13
C LYS I 22 -14.01 55.66 17.63
N VAL I 23 -13.22 54.70 17.18
CA VAL I 23 -13.16 54.30 15.77
C VAL I 23 -13.66 52.87 15.66
N LEU I 24 -14.55 52.63 14.69
CA LEU I 24 -15.16 51.33 14.48
C LEU I 24 -14.61 50.71 13.20
N MET I 25 -14.09 49.49 13.29
CA MET I 25 -13.57 48.76 12.14
C MET I 25 -14.58 47.69 11.73
N LEU I 26 -15.05 47.77 10.49
CA LEU I 26 -16.08 46.88 9.96
C LEU I 26 -15.44 45.93 8.96
N HIS I 27 -15.33 44.65 9.34
CA HIS I 27 -14.85 43.61 8.44
C HIS I 27 -16.05 42.97 7.75
N GLY I 28 -15.94 42.77 6.44
CA GLY I 28 -17.06 42.35 5.63
C GLY I 28 -17.16 40.85 5.45
N ILE I 29 -17.97 40.48 4.45
CA ILE I 29 -18.33 39.09 4.22
C ILE I 29 -17.10 38.28 3.82
N ASN I 30 -17.02 37.05 4.34
CA ASN I 30 -15.97 36.06 4.12
C ASN I 30 -14.65 36.39 4.82
N HIS I 31 -14.55 37.53 5.51
CA HIS I 31 -13.26 37.92 6.09
C HIS I 31 -12.90 37.12 7.32
N ASN I 32 -13.85 36.40 7.93
CA ASN I 32 -13.49 35.50 9.01
C ASN I 32 -12.55 34.39 8.53
N MET I 33 -12.46 34.17 7.23
CA MET I 33 -11.59 33.14 6.68
C MET I 33 -10.22 33.68 6.27
N PHE I 34 -9.93 34.96 6.54
CA PHE I 34 -8.60 35.50 6.26
C PHE I 34 -7.54 34.67 6.98
N GLY I 35 -6.51 34.27 6.25
CA GLY I 35 -5.41 33.56 6.87
C GLY I 35 -5.65 32.09 7.14
N LYS I 36 -6.80 31.53 6.75
CA LYS I 36 -7.11 30.14 6.99
C LYS I 36 -7.03 29.30 5.73
N ARG I 37 -6.52 29.85 4.65
CA ARG I 37 -6.36 29.18 3.38
C ARG I 37 -4.89 28.75 3.20
N ASP I 38 -4.52 28.42 1.97
CA ASP I 38 -3.16 27.99 1.67
C ASP I 38 -2.14 29.09 1.99
N PRO I 39 -1.17 28.83 2.86
CA PRO I 39 -0.19 29.87 3.20
C PRO I 39 0.69 30.28 2.03
N VAL I 40 0.99 29.35 1.12
CA VAL I 40 1.88 29.68 0.01
C VAL I 40 1.22 30.68 -0.93
N GLN I 41 -0.07 30.54 -1.18
CA GLN I 41 -0.76 31.41 -2.12
C GLN I 41 -1.44 32.61 -1.45
N TYR I 42 -1.95 32.46 -0.23
CA TYR I 42 -2.76 33.50 0.38
C TYR I 42 -2.17 34.09 1.67
N GLY I 43 -1.05 33.57 2.15
CA GLY I 43 -0.47 34.06 3.38
C GLY I 43 -1.21 33.56 4.60
N THR I 44 -0.81 34.10 5.75
CA THR I 44 -1.37 33.69 7.04
C THR I 44 -1.96 34.86 7.83
N ILE I 45 -2.17 36.01 7.20
CA ILE I 45 -2.70 37.15 7.94
C ILE I 45 -4.15 36.86 8.29
N THR I 46 -4.45 36.88 9.58
CA THR I 46 -5.78 36.57 10.09
C THR I 46 -6.47 37.84 10.55
N LEU I 47 -7.81 37.75 10.68
CA LEU I 47 -8.57 38.86 11.21
C LEU I 47 -8.13 39.21 12.63
N SER I 48 -7.75 38.20 13.41
CA SER I 48 -7.27 38.43 14.77
C SER I 48 -5.97 39.21 14.75
N GLU I 49 -5.05 38.88 13.84
CA GLU I 49 -3.80 39.61 13.74
C GLU I 49 -4.01 41.05 13.28
N ILE I 50 -4.97 41.26 12.35
CA ILE I 50 -5.28 42.61 11.90
C ILE I 50 -5.80 43.44 13.07
N ASP I 51 -6.73 42.87 13.84
CA ASP I 51 -7.29 43.59 14.98
C ASP I 51 -6.23 43.88 16.04
N ASN I 52 -5.27 42.96 16.22
CA ASN I 52 -4.20 43.22 17.19
C ASN I 52 -3.33 44.38 16.73
N ARG I 53 -2.97 44.41 15.45
CA ARG I 53 -2.17 45.50 14.93
C ARG I 53 -2.91 46.83 15.02
N LEU I 54 -4.23 46.80 14.79
CA LEU I 54 -5.03 48.01 14.91
C LEU I 54 -5.04 48.54 16.34
N GLN I 55 -5.17 47.64 17.32
CA GLN I 55 -5.20 48.09 18.71
C GLN I 55 -3.87 48.73 19.12
N ALA I 56 -2.75 48.16 18.68
CA ALA I 56 -1.46 48.73 19.02
C ALA I 56 -1.33 50.14 18.46
N LEU I 57 -1.71 50.33 17.20
CA LEU I 57 -1.64 51.66 16.58
C LEU I 57 -2.65 52.60 17.21
N ALA I 58 -3.84 52.09 17.55
CA ALA I 58 -4.84 52.93 18.21
C ALA I 58 -4.32 53.49 19.52
N ALA I 59 -3.67 52.64 20.31
CA ALA I 59 -3.07 53.10 21.56
C ALA I 59 -2.01 54.16 21.29
N GLU I 60 -1.20 53.95 20.25
CA GLU I 60 -0.16 54.91 19.90
C GLU I 60 -0.76 56.25 19.50
N LEU I 61 -1.88 56.24 18.79
CA LEU I 61 -2.55 57.46 18.36
C LEU I 61 -3.46 58.07 19.41
N GLY I 62 -3.72 57.38 20.51
CA GLY I 62 -4.60 57.92 21.53
C GLY I 62 -6.08 57.82 21.23
N VAL I 63 -6.52 56.74 20.57
CA VAL I 63 -7.93 56.52 20.27
C VAL I 63 -8.28 55.08 20.63
N GLN I 64 -9.58 54.77 20.59
CA GLN I 64 -10.08 53.42 20.80
C GLN I 64 -10.55 52.85 19.47
N VAL I 65 -10.27 51.56 19.26
CA VAL I 65 -10.68 50.85 18.06
C VAL I 65 -11.48 49.62 18.45
N GLU I 66 -12.67 49.49 17.89
CA GLU I 66 -13.50 48.30 18.04
C GLU I 66 -13.66 47.67 16.67
N SER I 67 -13.53 46.34 16.62
CA SER I 67 -13.63 45.59 15.38
C SER I 67 -14.93 44.79 15.36
N PHE I 68 -15.49 44.65 14.16
CA PHE I 68 -16.74 43.93 13.97
C PHE I 68 -16.68 43.22 12.62
N GLN I 69 -17.00 41.93 12.61
CA GLN I 69 -17.08 41.16 11.39
C GLN I 69 -18.40 40.41 11.35
N THR I 70 -18.98 40.33 10.15
CA THR I 70 -20.20 39.57 9.96
C THR I 70 -20.26 39.13 8.50
N ASN I 71 -20.98 38.04 8.27
CA ASN I 71 -21.30 37.60 6.92
C ASN I 71 -22.73 37.90 6.53
N SER I 72 -23.48 38.54 7.42
CA SER I 72 -24.88 38.87 7.20
C SER I 72 -24.99 40.35 6.83
N GLU I 73 -25.57 40.62 5.66
CA GLU I 73 -25.74 42.00 5.22
C GLU I 73 -26.54 42.82 6.21
N GLY I 74 -27.61 42.23 6.76
CA GLY I 74 -28.43 42.94 7.72
C GLY I 74 -27.68 43.22 9.02
N ALA I 75 -26.91 42.23 9.50
CA ALA I 75 -26.11 42.45 10.69
C ALA I 75 -25.11 43.59 10.48
N MET I 76 -24.56 43.68 9.26
CA MET I 76 -23.64 44.77 8.93
C MET I 76 -24.35 46.12 8.95
N CYS I 77 -25.51 46.21 8.31
CA CYS I 77 -26.25 47.47 8.32
C CYS I 77 -26.64 47.88 9.72
N GLU I 78 -27.08 46.91 10.53
CA GLU I 78 -27.51 47.23 11.89
C GLU I 78 -26.35 47.67 12.77
N ARG I 79 -25.16 47.12 12.53
CA ARG I 79 -23.98 47.62 13.23
C ARG I 79 -23.69 49.06 12.81
N ILE I 80 -23.93 49.39 11.54
CA ILE I 80 -23.77 50.76 11.08
C ILE I 80 -24.81 51.67 11.72
N HIS I 81 -26.06 51.19 11.80
CA HIS I 81 -27.10 51.95 12.51
C HIS I 81 -26.68 52.22 13.96
N GLN I 82 -26.14 51.19 14.63
CA GLN I 82 -25.70 51.35 16.01
C GLN I 82 -24.56 52.35 16.12
N ALA I 83 -23.62 52.34 15.15
CA ALA I 83 -22.54 53.32 15.15
C ALA I 83 -23.08 54.74 14.97
N PHE I 84 -24.17 54.89 14.23
CA PHE I 84 -24.81 56.20 14.10
C PHE I 84 -25.41 56.65 15.43
N GLU I 85 -26.15 55.75 16.08
CA GLU I 85 -26.78 56.09 17.35
C GLU I 85 -25.76 56.33 18.45
N GLU I 86 -24.65 55.62 18.42
CA GLU I 86 -23.60 55.75 19.42
C GLU I 86 -22.60 56.86 19.09
N ARG I 87 -22.86 57.63 18.03
CA ARG I 87 -22.04 58.79 17.67
C ARG I 87 -20.57 58.41 17.54
N CYS I 88 -20.33 57.30 16.85
CA CYS I 88 -18.98 56.87 16.54
C CYS I 88 -18.21 57.97 15.84
N ASP I 89 -16.91 58.09 16.15
CA ASP I 89 -16.12 59.20 15.64
C ASP I 89 -15.62 58.96 14.22
N ALA I 90 -15.37 57.71 13.84
CA ALA I 90 -14.92 57.39 12.50
C ALA I 90 -15.16 55.91 12.23
N VAL I 91 -15.39 55.58 10.96
CA VAL I 91 -15.69 54.21 10.57
C VAL I 91 -14.72 53.78 9.50
N LEU I 92 -14.09 52.63 9.68
CA LEU I 92 -13.33 51.96 8.64
C LEU I 92 -14.14 50.75 8.20
N ILE I 93 -14.29 50.57 6.89
CA ILE I 93 -15.06 49.44 6.37
C ILE I 93 -14.27 48.80 5.24
N ASN I 94 -14.12 47.49 5.33
CA ASN I 94 -13.68 46.63 4.23
C ASN I 94 -14.81 45.63 4.10
N ALA I 95 -15.80 45.96 3.27
CA ALA I 95 -17.00 45.16 3.16
C ALA I 95 -16.80 43.90 2.35
N GLY I 96 -15.60 43.64 1.86
CA GLY I 96 -15.38 42.46 1.04
C GLY I 96 -16.10 42.59 -0.28
N ALA I 97 -16.65 41.46 -0.76
CA ALA I 97 -17.35 41.46 -2.04
C ALA I 97 -18.57 42.38 -2.01
N TRP I 98 -19.11 42.67 -0.83
CA TRP I 98 -20.25 43.57 -0.71
C TRP I 98 -19.95 44.92 -1.35
N THR I 99 -18.68 45.33 -1.36
CA THR I 99 -18.26 46.61 -1.90
C THR I 99 -18.82 46.87 -3.30
N HIS I 100 -19.05 45.81 -4.06
CA HIS I 100 -19.36 45.94 -5.48
C HIS I 100 -20.82 45.72 -5.83
N TYR I 101 -21.70 45.51 -4.84
CA TYR I 101 -23.12 45.36 -5.18
C TYR I 101 -24.10 45.68 -4.05
N SER I 102 -23.63 45.73 -2.81
CA SER I 102 -24.55 45.87 -1.67
C SER I 102 -24.98 47.32 -1.53
N TYR I 103 -26.07 47.67 -2.23
CA TYR I 103 -26.65 48.99 -2.04
C TYR I 103 -27.30 49.14 -0.66
N GLY I 104 -27.66 48.03 -0.02
CA GLY I 104 -28.18 48.11 1.33
C GLY I 104 -27.16 48.64 2.31
N ILE I 105 -25.93 48.13 2.22
CA ILE I 105 -24.85 48.65 3.07
C ILE I 105 -24.50 50.08 2.69
N ARG I 106 -24.56 50.40 1.40
CA ARG I 106 -24.30 51.76 0.97
C ARG I 106 -25.28 52.74 1.60
N ASP I 107 -26.58 52.43 1.56
CA ASP I 107 -27.54 53.33 2.17
C ASP I 107 -27.48 53.31 3.69
N ALA I 108 -26.93 52.25 4.28
CA ALA I 108 -26.66 52.27 5.71
C ALA I 108 -25.53 53.24 6.03
N LEU I 109 -24.45 53.18 5.25
CA LEU I 109 -23.33 54.10 5.45
C LEU I 109 -23.76 55.56 5.24
N ALA I 110 -24.74 55.78 4.36
CA ALA I 110 -25.22 57.14 4.10
C ALA I 110 -25.86 57.77 5.33
N ILE I 111 -26.35 56.96 6.28
CA ILE I 111 -26.92 57.51 7.49
C ILE I 111 -25.86 58.15 8.37
N LEU I 112 -24.63 57.62 8.33
CA LEU I 112 -23.55 58.16 9.15
C LEU I 112 -23.21 59.59 8.77
N THR I 113 -22.85 60.38 9.77
CA THR I 113 -22.34 61.73 9.55
C THR I 113 -20.86 61.87 9.92
N CYS I 114 -20.28 60.85 10.52
CA CYS I 114 -18.85 60.79 10.82
C CYS I 114 -18.07 60.39 9.57
N PRO I 115 -16.75 60.61 9.57
CA PRO I 115 -15.95 60.18 8.42
C PRO I 115 -16.00 58.67 8.25
N VAL I 116 -16.11 58.23 7.01
CA VAL I 116 -16.10 56.82 6.65
C VAL I 116 -14.92 56.58 5.72
N VAL I 117 -14.10 55.59 6.05
CA VAL I 117 -12.91 55.26 5.27
C VAL I 117 -13.08 53.86 4.70
N GLU I 118 -13.06 53.76 3.36
CA GLU I 118 -13.09 52.47 2.69
C GLU I 118 -11.66 51.98 2.46
N LEU I 119 -11.43 50.70 2.70
CA LEU I 119 -10.09 50.16 2.56
C LEU I 119 -10.17 48.75 2.00
N HIS I 120 -9.09 48.35 1.32
CA HIS I 120 -8.93 47.00 0.78
C HIS I 120 -7.48 46.60 0.90
N MET I 121 -7.24 45.31 1.17
CA MET I 121 -5.87 44.82 1.20
C MET I 121 -5.25 44.80 -0.19
N SER I 122 -6.02 44.39 -1.19
CA SER I 122 -5.53 44.23 -2.55
C SER I 122 -5.85 45.46 -3.38
N ASN I 123 -5.20 45.54 -4.55
CA ASN I 123 -5.46 46.59 -5.53
C ASN I 123 -6.66 46.17 -6.37
N VAL I 124 -7.86 46.50 -5.87
CA VAL I 124 -9.09 46.06 -6.51
C VAL I 124 -9.24 46.63 -7.92
N HIS I 125 -8.65 47.80 -8.18
CA HIS I 125 -8.75 48.37 -9.52
C HIS I 125 -7.89 47.64 -10.55
N ALA I 126 -7.05 46.70 -10.13
CA ALA I 126 -6.25 45.91 -11.05
C ALA I 126 -6.64 44.43 -11.04
N ARG I 127 -7.79 44.08 -10.47
CA ARG I 127 -8.28 42.72 -10.41
C ARG I 127 -9.43 42.56 -11.41
N GLU I 128 -10.36 41.65 -11.13
CA GLU I 128 -11.49 41.43 -12.03
C GLU I 128 -12.29 42.73 -12.18
N PRO I 129 -12.85 42.97 -13.37
CA PRO I 129 -13.58 44.23 -13.60
C PRO I 129 -14.66 44.55 -12.58
N PHE I 130 -15.40 43.56 -12.07
CA PHE I 130 -16.46 43.85 -11.11
C PHE I 130 -15.94 44.42 -9.80
N ARG I 131 -14.67 44.15 -9.47
CA ARG I 131 -14.07 44.73 -8.27
C ARG I 131 -13.55 46.14 -8.51
N HIS I 132 -13.63 46.67 -9.74
CA HIS I 132 -13.11 48.01 -9.98
C HIS I 132 -14.01 49.09 -9.41
N HIS I 133 -15.30 48.81 -9.25
CA HIS I 133 -16.24 49.84 -8.80
C HIS I 133 -16.67 49.55 -7.38
N SER I 134 -16.67 50.59 -6.55
CA SER I 134 -17.20 50.54 -5.21
C SER I 134 -18.51 51.31 -5.19
N VAL I 135 -19.57 50.68 -4.70
CA VAL I 135 -20.85 51.37 -4.58
C VAL I 135 -20.89 52.29 -3.37
N PHE I 136 -19.82 52.33 -2.57
CA PHE I 136 -19.75 53.19 -1.39
C PHE I 136 -19.10 54.54 -1.70
N SER I 137 -18.63 54.75 -2.93
CA SER I 137 -17.76 55.88 -3.23
C SER I 137 -18.39 57.23 -2.86
N GLU I 138 -19.72 57.35 -2.99
CA GLU I 138 -20.35 58.63 -2.71
C GLU I 138 -20.63 58.87 -1.22
N VAL I 139 -20.45 57.86 -0.38
CA VAL I 139 -20.75 57.97 1.05
C VAL I 139 -19.51 57.75 1.91
N VAL I 140 -18.32 57.81 1.33
CA VAL I 140 -17.08 57.67 2.08
C VAL I 140 -16.20 58.88 1.80
N VAL I 141 -15.30 59.16 2.74
CA VAL I 141 -14.34 60.24 2.55
C VAL I 141 -13.34 59.87 1.46
N GLY I 142 -12.90 58.63 1.45
CA GLY I 142 -11.93 58.19 0.47
C GLY I 142 -11.67 56.71 0.59
N GLN I 143 -10.70 56.25 -0.19
CA GLN I 143 -10.42 54.82 -0.31
C GLN I 143 -8.93 54.59 -0.24
N ILE I 144 -8.54 53.45 0.34
CA ILE I 144 -7.16 52.99 0.39
C ILE I 144 -7.14 51.52 -0.01
N CYS I 145 -6.32 51.18 -0.99
CA CYS I 145 -6.28 49.80 -1.47
C CYS I 145 -4.88 49.44 -1.92
N GLY I 146 -4.53 48.16 -1.77
CA GLY I 146 -3.34 47.59 -2.39
C GLY I 146 -2.18 47.35 -1.46
N PHE I 147 -2.25 47.78 -0.20
CA PHE I 147 -1.10 47.78 0.69
C PHE I 147 -1.17 46.67 1.73
N GLY I 148 -2.03 45.67 1.50
CA GLY I 148 -2.10 44.51 2.38
C GLY I 148 -2.49 44.91 3.79
N MET I 149 -1.78 44.34 4.76
CA MET I 149 -2.03 44.65 6.16
C MET I 149 -1.94 46.15 6.42
N GLU I 150 -1.05 46.83 5.71
CA GLU I 150 -0.84 48.26 5.92
C GLU I 150 -2.08 49.08 5.61
N SER I 151 -2.98 48.57 4.76
CA SER I 151 -4.21 49.29 4.43
C SER I 151 -5.04 49.60 5.67
N TYR I 152 -5.16 48.62 6.58
CA TYR I 152 -5.92 48.86 7.81
C TYR I 152 -5.27 49.93 8.67
N LEU I 153 -3.95 49.87 8.81
CA LEU I 153 -3.25 50.83 9.66
C LEU I 153 -3.29 52.23 9.06
N LEU I 154 -3.13 52.34 7.74
CA LEU I 154 -3.23 53.63 7.08
C LEU I 154 -4.64 54.20 7.18
N ALA I 155 -5.66 53.35 7.06
CA ALA I 155 -7.04 53.82 7.15
C ALA I 155 -7.33 54.37 8.54
N LEU I 156 -6.82 53.72 9.59
CA LEU I 156 -6.99 54.25 10.93
C LEU I 156 -6.33 55.62 11.06
N ARG I 157 -5.12 55.78 10.50
CA ARG I 157 -4.47 57.09 10.50
C ARG I 157 -5.31 58.13 9.77
N ALA I 158 -5.84 57.76 8.61
CA ALA I 158 -6.68 58.69 7.85
C ALA I 158 -7.89 59.12 8.67
N ALA I 159 -8.55 58.15 9.31
CA ALA I 159 -9.74 58.46 10.10
C ALA I 159 -9.40 59.35 11.30
N VAL I 160 -8.30 59.04 12.00
CA VAL I 160 -7.91 59.85 13.14
C VAL I 160 -7.55 61.27 12.71
N ALA I 161 -6.89 61.40 11.56
CA ALA I 161 -6.57 62.73 11.05
C ALA I 161 -7.81 63.49 10.62
N GLN I 162 -8.85 62.77 10.18
CA GLN I 162 -10.12 63.39 9.83
C GLN I 162 -10.82 63.95 11.07
N SER I 163 -10.63 63.30 12.23
CA SER I 163 -11.31 63.72 13.45
C SER I 163 -10.78 65.05 13.98
N GLY I 164 -9.52 65.37 13.71
CA GLY I 164 -8.91 66.58 14.24
C GLY I 164 -9.54 67.87 13.78
N MET J 20 5.35 -10.51 73.36
CA MET J 20 6.73 -10.58 72.89
C MET J 20 6.97 -9.71 71.67
N LYS J 21 8.17 -9.12 71.59
CA LYS J 21 8.51 -8.31 70.44
C LYS J 21 8.85 -9.22 69.26
N LYS J 22 8.38 -8.85 68.08
CA LYS J 22 8.57 -9.64 66.86
C LYS J 22 9.53 -8.90 65.93
N VAL J 23 10.62 -9.57 65.56
CA VAL J 23 11.63 -9.01 64.67
C VAL J 23 11.66 -9.83 63.39
N LEU J 24 11.68 -9.17 62.24
CA LEU J 24 11.72 -9.82 60.94
C LEU J 24 13.09 -9.60 60.29
N MET J 25 13.73 -10.69 59.89
CA MET J 25 15.02 -10.65 59.22
C MET J 25 14.82 -10.90 57.72
N LEU J 26 15.24 -9.94 56.90
CA LEU J 26 15.05 -10.00 55.45
C LEU J 26 16.39 -10.25 54.78
N HIS J 27 16.57 -11.45 54.24
CA HIS J 27 17.75 -11.79 53.45
C HIS J 27 17.45 -11.51 51.99
N GLY J 28 18.40 -10.88 51.30
CA GLY J 28 18.20 -10.37 49.96
C GLY J 28 18.60 -11.32 48.85
N ILE J 29 18.72 -10.76 47.66
CA ILE J 29 18.95 -11.53 46.44
C ILE J 29 20.30 -12.22 46.49
N ASN J 30 20.35 -13.45 45.97
CA ASN J 30 21.52 -14.32 45.89
C ASN J 30 21.94 -14.89 47.24
N HIS J 31 21.27 -14.54 48.34
CA HIS J 31 21.73 -14.96 49.65
C HIS J 31 21.45 -16.42 49.93
N ASN J 32 20.57 -17.07 49.14
CA ASN J 32 20.40 -18.51 49.26
C ASN J 32 21.68 -19.28 48.95
N MET J 33 22.65 -18.65 48.30
CA MET J 33 23.91 -19.30 47.97
C MET J 33 25.01 -19.05 49.00
N PHE J 34 24.68 -18.41 50.13
CA PHE J 34 25.69 -18.20 51.18
C PHE J 34 26.30 -19.51 51.62
N GLY J 35 27.63 -19.58 51.61
CA GLY J 35 28.30 -20.78 52.08
C GLY J 35 28.33 -21.93 51.11
N LYS J 36 27.85 -21.73 49.88
CA LYS J 36 27.80 -22.80 48.88
C LYS J 36 28.84 -22.65 47.80
N ARG J 37 29.78 -21.74 47.97
CA ARG J 37 30.86 -21.53 47.01
C ARG J 37 32.10 -22.25 47.54
N ASP J 38 33.25 -21.96 46.95
CA ASP J 38 34.48 -22.63 47.38
C ASP J 38 34.77 -22.26 48.83
N PRO J 39 34.89 -23.24 49.74
CA PRO J 39 35.07 -22.91 51.16
C PRO J 39 36.35 -22.14 51.47
N VAL J 40 37.41 -22.35 50.70
CA VAL J 40 38.67 -21.68 51.00
C VAL J 40 38.56 -20.17 50.80
N GLN J 41 37.85 -19.74 49.76
CA GLN J 41 37.79 -18.32 49.44
C GLN J 41 36.59 -17.60 50.05
N TYR J 42 35.45 -18.28 50.21
CA TYR J 42 34.22 -17.61 50.63
C TYR J 42 33.69 -18.11 51.97
N GLY J 43 34.34 -19.07 52.60
CA GLY J 43 33.87 -19.63 53.84
C GLY J 43 32.69 -20.57 53.59
N THR J 44 32.10 -21.04 54.67
CA THR J 44 31.00 -21.99 54.60
C THR J 44 29.76 -21.50 55.32
N ILE J 45 29.72 -20.21 55.69
CA ILE J 45 28.59 -19.70 56.46
C ILE J 45 27.35 -19.69 55.57
N THR J 46 26.29 -20.35 56.03
CA THR J 46 25.07 -20.52 55.26
C THR J 46 23.96 -19.62 55.78
N LEU J 47 22.94 -19.45 54.96
CA LEU J 47 21.76 -18.73 55.42
C LEU J 47 21.11 -19.46 56.58
N SER J 48 21.15 -20.79 56.55
CA SER J 48 20.61 -21.59 57.63
C SER J 48 21.40 -21.40 58.91
N GLU J 49 22.73 -21.35 58.82
CA GLU J 49 23.55 -21.15 60.01
C GLU J 49 23.31 -19.77 60.62
N ILE J 50 23.16 -18.75 59.78
CA ILE J 50 22.88 -17.40 60.28
C ILE J 50 21.55 -17.37 61.02
N ASP J 51 20.53 -17.97 60.44
CA ASP J 51 19.21 -17.97 61.08
C ASP J 51 19.25 -18.68 62.42
N ASN J 52 20.00 -19.78 62.52
CA ASN J 52 20.12 -20.49 63.79
C ASN J 52 20.76 -19.60 64.85
N ARG J 53 21.84 -18.91 64.48
CA ARG J 53 22.50 -18.01 65.42
C ARG J 53 21.55 -16.88 65.83
N LEU J 54 20.73 -16.39 64.89
CA LEU J 54 19.73 -15.39 65.22
C LEU J 54 18.69 -15.93 66.20
N GLN J 55 18.23 -17.16 65.99
CA GLN J 55 17.25 -17.74 66.90
C GLN J 55 17.80 -17.89 68.31
N ALA J 56 19.08 -18.28 68.42
CA ALA J 56 19.68 -18.42 69.74
C ALA J 56 19.72 -17.09 70.48
N LEU J 57 20.17 -16.04 69.79
CA LEU J 57 20.25 -14.73 70.44
C LEU J 57 18.86 -14.18 70.74
N ALA J 58 17.89 -14.43 69.84
CA ALA J 58 16.52 -13.99 70.09
C ALA J 58 15.97 -14.60 71.37
N ALA J 59 16.16 -15.91 71.55
CA ALA J 59 15.72 -16.55 72.78
C ALA J 59 16.48 -15.98 73.97
N GLU J 60 17.78 -15.75 73.82
CA GLU J 60 18.55 -15.15 74.90
C GLU J 60 18.06 -13.73 75.18
N LEU J 61 17.67 -13.00 74.13
CA LEU J 61 17.17 -11.64 74.28
C LEU J 61 15.70 -11.57 74.66
N GLY J 62 14.97 -12.69 74.59
CA GLY J 62 13.57 -12.67 74.94
C GLY J 62 12.66 -12.09 73.87
N VAL J 63 12.98 -12.29 72.59
CA VAL J 63 12.17 -11.81 71.48
C VAL J 63 12.01 -12.95 70.48
N GLN J 64 11.13 -12.74 69.52
CA GLN J 64 10.90 -13.69 68.45
C GLN J 64 11.51 -13.17 67.16
N VAL J 65 12.12 -14.08 66.38
CA VAL J 65 12.72 -13.73 65.10
C VAL J 65 12.15 -14.63 64.02
N GLU J 66 11.67 -14.01 62.93
CA GLU J 66 11.23 -14.71 61.73
C GLU J 66 12.15 -14.30 60.59
N SER J 67 12.60 -15.27 59.81
CA SER J 67 13.52 -15.03 58.70
C SER J 67 12.81 -15.21 57.37
N PHE J 68 13.20 -14.41 56.38
CA PHE J 68 12.62 -14.47 55.05
C PHE J 68 13.69 -14.13 54.03
N GLN J 69 13.82 -14.98 53.01
CA GLN J 69 14.75 -14.74 51.91
C GLN J 69 14.03 -14.88 50.59
N THR J 70 14.39 -14.01 49.63
CA THR J 70 13.83 -14.10 48.29
C THR J 70 14.82 -13.49 47.31
N ASN J 71 14.73 -13.92 46.05
CA ASN J 71 15.47 -13.33 44.95
C ASN J 71 14.58 -12.46 44.07
N SER J 72 13.30 -12.33 44.43
CA SER J 72 12.34 -11.55 43.66
C SER J 72 12.11 -10.22 44.34
N GLU J 73 12.35 -9.13 43.60
CA GLU J 73 12.14 -7.79 44.15
C GLU J 73 10.71 -7.61 44.62
N GLY J 74 9.74 -8.13 43.87
CA GLY J 74 8.34 -7.99 44.26
C GLY J 74 7.98 -8.77 45.51
N ALA J 75 8.49 -10.00 45.64
CA ALA J 75 8.24 -10.77 46.85
C ALA J 75 8.83 -10.09 48.08
N MET J 76 10.00 -9.47 47.94
CA MET J 76 10.61 -8.76 49.05
C MET J 76 9.74 -7.59 49.49
N CYS J 77 9.26 -6.79 48.53
CA CYS J 77 8.39 -5.68 48.86
C CYS J 77 7.10 -6.16 49.52
N GLU J 78 6.56 -7.28 49.03
CA GLU J 78 5.32 -7.80 49.58
C GLU J 78 5.51 -8.32 51.00
N ARG J 79 6.66 -8.92 51.29
CA ARG J 79 6.94 -9.33 52.67
C ARG J 79 7.04 -8.11 53.57
N ILE J 80 7.58 -7.01 53.05
CA ILE J 80 7.63 -5.76 53.81
C ILE J 80 6.20 -5.23 54.02
N HIS J 81 5.36 -5.30 53.00
CA HIS J 81 3.96 -4.92 53.16
C HIS J 81 3.30 -5.76 54.26
N GLN J 82 3.55 -7.08 54.22
CA GLN J 82 3.01 -7.98 55.23
C GLN J 82 3.55 -7.65 56.61
N ALA J 83 4.84 -7.32 56.69
CA ALA J 83 5.41 -6.92 57.98
C ALA J 83 4.74 -5.65 58.50
N PHE J 84 4.35 -4.75 57.60
CA PHE J 84 3.61 -3.57 58.01
C PHE J 84 2.23 -3.95 58.52
N GLU J 85 1.54 -4.83 57.79
CA GLU J 85 0.20 -5.26 58.17
C GLU J 85 0.21 -6.02 59.48
N GLU J 86 1.27 -6.78 59.75
CA GLU J 86 1.37 -7.60 60.95
C GLU J 86 1.91 -6.82 62.16
N ARG J 87 2.12 -5.51 62.03
CA ARG J 87 2.59 -4.68 63.13
C ARG J 87 3.90 -5.22 63.71
N CYS J 88 4.80 -5.60 62.82
CA CYS J 88 6.13 -6.04 63.20
C CYS J 88 6.83 -4.99 64.05
N ASP J 89 7.60 -5.46 65.04
CA ASP J 89 8.24 -4.54 65.98
C ASP J 89 9.56 -3.97 65.47
N ALA J 90 10.29 -4.72 64.64
CA ALA J 90 11.53 -4.25 64.06
C ALA J 90 11.89 -5.14 62.88
N VAL J 91 12.58 -4.56 61.89
CA VAL J 91 12.97 -5.26 60.68
C VAL J 91 14.48 -5.16 60.50
N LEU J 92 15.13 -6.28 60.27
CA LEU J 92 16.53 -6.34 59.86
C LEU J 92 16.56 -6.70 58.38
N ILE J 93 17.35 -5.95 57.60
CA ILE J 93 17.42 -6.19 56.16
C ILE J 93 18.87 -6.16 55.70
N ASN J 94 19.28 -7.20 54.99
CA ASN J 94 20.51 -7.24 54.19
C ASN J 94 20.03 -7.60 52.79
N ALA J 95 19.73 -6.58 51.99
CA ALA J 95 19.11 -6.79 50.69
C ALA J 95 20.08 -7.27 49.63
N GLY J 96 21.35 -7.48 49.96
CA GLY J 96 22.31 -7.87 48.95
C GLY J 96 22.57 -6.74 47.98
N ALA J 97 22.76 -7.09 46.70
CA ALA J 97 23.03 -6.07 45.70
C ALA J 97 21.89 -5.07 45.57
N TRP J 98 20.67 -5.47 45.96
CA TRP J 98 19.52 -4.56 45.91
C TRP J 98 19.76 -3.28 46.70
N THR J 99 20.59 -3.35 47.75
CA THR J 99 20.88 -2.18 48.57
C THR J 99 21.32 -0.98 47.73
N HIS J 100 21.94 -1.22 46.58
CA HIS J 100 22.59 -0.16 45.84
C HIS J 100 21.80 0.32 44.62
N TYR J 101 20.59 -0.20 44.37
CA TYR J 101 19.83 0.33 43.25
C TYR J 101 18.31 0.14 43.34
N SER J 102 17.84 -0.76 44.21
CA SER J 102 16.42 -1.11 44.22
C SER J 102 15.60 -0.05 44.97
N TYR J 103 15.15 0.96 44.23
CA TYR J 103 14.27 1.97 44.82
C TYR J 103 12.89 1.42 45.16
N GLY J 104 12.47 0.33 44.52
CA GLY J 104 11.21 -0.27 44.88
C GLY J 104 11.21 -0.78 46.32
N ILE J 105 12.28 -1.48 46.70
CA ILE J 105 12.40 -1.96 48.07
C ILE J 105 12.56 -0.80 49.04
N ARG J 106 13.23 0.27 48.62
CA ARG J 106 13.36 1.46 49.46
C ARG J 106 11.99 2.04 49.80
N ASP J 107 11.13 2.20 48.78
CA ASP J 107 9.81 2.76 49.02
C ASP J 107 8.90 1.78 49.78
N ALA J 108 9.20 0.49 49.74
CA ALA J 108 8.50 -0.45 50.61
C ALA J 108 8.90 -0.26 52.07
N LEU J 109 10.22 -0.14 52.32
CA LEU J 109 10.70 0.10 53.68
C LEU J 109 10.17 1.42 54.25
N ALA J 110 9.94 2.40 53.38
CA ALA J 110 9.39 3.68 53.84
C ALA J 110 7.99 3.54 54.41
N ILE J 111 7.24 2.51 54.02
CA ILE J 111 5.90 2.31 54.58
C ILE J 111 5.98 1.92 56.05
N LEU J 112 7.02 1.17 56.44
CA LEU J 112 7.15 0.72 57.82
C LEU J 112 7.32 1.91 58.76
N THR J 113 6.75 1.77 59.96
CA THR J 113 6.93 2.75 61.03
C THR J 113 7.75 2.20 62.18
N CYS J 114 8.05 0.90 62.17
CA CYS J 114 8.94 0.28 63.15
C CYS J 114 10.39 0.57 62.78
N PRO J 115 11.31 0.36 63.73
CA PRO J 115 12.74 0.53 63.40
C PRO J 115 13.18 -0.46 62.33
N VAL J 116 13.98 0.04 61.38
CA VAL J 116 14.55 -0.78 60.33
C VAL J 116 16.07 -0.67 60.42
N VAL J 117 16.74 -1.82 60.45
CA VAL J 117 18.19 -1.89 60.59
C VAL J 117 18.78 -2.53 59.35
N GLU J 118 19.66 -1.81 58.67
CA GLU J 118 20.40 -2.34 57.54
C GLU J 118 21.72 -2.95 58.02
N LEU J 119 22.07 -4.10 57.46
CA LEU J 119 23.29 -4.79 57.87
C LEU J 119 23.96 -5.41 56.66
N HIS J 120 25.28 -5.58 56.75
CA HIS J 120 26.07 -6.26 55.74
C HIS J 120 27.19 -7.03 56.42
N MET J 121 27.51 -8.21 55.87
CA MET J 121 28.63 -8.97 56.40
C MET J 121 29.95 -8.28 56.09
N SER J 122 30.09 -7.71 54.90
CA SER J 122 31.33 -7.11 54.44
C SER J 122 31.31 -5.61 54.66
N ASN J 123 32.50 -5.01 54.59
CA ASN J 123 32.66 -3.56 54.68
C ASN J 123 32.39 -2.98 53.30
N VAL J 124 31.11 -2.73 53.01
CA VAL J 124 30.69 -2.29 51.68
C VAL J 124 31.34 -0.96 51.30
N HIS J 125 31.69 -0.15 52.29
CA HIS J 125 32.31 1.14 52.01
C HIS J 125 33.75 1.01 51.55
N ALA J 126 34.34 -0.18 51.63
CA ALA J 126 35.70 -0.43 51.18
C ALA J 126 35.76 -1.38 49.99
N ARG J 127 34.63 -1.62 49.33
CA ARG J 127 34.56 -2.51 48.19
C ARG J 127 34.37 -1.67 46.91
N GLU J 128 33.73 -2.25 45.90
CA GLU J 128 33.52 -1.53 44.65
C GLU J 128 32.73 -0.26 44.90
N PRO J 129 33.00 0.82 44.16
CA PRO J 129 32.31 2.09 44.41
C PRO J 129 30.79 1.99 44.44
N PHE J 130 30.19 1.15 43.60
CA PHE J 130 28.73 1.07 43.58
C PHE J 130 28.17 0.53 44.88
N ARG J 131 28.96 -0.23 45.65
CA ARG J 131 28.51 -0.73 46.93
C ARG J 131 28.65 0.29 48.05
N HIS J 132 29.23 1.47 47.78
CA HIS J 132 29.40 2.43 48.86
C HIS J 132 28.09 3.10 49.26
N HIS J 133 27.11 3.12 48.37
CA HIS J 133 25.88 3.87 48.61
C HIS J 133 24.71 2.92 48.83
N SER J 134 23.93 3.20 49.87
CA SER J 134 22.69 2.49 50.15
C SER J 134 21.52 3.40 49.82
N VAL J 135 20.56 2.90 49.04
CA VAL J 135 19.36 3.68 48.75
C VAL J 135 18.36 3.63 49.90
N PHE J 136 18.65 2.89 50.97
CA PHE J 136 17.78 2.79 52.13
C PHE J 136 18.11 3.79 53.21
N SER J 137 19.17 4.59 53.04
CA SER J 137 19.72 5.37 54.13
C SER J 137 18.69 6.28 54.80
N GLU J 138 17.73 6.81 54.04
CA GLU J 138 16.74 7.71 54.60
C GLU J 138 15.56 6.98 55.25
N VAL J 139 15.45 5.66 55.08
CA VAL J 139 14.32 4.92 55.60
C VAL J 139 14.73 3.85 56.61
N VAL J 140 15.96 3.91 57.10
CA VAL J 140 16.43 2.99 58.12
C VAL J 140 16.94 3.78 59.31
N VAL J 141 16.90 3.13 60.48
CA VAL J 141 17.43 3.74 61.70
C VAL J 141 18.93 3.88 61.62
N GLY J 142 19.59 2.87 61.07
CA GLY J 142 21.03 2.88 60.97
C GLY J 142 21.52 1.68 60.19
N GLN J 143 22.84 1.55 60.14
CA GLN J 143 23.50 0.55 59.32
C GLN J 143 24.63 -0.08 60.12
N ILE J 144 24.87 -1.36 59.87
CA ILE J 144 25.97 -2.11 60.47
C ILE J 144 26.64 -2.93 59.38
N CYS J 145 27.94 -2.80 59.21
CA CYS J 145 28.60 -3.55 58.15
C CYS J 145 30.01 -3.92 58.57
N GLY J 146 30.49 -5.05 58.04
CA GLY J 146 31.89 -5.42 58.12
C GLY J 146 32.20 -6.54 59.11
N PHE J 147 31.25 -6.98 59.91
CA PHE J 147 31.54 -7.89 61.02
C PHE J 147 31.08 -9.31 60.74
N GLY J 148 30.86 -9.65 59.48
CA GLY J 148 30.54 -11.03 59.14
C GLY J 148 29.26 -11.50 59.79
N MET J 149 29.31 -12.69 60.39
CA MET J 149 28.15 -13.22 61.10
C MET J 149 27.67 -12.26 62.18
N GLU J 150 28.61 -11.60 62.86
CA GLU J 150 28.27 -10.69 63.95
C GLU J 150 27.38 -9.54 63.49
N SER J 151 27.43 -9.18 62.20
CA SER J 151 26.57 -8.13 61.69
C SER J 151 25.10 -8.44 61.93
N TYR J 152 24.70 -9.69 61.68
CA TYR J 152 23.32 -10.10 61.94
C TYR J 152 22.98 -10.04 63.43
N LEU J 153 23.89 -10.53 64.27
CA LEU J 153 23.62 -10.55 65.70
C LEU J 153 23.60 -9.14 66.29
N LEU J 154 24.50 -8.27 65.83
CA LEU J 154 24.50 -6.88 66.27
C LEU J 154 23.23 -6.16 65.82
N ALA J 155 22.77 -6.44 64.60
CA ALA J 155 21.55 -5.80 64.10
C ALA J 155 20.35 -6.20 64.94
N LEU J 156 20.25 -7.48 65.31
CA LEU J 156 19.17 -7.91 66.19
C LEU J 156 19.25 -7.20 67.53
N ARG J 157 20.44 -7.08 68.11
CA ARG J 157 20.60 -6.34 69.35
C ARG J 157 20.19 -4.89 69.17
N ALA J 158 20.63 -4.25 68.08
CA ALA J 158 20.27 -2.85 67.85
C ALA J 158 18.77 -2.67 67.77
N ALA J 159 18.09 -3.59 67.07
CA ALA J 159 16.63 -3.50 66.92
C ALA J 159 15.94 -3.68 68.26
N VAL J 160 16.39 -4.64 69.08
CA VAL J 160 15.76 -4.89 70.37
C VAL J 160 15.95 -3.70 71.30
N ALA J 161 17.13 -3.07 71.27
CA ALA J 161 17.37 -1.89 72.09
C ALA J 161 16.54 -0.70 71.62
N GLN J 162 16.19 -0.66 70.33
CA GLN J 162 15.35 0.42 69.83
C GLN J 162 13.94 0.35 70.42
N SER J 163 13.42 -0.86 70.63
CA SER J 163 12.07 -1.04 71.16
C SER J 163 12.01 -0.68 72.65
N MET K 20 -15.24 -0.21 20.71
CA MET K 20 -14.94 0.75 21.77
C MET K 20 -13.44 0.74 22.10
N LYS K 21 -12.88 1.92 22.37
CA LYS K 21 -11.46 2.02 22.66
C LYS K 21 -11.14 1.42 24.02
N LYS K 22 -9.93 0.85 24.12
CA LYS K 22 -9.46 0.22 25.35
C LYS K 22 -8.21 0.94 25.84
N VAL K 23 -8.28 1.51 27.04
CA VAL K 23 -7.16 2.15 27.69
C VAL K 23 -6.74 1.30 28.88
N LEU K 24 -5.43 1.06 29.01
CA LEU K 24 -4.87 0.23 30.06
C LEU K 24 -4.18 1.10 31.10
N MET K 25 -4.48 0.86 32.37
CA MET K 25 -3.88 1.60 33.48
C MET K 25 -2.95 0.67 34.25
N LEU K 26 -1.65 1.00 34.24
CA LEU K 26 -0.62 0.18 34.87
C LEU K 26 -0.19 0.88 36.17
N HIS K 27 -0.52 0.27 37.30
CA HIS K 27 -0.04 0.75 38.59
C HIS K 27 1.23 0.00 38.96
N GLY K 28 2.21 0.74 39.48
CA GLY K 28 3.55 0.24 39.68
C GLY K 28 3.77 -0.41 41.04
N ILE K 29 5.05 -0.56 41.38
CA ILE K 29 5.45 -1.28 42.58
C ILE K 29 5.01 -0.51 43.82
N ASN K 30 4.62 -1.25 44.87
CA ASN K 30 4.18 -0.75 46.17
C ASN K 30 2.85 -0.01 46.12
N HIS K 31 2.18 0.07 44.98
CA HIS K 31 0.95 0.85 44.90
C HIS K 31 -0.24 0.13 45.53
N ASN K 32 -0.16 -1.18 45.73
CA ASN K 32 -1.21 -1.93 46.39
C ASN K 32 -1.37 -1.51 47.85
N MET K 33 -0.54 -0.57 48.31
CA MET K 33 -0.60 -0.04 49.66
C MET K 33 -1.15 1.38 49.71
N PHE K 34 -1.62 1.90 48.57
CA PHE K 34 -2.14 3.27 48.52
C PHE K 34 -3.26 3.48 49.52
N GLY K 35 -3.11 4.52 50.34
CA GLY K 35 -4.11 4.88 51.32
C GLY K 35 -4.13 4.03 52.58
N LYS K 36 -3.48 2.87 52.57
CA LYS K 36 -3.45 1.99 53.73
C LYS K 36 -2.39 2.39 54.76
N ARG K 37 -1.89 3.62 54.70
CA ARG K 37 -0.91 4.13 55.66
C ARG K 37 -1.60 5.10 56.62
N ASP K 38 -0.81 5.91 57.32
CA ASP K 38 -1.33 6.89 58.27
C ASP K 38 -2.22 7.89 57.54
N PRO K 39 -3.48 8.06 57.97
CA PRO K 39 -4.35 9.03 57.29
C PRO K 39 -3.89 10.48 57.43
N VAL K 40 -3.21 10.83 58.54
CA VAL K 40 -2.83 12.22 58.77
C VAL K 40 -1.70 12.63 57.82
N GLN K 41 -0.71 11.76 57.63
CA GLN K 41 0.44 12.05 56.79
C GLN K 41 0.27 11.56 55.36
N TYR K 42 -0.20 10.32 55.17
CA TYR K 42 -0.21 9.72 53.84
C TYR K 42 -1.46 10.10 53.07
N GLY K 43 -2.64 9.80 53.62
CA GLY K 43 -3.90 10.08 52.98
C GLY K 43 -4.80 8.85 52.99
N THR K 44 -5.94 8.96 52.31
CA THR K 44 -6.92 7.90 52.27
C THR K 44 -7.21 7.39 50.86
N ILE K 45 -6.53 7.91 49.84
CA ILE K 45 -6.81 7.48 48.47
C ILE K 45 -6.23 6.10 48.24
N THR K 46 -7.08 5.15 47.85
CA THR K 46 -6.69 3.77 47.61
C THR K 46 -6.65 3.49 46.12
N LEU K 47 -6.05 2.35 45.78
CA LEU K 47 -6.00 1.93 44.38
C LEU K 47 -7.39 1.54 43.86
N SER K 48 -8.22 0.95 44.71
CA SER K 48 -9.58 0.62 44.29
C SER K 48 -10.41 1.88 44.06
N GLU K 49 -10.20 2.90 44.90
CA GLU K 49 -10.87 4.18 44.68
C GLU K 49 -10.39 4.83 43.39
N ILE K 50 -9.10 4.76 43.11
CA ILE K 50 -8.55 5.31 41.87
C ILE K 50 -9.17 4.60 40.66
N ASP K 51 -9.22 3.26 40.70
CA ASP K 51 -9.80 2.52 39.59
C ASP K 51 -11.27 2.83 39.41
N ASN K 52 -12.00 3.05 40.51
CA ASN K 52 -13.42 3.40 40.41
C ASN K 52 -13.60 4.73 39.69
N ARG K 53 -12.80 5.73 40.06
CA ARG K 53 -12.91 7.04 39.43
C ARG K 53 -12.52 7.00 37.96
N LEU K 54 -11.59 6.10 37.59
CA LEU K 54 -11.24 5.92 36.19
C LEU K 54 -12.42 5.38 35.40
N GLN K 55 -13.15 4.41 35.96
CA GLN K 55 -14.31 3.87 35.27
C GLN K 55 -15.39 4.92 35.07
N ALA K 56 -15.53 5.85 36.01
CA ALA K 56 -16.48 6.94 35.85
C ALA K 56 -16.14 7.79 34.64
N LEU K 57 -14.89 8.29 34.59
CA LEU K 57 -14.48 9.11 33.45
C LEU K 57 -14.45 8.30 32.15
N ALA K 58 -14.16 7.00 32.24
CA ALA K 58 -14.16 6.16 31.05
C ALA K 58 -15.54 6.12 30.40
N ALA K 59 -16.59 5.97 31.22
CA ALA K 59 -17.95 5.97 30.68
C ALA K 59 -18.29 7.33 30.08
N GLU K 60 -18.01 8.41 30.82
CA GLU K 60 -18.29 9.76 30.34
C GLU K 60 -17.52 10.08 29.07
N LEU K 61 -16.33 9.51 28.90
CA LEU K 61 -15.52 9.75 27.70
C LEU K 61 -15.84 8.79 26.56
N GLY K 62 -16.45 7.64 26.86
CA GLY K 62 -16.75 6.68 25.82
C GLY K 62 -15.67 5.67 25.54
N VAL K 63 -14.90 5.27 26.56
CA VAL K 63 -13.86 4.27 26.42
C VAL K 63 -13.95 3.29 27.58
N GLN K 64 -13.32 2.14 27.41
CA GLN K 64 -13.20 1.14 28.46
C GLN K 64 -11.81 1.21 29.07
N VAL K 65 -11.74 1.13 30.40
CA VAL K 65 -10.48 1.20 31.13
C VAL K 65 -10.28 -0.11 31.88
N GLU K 66 -9.10 -0.70 31.72
CA GLU K 66 -8.70 -1.90 32.44
C GLU K 66 -7.47 -1.59 33.27
N SER K 67 -7.49 -1.99 34.54
CA SER K 67 -6.42 -1.68 35.48
C SER K 67 -5.60 -2.92 35.79
N PHE K 68 -4.30 -2.72 35.97
CA PHE K 68 -3.36 -3.79 36.30
C PHE K 68 -2.32 -3.26 37.27
N GLN K 69 -2.12 -3.98 38.38
CA GLN K 69 -1.09 -3.62 39.35
C GLN K 69 -0.27 -4.86 39.66
N THR K 70 1.04 -4.68 39.75
CA THR K 70 1.95 -5.76 40.10
C THR K 70 3.16 -5.17 40.81
N ASN K 71 3.75 -5.97 41.69
CA ASN K 71 5.05 -5.64 42.29
C ASN K 71 6.19 -6.36 41.60
N SER K 72 5.89 -7.16 40.58
CA SER K 72 6.90 -7.89 39.83
C SER K 72 7.30 -7.10 38.59
N GLU K 73 8.60 -6.85 38.43
CA GLU K 73 9.07 -6.12 37.26
C GLU K 73 8.74 -6.88 35.97
N GLY K 74 8.98 -8.19 35.97
CA GLY K 74 8.69 -8.98 34.78
C GLY K 74 7.22 -9.07 34.48
N ALA K 75 6.38 -9.16 35.52
CA ALA K 75 4.94 -9.19 35.30
C ALA K 75 4.46 -7.91 34.64
N MET K 76 5.04 -6.77 35.04
CA MET K 76 4.70 -5.51 34.39
C MET K 76 5.08 -5.54 32.91
N CYS K 77 6.30 -6.01 32.61
CA CYS K 77 6.74 -6.06 31.22
C CYS K 77 5.89 -7.02 30.40
N GLU K 78 5.55 -8.19 30.96
CA GLU K 78 4.72 -9.13 30.23
C GLU K 78 3.30 -8.63 30.04
N ARG K 79 2.82 -7.78 30.96
CA ARG K 79 1.56 -7.09 30.73
C ARG K 79 1.69 -6.07 29.60
N ILE K 80 2.85 -5.42 29.51
CA ILE K 80 3.11 -4.50 28.41
C ILE K 80 3.22 -5.27 27.09
N HIS K 81 3.89 -6.42 27.11
CA HIS K 81 3.92 -7.29 25.93
C HIS K 81 2.51 -7.63 25.47
N GLN K 82 1.63 -7.93 26.43
CA GLN K 82 0.26 -8.31 26.08
C GLN K 82 -0.49 -7.17 25.41
N ALA K 83 -0.34 -5.94 25.94
CA ALA K 83 -1.02 -4.79 25.35
C ALA K 83 -0.53 -4.52 23.94
N PHE K 84 0.71 -4.90 23.63
CA PHE K 84 1.18 -4.81 22.26
C PHE K 84 0.51 -5.86 21.39
N GLU K 85 0.44 -7.10 21.88
CA GLU K 85 -0.17 -8.17 21.10
C GLU K 85 -1.67 -7.96 20.92
N GLU K 86 -2.34 -7.40 21.92
CA GLU K 86 -3.77 -7.17 21.86
C GLU K 86 -4.14 -5.80 21.32
N ARG K 87 -3.17 -5.09 20.73
CA ARG K 87 -3.42 -3.81 20.06
C ARG K 87 -4.18 -2.85 20.98
N CYS K 88 -3.77 -2.79 22.24
CA CYS K 88 -4.33 -1.82 23.18
C CYS K 88 -4.21 -0.41 22.62
N ASP K 89 -5.26 0.39 22.78
CA ASP K 89 -5.32 1.68 22.12
C ASP K 89 -4.44 2.74 22.79
N ALA K 90 -4.29 2.69 24.11
CA ALA K 90 -3.46 3.65 24.82
C ALA K 90 -3.16 3.08 26.20
N VAL K 91 -2.02 3.46 26.76
CA VAL K 91 -1.52 2.92 28.02
C VAL K 91 -1.20 4.07 28.96
N LEU K 92 -1.77 4.04 30.16
CA LEU K 92 -1.39 4.92 31.26
C LEU K 92 -0.53 4.12 32.23
N ILE K 93 0.57 4.71 32.68
CA ILE K 93 1.49 4.00 33.56
C ILE K 93 1.94 4.93 34.69
N ASN K 94 1.86 4.43 35.92
CA ASN K 94 2.47 5.07 37.09
C ASN K 94 3.34 3.98 37.72
N ALA K 95 4.59 3.91 37.29
CA ALA K 95 5.49 2.83 37.72
C ALA K 95 5.93 2.98 39.18
N GLY K 96 5.57 4.07 39.84
CA GLY K 96 6.04 4.31 41.19
C GLY K 96 7.54 4.49 41.26
N ALA K 97 8.22 3.60 42.00
CA ALA K 97 9.67 3.68 42.12
C ALA K 97 10.38 3.18 40.88
N TRP K 98 9.76 2.30 40.09
CA TRP K 98 10.35 1.81 38.86
C TRP K 98 10.62 2.91 37.86
N THR K 99 9.96 4.07 38.01
CA THR K 99 10.11 5.16 37.05
C THR K 99 11.55 5.64 36.96
N HIS K 100 12.34 5.44 38.01
CA HIS K 100 13.64 6.07 38.12
C HIS K 100 14.80 5.13 37.86
N TYR K 101 14.56 3.85 37.55
CA TYR K 101 15.68 2.96 37.32
C TYR K 101 15.35 1.73 36.46
N SER K 102 14.07 1.40 36.29
CA SER K 102 13.74 0.17 35.58
C SER K 102 13.91 0.38 34.07
N TYR K 103 15.08 0.01 33.56
CA TYR K 103 15.30 0.03 32.12
C TYR K 103 14.62 -1.13 31.42
N GLY K 104 14.25 -2.18 32.15
CA GLY K 104 13.51 -3.28 31.55
C GLY K 104 12.10 -2.89 31.18
N ILE K 105 11.43 -2.13 32.04
CA ILE K 105 10.10 -1.64 31.71
C ILE K 105 10.19 -0.55 30.65
N ARG K 106 11.28 0.23 30.65
CA ARG K 106 11.48 1.20 29.59
C ARG K 106 11.51 0.52 28.23
N ASP K 107 12.34 -0.51 28.08
CA ASP K 107 12.41 -1.23 26.83
C ASP K 107 11.13 -2.01 26.53
N ALA K 108 10.32 -2.31 27.56
CA ALA K 108 9.01 -2.92 27.31
C ALA K 108 8.06 -1.92 26.67
N LEU K 109 7.95 -0.72 27.25
CA LEU K 109 7.13 0.34 26.67
C LEU K 109 7.63 0.75 25.29
N ALA K 110 8.90 0.52 24.98
CA ALA K 110 9.44 0.86 23.66
C ALA K 110 8.84 -0.03 22.58
N ILE K 111 8.39 -1.23 22.94
CA ILE K 111 7.79 -2.12 21.95
C ILE K 111 6.39 -1.65 21.59
N LEU K 112 5.71 -0.96 22.49
CA LEU K 112 4.37 -0.46 22.22
C LEU K 112 4.40 0.52 21.06
N THR K 113 3.25 0.62 20.37
CA THR K 113 3.05 1.59 19.31
C THR K 113 1.88 2.53 19.60
N CYS K 114 1.17 2.33 20.70
CA CYS K 114 0.09 3.20 21.13
C CYS K 114 0.63 4.32 22.00
N PRO K 115 -0.11 5.42 22.14
CA PRO K 115 0.35 6.51 22.99
C PRO K 115 0.45 6.07 24.45
N VAL K 116 1.52 6.52 25.11
CA VAL K 116 1.80 6.16 26.50
C VAL K 116 1.92 7.44 27.30
N VAL K 117 1.22 7.50 28.43
CA VAL K 117 1.20 8.68 29.29
C VAL K 117 1.76 8.30 30.65
N GLU K 118 2.85 8.96 31.05
CA GLU K 118 3.40 8.82 32.39
C GLU K 118 2.68 9.75 33.34
N LEU K 119 2.39 9.26 34.55
CA LEU K 119 1.66 10.06 35.51
C LEU K 119 2.12 9.72 36.93
N HIS K 120 2.10 10.74 37.79
CA HIS K 120 2.44 10.59 39.21
C HIS K 120 1.54 11.51 40.02
N MET K 121 1.11 11.03 41.19
CA MET K 121 0.25 11.85 42.04
C MET K 121 1.00 13.07 42.57
N SER K 122 2.24 12.89 42.97
CA SER K 122 3.02 13.97 43.58
C SER K 122 3.89 14.67 42.55
N ASN K 123 4.26 15.92 42.90
CA ASN K 123 5.23 16.69 42.13
C ASN K 123 6.60 16.03 42.27
N VAL K 124 6.89 15.04 41.42
CA VAL K 124 8.13 14.26 41.57
C VAL K 124 9.35 15.15 41.38
N HIS K 125 9.22 16.23 40.61
CA HIS K 125 10.36 17.10 40.33
C HIS K 125 10.73 17.98 41.51
N ALA K 126 9.93 17.99 42.58
CA ALA K 126 10.25 18.77 43.77
C ALA K 126 10.54 17.88 44.97
N ARG K 127 10.67 16.56 44.77
CA ARG K 127 10.98 15.64 45.86
C ARG K 127 12.47 15.30 45.87
N GLU K 128 12.81 14.09 46.33
CA GLU K 128 14.20 13.68 46.38
C GLU K 128 14.80 13.70 44.97
N PRO K 129 16.09 14.02 44.84
CA PRO K 129 16.70 14.15 43.50
C PRO K 129 16.48 12.95 42.61
N PHE K 130 16.56 11.73 43.15
CA PHE K 130 16.41 10.55 42.30
C PHE K 130 15.03 10.46 41.65
N ARG K 131 14.02 11.09 42.25
CA ARG K 131 12.68 11.09 41.64
C ARG K 131 12.52 12.16 40.57
N HIS K 132 13.49 13.07 40.42
CA HIS K 132 13.38 14.12 39.41
C HIS K 132 13.46 13.58 37.99
N HIS K 133 14.02 12.39 37.80
CA HIS K 133 14.29 11.87 36.46
C HIS K 133 13.45 10.62 36.19
N SER K 134 12.87 10.56 35.00
CA SER K 134 12.17 9.38 34.53
C SER K 134 12.98 8.71 33.43
N VAL K 135 13.12 7.38 33.53
CA VAL K 135 13.73 6.61 32.46
C VAL K 135 12.74 6.28 31.36
N PHE K 136 11.52 6.81 31.43
CA PHE K 136 10.49 6.59 30.42
C PHE K 136 10.31 7.79 29.50
N SER K 137 11.07 8.87 29.70
CA SER K 137 10.80 10.11 28.98
C SER K 137 10.88 9.95 27.47
N GLU K 138 11.79 9.11 26.98
CA GLU K 138 11.96 8.92 25.55
C GLU K 138 10.92 8.00 24.92
N VAL K 139 10.05 7.37 25.71
CA VAL K 139 9.13 6.37 25.18
C VAL K 139 7.70 6.65 25.60
N VAL K 140 7.42 7.87 26.06
CA VAL K 140 6.05 8.26 26.39
C VAL K 140 5.74 9.57 25.69
N VAL K 141 4.44 9.80 25.48
CA VAL K 141 3.99 11.03 24.82
C VAL K 141 4.27 12.24 25.71
N GLY K 142 4.00 12.10 27.00
CA GLY K 142 4.19 13.21 27.91
C GLY K 142 4.01 12.75 29.34
N GLN K 143 4.11 13.70 30.26
CA GLN K 143 4.07 13.40 31.68
C GLN K 143 3.10 14.35 32.37
N ILE K 144 2.43 13.83 33.40
CA ILE K 144 1.56 14.60 34.28
C ILE K 144 1.91 14.24 35.71
N CYS K 145 2.17 15.24 36.54
CA CYS K 145 2.50 14.97 37.94
C CYS K 145 2.09 16.15 38.79
N GLY K 146 1.78 15.86 40.06
CA GLY K 146 1.57 16.88 41.07
C GLY K 146 0.13 17.12 41.47
N PHE K 147 -0.83 16.40 40.89
CA PHE K 147 -2.24 16.71 41.08
C PHE K 147 -3.01 15.59 41.79
N GLY K 148 -2.31 14.71 42.51
CA GLY K 148 -2.98 13.69 43.29
C GLY K 148 -3.86 12.79 42.45
N MET K 149 -5.06 12.53 42.96
CA MET K 149 -6.03 11.71 42.22
C MET K 149 -6.30 12.29 40.84
N GLU K 150 -6.31 13.61 40.72
CA GLU K 150 -6.57 14.25 39.43
C GLU K 150 -5.55 13.86 38.36
N SER K 151 -4.35 13.42 38.76
CA SER K 151 -3.34 13.01 37.78
C SER K 151 -3.83 11.82 36.97
N TYR K 152 -4.46 10.83 37.62
CA TYR K 152 -5.01 9.69 36.90
C TYR K 152 -6.10 10.12 35.93
N LEU K 153 -6.95 11.06 36.36
CA LEU K 153 -8.06 11.48 35.51
C LEU K 153 -7.57 12.33 34.35
N LEU K 154 -6.57 13.19 34.58
CA LEU K 154 -6.02 13.99 33.49
C LEU K 154 -5.30 13.12 32.48
N ALA K 155 -4.64 12.05 32.94
CA ALA K 155 -3.91 11.17 32.03
C ALA K 155 -4.87 10.42 31.10
N LEU K 156 -6.03 10.02 31.62
CA LEU K 156 -7.03 9.38 30.76
C LEU K 156 -7.55 10.34 29.70
N ARG K 157 -7.87 11.58 30.11
CA ARG K 157 -8.23 12.60 29.14
C ARG K 157 -7.13 12.80 28.11
N ALA K 158 -5.86 12.85 28.56
CA ALA K 158 -4.75 13.02 27.63
C ALA K 158 -4.65 11.86 26.65
N ALA K 159 -4.83 10.63 27.15
CA ALA K 159 -4.74 9.45 26.28
C ALA K 159 -5.85 9.45 25.24
N VAL K 160 -7.06 9.87 25.62
CA VAL K 160 -8.19 9.85 24.69
C VAL K 160 -7.98 10.85 23.56
N ALA K 161 -7.51 12.05 23.88
CA ALA K 161 -7.24 13.04 22.83
C ALA K 161 -6.09 12.60 21.92
N GLN K 162 -5.19 11.75 22.43
CA GLN K 162 -4.11 11.22 21.60
C GLN K 162 -4.63 10.23 20.58
N SER K 163 -5.58 9.39 20.98
CA SER K 163 -6.14 8.37 20.08
C SER K 163 -7.01 9.00 19.01
N MET L 20 30.24 -34.80 27.35
CA MET L 20 30.11 -33.71 26.39
C MET L 20 29.99 -32.39 27.13
N LYS L 21 30.56 -31.33 26.56
CA LYS L 21 30.50 -30.00 27.20
C LYS L 21 29.12 -29.37 27.03
N LYS L 22 28.63 -28.75 28.10
CA LYS L 22 27.32 -28.12 28.13
C LYS L 22 27.46 -26.61 28.26
N VAL L 23 26.83 -25.87 27.35
CA VAL L 23 26.84 -24.41 27.36
C VAL L 23 25.41 -23.92 27.59
N LEU L 24 25.26 -22.92 28.46
CA LEU L 24 23.96 -22.36 28.80
C LEU L 24 23.81 -20.96 28.23
N MET L 25 22.73 -20.74 27.48
CA MET L 25 22.40 -19.45 26.89
C MET L 25 21.30 -18.77 27.69
N LEU L 26 21.57 -17.56 28.19
CA LEU L 26 20.63 -16.82 29.01
C LEU L 26 20.10 -15.63 28.22
N HIS L 27 18.83 -15.70 27.82
CA HIS L 27 18.14 -14.60 27.16
C HIS L 27 17.46 -13.76 28.22
N GLY L 28 17.62 -12.44 28.10
CA GLY L 28 17.21 -11.53 29.14
C GLY L 28 15.81 -10.97 29.00
N ILE L 29 15.56 -9.90 29.75
CA ILE L 29 14.23 -9.32 29.86
C ILE L 29 13.80 -8.75 28.51
N ASN L 30 12.53 -8.93 28.17
CA ASN L 30 11.87 -8.48 26.94
C ASN L 30 12.27 -9.27 25.70
N HIS L 31 13.19 -10.22 25.80
CA HIS L 31 13.69 -10.91 24.62
C HIS L 31 12.72 -11.93 24.04
N ASN L 32 11.69 -12.33 24.78
CA ASN L 32 10.65 -13.17 24.19
C ASN L 32 9.93 -12.47 23.04
N MET L 33 10.05 -11.15 22.94
CA MET L 33 9.40 -10.36 21.90
C MET L 33 10.27 -10.14 20.68
N PHE L 34 11.45 -10.76 20.62
CA PHE L 34 12.30 -10.67 19.45
C PHE L 34 11.56 -11.12 18.19
N GLY L 35 11.59 -10.29 17.15
CA GLY L 35 11.00 -10.66 15.88
C GLY L 35 9.50 -10.55 15.79
N LYS L 36 8.83 -10.02 16.82
CA LYS L 36 7.38 -9.91 16.83
C LYS L 36 6.90 -8.47 16.67
N ARG L 37 7.80 -7.56 16.35
CA ARG L 37 7.46 -6.16 16.14
C ARG L 37 7.34 -5.90 14.64
N ASP L 38 7.33 -4.63 14.25
CA ASP L 38 7.19 -4.27 12.85
C ASP L 38 8.34 -4.86 12.04
N PRO L 39 8.06 -5.68 11.03
CA PRO L 39 9.16 -6.34 10.28
C PRO L 39 10.09 -5.38 9.55
N VAL L 40 9.58 -4.25 9.05
CA VAL L 40 10.42 -3.34 8.28
C VAL L 40 11.48 -2.68 9.16
N GLN L 41 11.12 -2.33 10.39
CA GLN L 41 12.03 -1.59 11.26
C GLN L 41 12.86 -2.48 12.17
N TYR L 42 12.33 -3.61 12.62
CA TYR L 42 12.99 -4.43 13.62
C TYR L 42 13.38 -5.82 13.11
N GLY L 43 13.05 -6.15 11.87
CA GLY L 43 13.36 -7.46 11.33
C GLY L 43 12.43 -8.53 11.86
N THR L 44 12.76 -9.78 11.53
CA THR L 44 11.95 -10.93 11.90
C THR L 44 12.72 -11.98 12.70
N ILE L 45 13.93 -11.66 13.19
CA ILE L 45 14.70 -12.67 13.90
C ILE L 45 14.07 -12.94 15.26
N THR L 46 13.72 -14.19 15.52
CA THR L 46 13.06 -14.59 16.75
C THR L 46 14.02 -15.39 17.62
N LEU L 47 13.63 -15.55 18.88
CA LEU L 47 14.42 -16.33 19.81
C LEU L 47 14.56 -17.78 19.36
N SER L 48 13.51 -18.33 18.74
CA SER L 48 13.57 -19.70 18.26
C SER L 48 14.61 -19.85 17.14
N GLU L 49 14.65 -18.88 16.22
CA GLU L 49 15.63 -18.93 15.14
C GLU L 49 17.05 -18.84 15.70
N ILE L 50 17.24 -18.04 16.74
CA ILE L 50 18.54 -17.94 17.38
C ILE L 50 18.93 -19.28 18.00
N ASP L 51 18.02 -19.90 18.74
CA ASP L 51 18.33 -21.17 19.40
C ASP L 51 18.61 -22.28 18.39
N ASN L 52 17.90 -22.29 17.26
CA ASN L 52 18.18 -23.31 16.24
C ASN L 52 19.59 -23.16 15.69
N ARG L 53 20.00 -21.92 15.39
CA ARG L 53 21.35 -21.70 14.89
C ARG L 53 22.38 -22.09 15.94
N LEU L 54 22.09 -21.82 17.22
CA LEU L 54 22.99 -22.23 18.29
C LEU L 54 23.11 -23.75 18.36
N GLN L 55 22.00 -24.47 18.23
CA GLN L 55 22.06 -25.93 18.27
C GLN L 55 22.87 -26.48 17.11
N ALA L 56 22.68 -25.91 15.91
CA ALA L 56 23.42 -26.38 14.74
C ALA L 56 24.92 -26.17 14.93
N LEU L 57 25.30 -24.99 15.41
CA LEU L 57 26.72 -24.73 15.66
C LEU L 57 27.23 -25.60 16.81
N ALA L 58 26.39 -25.84 17.82
CA ALA L 58 26.80 -26.70 18.93
C ALA L 58 27.17 -28.08 18.45
N ALA L 59 26.34 -28.67 17.58
CA ALA L 59 26.65 -29.99 17.02
C ALA L 59 27.94 -29.96 16.23
N GLU L 60 28.16 -28.87 15.48
CA GLU L 60 29.37 -28.74 14.69
C GLU L 60 30.62 -28.71 15.56
N LEU L 61 30.52 -28.04 16.71
CA LEU L 61 31.63 -27.91 17.65
C LEU L 61 31.74 -29.10 18.59
N GLY L 62 30.75 -29.99 18.62
CA GLY L 62 30.79 -31.13 19.51
C GLY L 62 30.43 -30.81 20.94
N VAL L 63 29.52 -29.85 21.17
CA VAL L 63 29.08 -29.48 22.50
C VAL L 63 27.55 -29.38 22.48
N GLN L 64 26.96 -29.31 23.67
CA GLN L 64 25.53 -29.14 23.83
C GLN L 64 25.21 -27.72 24.30
N VAL L 65 24.11 -27.18 23.78
CA VAL L 65 23.64 -25.84 24.14
C VAL L 65 22.21 -25.93 24.65
N GLU L 66 21.97 -25.34 25.83
CA GLU L 66 20.64 -25.21 26.41
C GLU L 66 20.31 -23.73 26.50
N SER L 67 19.07 -23.38 26.14
CA SER L 67 18.63 -21.99 26.13
C SER L 67 17.61 -21.75 27.24
N PHE L 68 17.64 -20.53 27.77
CA PHE L 68 16.74 -20.12 28.84
C PHE L 68 16.42 -18.63 28.67
N GLN L 69 15.13 -18.29 28.74
CA GLN L 69 14.71 -16.90 28.69
C GLN L 69 13.78 -16.63 29.87
N THR L 70 13.89 -15.43 30.44
CA THR L 70 12.98 -15.01 31.50
C THR L 70 12.91 -13.49 31.52
N ASN L 71 11.78 -12.99 32.01
CA ASN L 71 11.61 -11.57 32.28
C ASN L 71 11.68 -11.25 33.76
N SER L 72 11.92 -12.26 34.60
CA SER L 72 11.98 -12.08 36.04
C SER L 72 13.43 -12.09 36.48
N GLU L 73 13.85 -11.01 37.15
CA GLU L 73 15.23 -10.91 37.63
C GLU L 73 15.58 -12.05 38.58
N GLY L 74 14.64 -12.41 39.45
CA GLY L 74 14.91 -13.49 40.39
C GLY L 74 15.04 -14.84 39.70
N ALA L 75 14.19 -15.11 38.72
CA ALA L 75 14.29 -16.35 37.96
C ALA L 75 15.62 -16.42 37.22
N MET L 76 16.08 -15.29 36.68
CA MET L 76 17.37 -15.27 36.00
C MET L 76 18.51 -15.60 36.96
N CYS L 77 18.51 -14.97 38.14
CA CYS L 77 19.52 -15.26 39.14
C CYS L 77 19.46 -16.73 39.59
N GLU L 78 18.25 -17.25 39.80
CA GLU L 78 18.13 -18.63 40.25
C GLU L 78 18.56 -19.62 39.17
N ARG L 79 18.31 -19.29 37.90
CA ARG L 79 18.84 -20.13 36.82
C ARG L 79 20.36 -20.11 36.84
N ILE L 80 20.95 -18.97 37.17
CA ILE L 80 22.41 -18.87 37.31
C ILE L 80 22.89 -19.71 38.50
N HIS L 81 22.17 -19.63 39.62
CA HIS L 81 22.49 -20.48 40.76
C HIS L 81 22.46 -21.95 40.36
N GLN L 82 21.44 -22.34 39.61
CA GLN L 82 21.33 -23.71 39.13
C GLN L 82 22.48 -24.07 38.20
N ALA L 83 22.90 -23.13 37.35
CA ALA L 83 24.04 -23.37 36.48
C ALA L 83 25.33 -23.57 37.27
N PHE L 84 25.47 -22.88 38.41
CA PHE L 84 26.64 -23.09 39.26
C PHE L 84 26.64 -24.49 39.86
N GLU L 85 25.51 -24.90 40.43
CA GLU L 85 25.43 -26.20 41.08
C GLU L 85 25.55 -27.36 40.10
N GLU L 86 25.07 -27.20 38.87
CA GLU L 86 25.11 -28.25 37.87
C GLU L 86 26.42 -28.31 37.13
N ARG L 87 27.41 -27.50 37.53
CA ARG L 87 28.75 -27.51 36.95
C ARG L 87 28.70 -27.28 35.44
N CYS L 88 27.87 -26.32 35.03
CA CYS L 88 27.82 -25.89 33.64
C CYS L 88 29.21 -25.48 33.14
N ASP L 89 29.49 -25.79 31.88
CA ASP L 89 30.83 -25.57 31.35
C ASP L 89 31.07 -24.13 30.91
N ALA L 90 30.03 -23.44 30.44
CA ALA L 90 30.17 -22.04 30.04
C ALA L 90 28.78 -21.42 29.94
N VAL L 91 28.72 -20.11 30.15
CA VAL L 91 27.46 -19.37 30.14
C VAL L 91 27.54 -18.21 29.16
N LEU L 92 26.56 -18.12 28.27
CA LEU L 92 26.36 -16.96 27.40
C LEU L 92 25.15 -16.18 27.93
N ILE L 93 25.30 -14.87 28.04
CA ILE L 93 24.21 -14.03 28.55
C ILE L 93 24.06 -12.78 27.69
N ASN L 94 22.83 -12.53 27.26
CA ASN L 94 22.39 -11.26 26.70
C ASN L 94 21.22 -10.84 27.56
N ALA L 95 21.50 -10.10 28.63
CA ALA L 95 20.49 -9.77 29.63
C ALA L 95 19.57 -8.64 29.21
N GLY L 96 19.73 -8.09 28.01
CA GLY L 96 18.88 -6.98 27.63
C GLY L 96 19.17 -5.76 28.48
N ALA L 97 18.10 -5.03 28.84
CA ALA L 97 18.27 -3.83 29.63
C ALA L 97 18.89 -4.11 31.00
N TRP L 98 18.77 -5.35 31.50
CA TRP L 98 19.38 -5.72 32.77
C TRP L 98 20.88 -5.48 32.78
N THR L 99 21.52 -5.58 31.62
CA THR L 99 22.95 -5.38 31.52
C THR L 99 23.39 -4.06 32.14
N HIS L 100 22.51 -3.06 32.15
CA HIS L 100 22.88 -1.70 32.50
C HIS L 100 22.44 -1.26 33.89
N TYR L 101 21.84 -2.14 34.69
CA TYR L 101 21.48 -1.72 36.05
C TYR L 101 21.34 -2.86 37.06
N SER L 102 21.21 -4.10 36.60
CA SER L 102 20.89 -5.21 37.50
C SER L 102 22.13 -5.69 38.24
N TYR L 103 22.41 -5.08 39.39
CA TYR L 103 23.50 -5.56 40.23
C TYR L 103 23.17 -6.91 40.85
N GLY L 104 21.89 -7.26 40.96
CA GLY L 104 21.53 -8.59 41.44
C GLY L 104 22.00 -9.69 40.51
N ILE L 105 21.77 -9.51 39.20
CA ILE L 105 22.24 -10.50 38.24
C ILE L 105 23.76 -10.52 38.17
N ARG L 106 24.40 -9.35 38.35
CA ARG L 106 25.85 -9.29 38.38
C ARG L 106 26.42 -10.17 39.48
N ASP L 107 25.88 -10.06 40.70
CA ASP L 107 26.37 -10.87 41.80
C ASP L 107 25.99 -12.35 41.68
N ALA L 108 24.97 -12.68 40.89
CA ALA L 108 24.73 -14.09 40.57
C ALA L 108 25.81 -14.63 39.66
N LEU L 109 26.15 -13.88 38.60
CA LEU L 109 27.21 -14.28 37.69
C LEU L 109 28.55 -14.41 38.40
N ALA L 110 28.77 -13.61 39.44
CA ALA L 110 30.02 -13.67 40.19
C ALA L 110 30.21 -15.01 40.86
N ILE L 111 29.13 -15.73 41.14
CA ILE L 111 29.24 -17.05 41.76
C ILE L 111 29.83 -18.07 40.79
N LEU L 112 29.54 -17.94 39.49
CA LEU L 112 30.01 -18.90 38.52
C LEU L 112 31.52 -18.91 38.45
N THR L 113 32.08 -20.11 38.23
CA THR L 113 33.51 -20.28 38.01
C THR L 113 33.82 -20.69 36.57
N CYS L 114 32.81 -21.00 35.78
CA CYS L 114 32.98 -21.26 34.36
C CYS L 114 33.05 -19.94 33.59
N PRO L 115 33.53 -19.98 32.34
CA PRO L 115 33.56 -18.75 31.54
C PRO L 115 32.16 -18.20 31.28
N VAL L 116 32.04 -16.88 31.35
CA VAL L 116 30.80 -16.18 31.04
C VAL L 116 31.08 -15.20 29.91
N VAL L 117 30.25 -15.24 28.87
CA VAL L 117 30.40 -14.38 27.70
C VAL L 117 29.17 -13.49 27.61
N GLU L 118 29.37 -12.18 27.66
CA GLU L 118 28.30 -11.22 27.46
C GLU L 118 28.20 -10.88 25.98
N LEU L 119 26.96 -10.81 25.49
CA LEU L 119 26.77 -10.56 24.07
C LEU L 119 25.56 -9.66 23.85
N HIS L 120 25.60 -8.92 22.74
CA HIS L 120 24.49 -8.08 22.31
C HIS L 120 24.43 -8.11 20.79
N MET L 121 23.20 -8.07 20.26
CA MET L 121 23.03 -7.99 18.81
C MET L 121 23.47 -6.63 18.28
N SER L 122 23.16 -5.57 19.01
CA SER L 122 23.44 -4.21 18.57
C SER L 122 24.75 -3.71 19.18
N ASN L 123 25.24 -2.61 18.61
CA ASN L 123 26.43 -1.92 19.12
C ASN L 123 25.98 -1.02 20.27
N VAL L 124 25.92 -1.60 21.48
CA VAL L 124 25.37 -0.89 22.63
C VAL L 124 26.20 0.36 22.93
N HIS L 125 27.49 0.35 22.59
CA HIS L 125 28.35 1.50 22.84
C HIS L 125 28.05 2.67 21.91
N ALA L 126 27.22 2.48 20.89
CA ALA L 126 26.84 3.57 20.00
C ALA L 126 25.36 3.93 20.11
N ARG L 127 24.68 3.48 21.16
CA ARG L 127 23.27 3.78 21.39
C ARG L 127 23.14 4.79 22.53
N GLU L 128 22.01 4.76 23.23
CA GLU L 128 21.80 5.69 24.34
C GLU L 128 22.91 5.51 25.38
N PRO L 129 23.37 6.59 26.01
CA PRO L 129 24.49 6.48 26.96
C PRO L 129 24.31 5.42 28.04
N PHE L 130 23.10 5.21 28.55
CA PHE L 130 22.91 4.23 29.60
C PHE L 130 23.20 2.81 29.12
N ARG L 131 23.13 2.57 27.82
CA ARG L 131 23.50 1.26 27.29
C ARG L 131 25.00 1.10 27.07
N HIS L 132 25.77 2.17 27.29
CA HIS L 132 27.21 2.06 27.08
C HIS L 132 27.91 1.28 28.17
N HIS L 133 27.32 1.19 29.36
CA HIS L 133 27.98 0.55 30.49
C HIS L 133 27.30 -0.77 30.81
N SER L 134 28.12 -1.80 31.02
CA SER L 134 27.65 -3.09 31.49
C SER L 134 28.10 -3.29 32.92
N VAL L 135 27.16 -3.62 33.81
CA VAL L 135 27.53 -3.92 35.19
C VAL L 135 28.10 -5.31 35.33
N PHE L 136 28.20 -6.07 34.23
CA PHE L 136 28.76 -7.41 34.23
C PHE L 136 30.24 -7.43 33.87
N SER L 137 30.82 -6.27 33.54
CA SER L 137 32.14 -6.22 32.93
C SER L 137 33.20 -6.93 33.78
N GLU L 138 33.08 -6.85 35.11
CA GLU L 138 34.07 -7.47 35.99
C GLU L 138 33.82 -8.95 36.25
N VAL L 139 32.69 -9.50 35.82
CA VAL L 139 32.37 -10.89 36.12
C VAL L 139 32.19 -11.73 34.85
N VAL L 140 32.63 -11.22 33.70
CA VAL L 140 32.59 -11.97 32.45
C VAL L 140 33.99 -12.03 31.86
N VAL L 141 34.22 -13.03 31.02
CA VAL L 141 35.50 -13.14 30.32
C VAL L 141 35.65 -12.01 29.31
N GLY L 142 34.56 -11.69 28.61
CA GLY L 142 34.62 -10.66 27.60
C GLY L 142 33.26 -10.36 27.03
N GLN L 143 33.24 -9.53 26.01
CA GLN L 143 32.02 -9.00 25.45
C GLN L 143 32.06 -9.06 23.94
N ILE L 144 30.90 -9.32 23.34
CA ILE L 144 30.71 -9.32 21.89
C ILE L 144 29.43 -8.56 21.58
N CYS L 145 29.53 -7.55 20.72
CA CYS L 145 28.35 -6.74 20.43
C CYS L 145 28.41 -6.23 18.99
N GLY L 146 27.23 -6.05 18.39
CA GLY L 146 27.09 -5.35 17.14
C GLY L 146 26.81 -6.21 15.92
N PHE L 147 26.87 -7.54 16.04
CA PHE L 147 26.85 -8.40 14.86
C PHE L 147 25.52 -9.12 14.68
N GLY L 148 24.47 -8.64 15.35
CA GLY L 148 23.15 -9.23 15.14
C GLY L 148 23.12 -10.69 15.56
N MET L 149 22.55 -11.52 14.67
CA MET L 149 22.48 -12.95 14.93
C MET L 149 23.85 -13.56 15.17
N GLU L 150 24.87 -13.06 14.45
CA GLU L 150 26.22 -13.60 14.57
C GLU L 150 26.80 -13.43 15.97
N SER L 151 26.31 -12.46 16.75
CA SER L 151 26.80 -12.28 18.11
C SER L 151 26.63 -13.55 18.94
N TYR L 152 25.48 -14.22 18.81
CA TYR L 152 25.26 -15.45 19.56
C TYR L 152 26.23 -16.54 19.13
N LEU L 153 26.43 -16.69 17.82
CA LEU L 153 27.31 -17.74 17.30
C LEU L 153 28.76 -17.46 17.66
N LEU L 154 29.18 -16.20 17.58
CA LEU L 154 30.54 -15.84 17.99
C LEU L 154 30.74 -16.11 19.48
N ALA L 155 29.73 -15.81 20.29
CA ALA L 155 29.83 -16.05 21.73
C ALA L 155 29.96 -17.54 22.03
N LEU L 156 29.18 -18.37 21.33
CA LEU L 156 29.29 -19.81 21.53
C LEU L 156 30.69 -20.31 21.18
N ARG L 157 31.25 -19.84 20.07
CA ARG L 157 32.64 -20.19 19.74
C ARG L 157 33.59 -19.73 20.82
N ALA L 158 33.41 -18.50 21.32
CA ALA L 158 34.29 -17.98 22.37
C ALA L 158 34.19 -18.84 23.63
N ALA L 159 32.98 -19.22 24.03
CA ALA L 159 32.82 -20.03 25.24
C ALA L 159 33.44 -21.41 25.07
N VAL L 160 33.25 -22.04 23.92
CA VAL L 160 33.83 -23.35 23.69
C VAL L 160 35.35 -23.24 23.66
N ALA L 161 35.87 -22.17 23.06
CA ALA L 161 37.31 -21.98 22.99
C ALA L 161 37.93 -21.68 24.35
N GLN L 162 37.15 -21.08 25.27
CA GLN L 162 37.68 -20.79 26.60
C GLN L 162 37.95 -22.07 27.39
N SER L 163 37.13 -23.08 27.23
CA SER L 163 37.29 -24.33 27.97
C SER L 163 38.50 -25.11 27.48
#